data_1SJX
# 
_entry.id   1SJX 
# 
_audit_conform.dict_name       mmcif_pdbx.dic 
_audit_conform.dict_version    5.398 
_audit_conform.dict_location   http://mmcif.pdb.org/dictionaries/ascii/mmcif_pdbx.dic 
# 
loop_
_database_2.database_id 
_database_2.database_code 
_database_2.pdbx_database_accession 
_database_2.pdbx_DOI 
PDB   1SJX         pdb_00001sjx 10.2210/pdb1sjx/pdb 
RCSB  RCSB021773   ?            ?                   
WWPDB D_1000021773 ?            ?                   
# 
loop_
_pdbx_audit_revision_history.ordinal 
_pdbx_audit_revision_history.data_content_type 
_pdbx_audit_revision_history.major_revision 
_pdbx_audit_revision_history.minor_revision 
_pdbx_audit_revision_history.revision_date 
1 'Structure model' 1 0 2005-03-15 
2 'Structure model' 1 1 2008-04-29 
3 'Structure model' 1 2 2011-07-13 
4 'Structure model' 1 3 2023-08-23 
5 'Structure model' 1 4 2024-11-13 
# 
_pdbx_audit_revision_details.ordinal             1 
_pdbx_audit_revision_details.revision_ordinal    1 
_pdbx_audit_revision_details.data_content_type   'Structure model' 
_pdbx_audit_revision_details.provider            repository 
_pdbx_audit_revision_details.type                'Initial release' 
_pdbx_audit_revision_details.description         ? 
_pdbx_audit_revision_details.details             ? 
# 
loop_
_pdbx_audit_revision_group.ordinal 
_pdbx_audit_revision_group.revision_ordinal 
_pdbx_audit_revision_group.data_content_type 
_pdbx_audit_revision_group.group 
1 2 'Structure model' 'Version format compliance' 
2 3 'Structure model' Advisory                    
3 3 'Structure model' 'Version format compliance' 
4 4 'Structure model' 'Data collection'           
5 4 'Structure model' 'Database references'       
6 4 'Structure model' 'Derived calculations'      
7 4 'Structure model' 'Refinement description'    
8 5 'Structure model' 'Structure summary'         
# 
loop_
_pdbx_audit_revision_category.ordinal 
_pdbx_audit_revision_category.revision_ordinal 
_pdbx_audit_revision_category.data_content_type 
_pdbx_audit_revision_category.category 
1 4 'Structure model' chem_comp_atom                
2 4 'Structure model' chem_comp_bond                
3 4 'Structure model' database_2                    
4 4 'Structure model' pdbx_initial_refinement_model 
5 4 'Structure model' struct_site                   
6 5 'Structure model' pdbx_entry_details            
7 5 'Structure model' pdbx_modification_feature     
# 
loop_
_pdbx_audit_revision_item.ordinal 
_pdbx_audit_revision_item.revision_ordinal 
_pdbx_audit_revision_item.data_content_type 
_pdbx_audit_revision_item.item 
1 4 'Structure model' '_database_2.pdbx_DOI'                
2 4 'Structure model' '_database_2.pdbx_database_accession' 
3 4 'Structure model' '_struct_site.pdbx_auth_asym_id'      
4 4 'Structure model' '_struct_site.pdbx_auth_comp_id'      
5 4 'Structure model' '_struct_site.pdbx_auth_seq_id'       
# 
_pdbx_database_status.status_code                     REL 
_pdbx_database_status.entry_id                        1SJX 
_pdbx_database_status.recvd_initial_deposition_date   2004-03-04 
_pdbx_database_status.deposit_site                    RCSB 
_pdbx_database_status.process_site                    RCSB 
_pdbx_database_status.status_code_sf                  REL 
_pdbx_database_status.status_code_mr                  ? 
_pdbx_database_status.SG_entry                        ? 
_pdbx_database_status.pdb_format_compatible           Y 
_pdbx_database_status.status_code_cs                  ? 
_pdbx_database_status.status_code_nmr_data            ? 
_pdbx_database_status.methods_development_category    ? 
# 
loop_
_audit_author.name 
_audit_author.pdbx_ordinal 
'Dolk, E.'          1 
'van der Vaart, M.' 2 
'Hulsik, D.L.'      3 
'Vriend, G.'        4 
'de Haard, H.'      5 
'Spinelli, S.'      6 
'Cambillau, C.'     7 
'Frenken, L.'       8 
'Verrips, T.'       9 
# 
_citation.id                        primary 
_citation.title                     'Isolation of llama antibody fragments for prevention of dandruff by phage display in shampoo.' 
_citation.journal_abbrev            Appl.Environ.Microbiol. 
_citation.journal_volume            71 
_citation.page_first                442 
_citation.page_last                 450 
_citation.year                      2005 
_citation.journal_id_ASTM           AEMIDF 
_citation.country                   US 
_citation.journal_id_ISSN           0099-2240 
_citation.journal_id_CSD            2106 
_citation.book_publisher            ? 
_citation.pdbx_database_id_PubMed   15640220 
_citation.pdbx_database_id_DOI      10.1128/AEM.71.1.442-450.2005 
# 
loop_
_citation_author.citation_id 
_citation_author.name 
_citation_author.ordinal 
_citation_author.identifier_ORCID 
primary 'Dolk, E.'          1 ? 
primary 'van der Vaart, M.' 2 ? 
primary 'Hulsik, D.L.'      3 ? 
primary 'Vriend, G.'        4 ? 
primary 'de Haard, H.'      5 ? 
primary 'Spinelli, S.'      6 ? 
primary 'Cambillau, C.'     7 ? 
primary 'Frenken, L.'       8 ? 
primary 'Verrips, T.'       9 ? 
# 
loop_
_entity.id 
_entity.type 
_entity.src_method 
_entity.pdbx_description 
_entity.formula_weight 
_entity.pdbx_number_of_molecules 
_entity.pdbx_ec 
_entity.pdbx_mutation 
_entity.pdbx_fragment 
_entity.details 
1 polymer     man 'immunoglobulin VH domain'      13214.672 1  ? ? ? ? 
2 non-polymer syn '(4S)-2-METHYL-2,4-PENTANEDIOL' 118.174   2  ? ? ? ? 
3 water       nat water                           18.015    86 ? ? ? ? 
# 
_entity_poly.entity_id                      1 
_entity_poly.type                           'polypeptide(L)' 
_entity_poly.nstd_linkage                   no 
_entity_poly.nstd_monomer                   no 
_entity_poly.pdbx_seq_one_letter_code       
;QVQLQESGGGLVQAGGSLRLSCQASGNIFRINDMGWYRQAPGTQRELVAAITSGGSTKYADSVKGRFTISKDNAKNTVYL
QMNSLKPEDTAVYYCAAEDRHRIGTVGYWGQGTQVTVSSVHH
;
_entity_poly.pdbx_seq_one_letter_code_can   
;QVQLQESGGGLVQAGGSLRLSCQASGNIFRINDMGWYRQAPGTQRELVAAITSGGSTKYADSVKGRFTISKDNAKNTVYL
QMNSLKPEDTAVYYCAAEDRHRIGTVGYWGQGTQVTVSSVHH
;
_entity_poly.pdbx_strand_id                 A 
_entity_poly.pdbx_target_identifier         ? 
# 
loop_
_pdbx_entity_nonpoly.entity_id 
_pdbx_entity_nonpoly.name 
_pdbx_entity_nonpoly.comp_id 
2 '(4S)-2-METHYL-2,4-PENTANEDIOL' MPD 
3 water                           HOH 
# 
loop_
_entity_poly_seq.entity_id 
_entity_poly_seq.num 
_entity_poly_seq.mon_id 
_entity_poly_seq.hetero 
1 1   GLN n 
1 2   VAL n 
1 3   GLN n 
1 4   LEU n 
1 5   GLN n 
1 6   GLU n 
1 7   SER n 
1 8   GLY n 
1 9   GLY n 
1 10  GLY n 
1 11  LEU n 
1 12  VAL n 
1 13  GLN n 
1 14  ALA n 
1 15  GLY n 
1 16  GLY n 
1 17  SER n 
1 18  LEU n 
1 19  ARG n 
1 20  LEU n 
1 21  SER n 
1 22  CYS n 
1 23  GLN n 
1 24  ALA n 
1 25  SER n 
1 26  GLY n 
1 27  ASN n 
1 28  ILE n 
1 29  PHE n 
1 30  ARG n 
1 31  ILE n 
1 32  ASN n 
1 33  ASP n 
1 34  MET n 
1 35  GLY n 
1 36  TRP n 
1 37  TYR n 
1 38  ARG n 
1 39  GLN n 
1 40  ALA n 
1 41  PRO n 
1 42  GLY n 
1 43  THR n 
1 44  GLN n 
1 45  ARG n 
1 46  GLU n 
1 47  LEU n 
1 48  VAL n 
1 49  ALA n 
1 50  ALA n 
1 51  ILE n 
1 52  THR n 
1 53  SER n 
1 54  GLY n 
1 55  GLY n 
1 56  SER n 
1 57  THR n 
1 58  LYS n 
1 59  TYR n 
1 60  ALA n 
1 61  ASP n 
1 62  SER n 
1 63  VAL n 
1 64  LYS n 
1 65  GLY n 
1 66  ARG n 
1 67  PHE n 
1 68  THR n 
1 69  ILE n 
1 70  SER n 
1 71  LYS n 
1 72  ASP n 
1 73  ASN n 
1 74  ALA n 
1 75  LYS n 
1 76  ASN n 
1 77  THR n 
1 78  VAL n 
1 79  TYR n 
1 80  LEU n 
1 81  GLN n 
1 82  MET n 
1 83  ASN n 
1 84  SER n 
1 85  LEU n 
1 86  LYS n 
1 87  PRO n 
1 88  GLU n 
1 89  ASP n 
1 90  THR n 
1 91  ALA n 
1 92  VAL n 
1 93  TYR n 
1 94  TYR n 
1 95  CYS n 
1 96  ALA n 
1 97  ALA n 
1 98  GLU n 
1 99  ASP n 
1 100 ARG n 
1 101 HIS n 
1 102 ARG n 
1 103 ILE n 
1 104 GLY n 
1 105 THR n 
1 106 VAL n 
1 107 GLY n 
1 108 TYR n 
1 109 TRP n 
1 110 GLY n 
1 111 GLN n 
1 112 GLY n 
1 113 THR n 
1 114 GLN n 
1 115 VAL n 
1 116 THR n 
1 117 VAL n 
1 118 SER n 
1 119 SER n 
1 120 VAL n 
1 121 HIS n 
1 122 HIS n 
# 
_entity_src_gen.entity_id                          1 
_entity_src_gen.pdbx_src_id                        1 
_entity_src_gen.pdbx_alt_source_flag               sample 
_entity_src_gen.pdbx_seq_type                      ? 
_entity_src_gen.pdbx_beg_seq_num                   ? 
_entity_src_gen.pdbx_end_seq_num                   ? 
_entity_src_gen.gene_src_common_name               llama 
_entity_src_gen.gene_src_genus                     Lama 
_entity_src_gen.pdbx_gene_src_gene                 ? 
_entity_src_gen.gene_src_species                   ? 
_entity_src_gen.gene_src_strain                    ? 
_entity_src_gen.gene_src_tissue                    ? 
_entity_src_gen.gene_src_tissue_fraction           ? 
_entity_src_gen.gene_src_details                   ? 
_entity_src_gen.pdbx_gene_src_fragment             ? 
_entity_src_gen.pdbx_gene_src_scientific_name      'Lama glama' 
_entity_src_gen.pdbx_gene_src_ncbi_taxonomy_id     9844 
_entity_src_gen.pdbx_gene_src_variant              ? 
_entity_src_gen.pdbx_gene_src_cell_line            ? 
_entity_src_gen.pdbx_gene_src_atcc                 ? 
_entity_src_gen.pdbx_gene_src_organ                ? 
_entity_src_gen.pdbx_gene_src_organelle            ? 
_entity_src_gen.pdbx_gene_src_cell                 lymphocytes 
_entity_src_gen.pdbx_gene_src_cellular_location    ? 
_entity_src_gen.host_org_common_name               
;baker's yeast
;
_entity_src_gen.pdbx_host_org_scientific_name      'Saccharomyces cerevisiae' 
_entity_src_gen.pdbx_host_org_ncbi_taxonomy_id     4932 
_entity_src_gen.host_org_genus                     Saccharomyces 
_entity_src_gen.pdbx_host_org_gene                 ? 
_entity_src_gen.pdbx_host_org_organ                ? 
_entity_src_gen.host_org_species                   ? 
_entity_src_gen.pdbx_host_org_tissue               ? 
_entity_src_gen.pdbx_host_org_tissue_fraction      ? 
_entity_src_gen.pdbx_host_org_strain               ? 
_entity_src_gen.pdbx_host_org_variant              ? 
_entity_src_gen.pdbx_host_org_cell_line            ? 
_entity_src_gen.pdbx_host_org_atcc                 ? 
_entity_src_gen.pdbx_host_org_culture_collection   ? 
_entity_src_gen.pdbx_host_org_cell                 ? 
_entity_src_gen.pdbx_host_org_organelle            ? 
_entity_src_gen.pdbx_host_org_cellular_location    ? 
_entity_src_gen.pdbx_host_org_vector_type          ? 
_entity_src_gen.pdbx_host_org_vector               ? 
_entity_src_gen.host_org_details                   ? 
_entity_src_gen.expression_system_id               ? 
_entity_src_gen.plasmid_name                       ? 
_entity_src_gen.plasmid_details                    ? 
_entity_src_gen.pdbx_description                   'Protein selected by phage display' 
# 
loop_
_chem_comp.id 
_chem_comp.type 
_chem_comp.mon_nstd_flag 
_chem_comp.name 
_chem_comp.pdbx_synonyms 
_chem_comp.formula 
_chem_comp.formula_weight 
ALA 'L-peptide linking' y ALANINE                         ? 'C3 H7 N O2'     89.093  
ARG 'L-peptide linking' y ARGININE                        ? 'C6 H15 N4 O2 1' 175.209 
ASN 'L-peptide linking' y ASPARAGINE                      ? 'C4 H8 N2 O3'    132.118 
ASP 'L-peptide linking' y 'ASPARTIC ACID'                 ? 'C4 H7 N O4'     133.103 
CYS 'L-peptide linking' y CYSTEINE                        ? 'C3 H7 N O2 S'   121.158 
GLN 'L-peptide linking' y GLUTAMINE                       ? 'C5 H10 N2 O3'   146.144 
GLU 'L-peptide linking' y 'GLUTAMIC ACID'                 ? 'C5 H9 N O4'     147.129 
GLY 'peptide linking'   y GLYCINE                         ? 'C2 H5 N O2'     75.067  
HIS 'L-peptide linking' y HISTIDINE                       ? 'C6 H10 N3 O2 1' 156.162 
HOH non-polymer         . WATER                           ? 'H2 O'           18.015  
ILE 'L-peptide linking' y ISOLEUCINE                      ? 'C6 H13 N O2'    131.173 
LEU 'L-peptide linking' y LEUCINE                         ? 'C6 H13 N O2'    131.173 
LYS 'L-peptide linking' y LYSINE                          ? 'C6 H15 N2 O2 1' 147.195 
MET 'L-peptide linking' y METHIONINE                      ? 'C5 H11 N O2 S'  149.211 
MPD non-polymer         . '(4S)-2-METHYL-2,4-PENTANEDIOL' ? 'C6 H14 O2'      118.174 
PHE 'L-peptide linking' y PHENYLALANINE                   ? 'C9 H11 N O2'    165.189 
PRO 'L-peptide linking' y PROLINE                         ? 'C5 H9 N O2'     115.130 
SER 'L-peptide linking' y SERINE                          ? 'C3 H7 N O3'     105.093 
THR 'L-peptide linking' y THREONINE                       ? 'C4 H9 N O3'     119.119 
TRP 'L-peptide linking' y TRYPTOPHAN                      ? 'C11 H12 N2 O2'  204.225 
TYR 'L-peptide linking' y TYROSINE                        ? 'C9 H11 N O3'    181.189 
VAL 'L-peptide linking' y VALINE                          ? 'C5 H11 N O2'    117.146 
# 
loop_
_pdbx_poly_seq_scheme.asym_id 
_pdbx_poly_seq_scheme.entity_id 
_pdbx_poly_seq_scheme.seq_id 
_pdbx_poly_seq_scheme.mon_id 
_pdbx_poly_seq_scheme.ndb_seq_num 
_pdbx_poly_seq_scheme.pdb_seq_num 
_pdbx_poly_seq_scheme.auth_seq_num 
_pdbx_poly_seq_scheme.pdb_mon_id 
_pdbx_poly_seq_scheme.auth_mon_id 
_pdbx_poly_seq_scheme.pdb_strand_id 
_pdbx_poly_seq_scheme.pdb_ins_code 
_pdbx_poly_seq_scheme.hetero 
A 1 1   GLN 1   801 801 GLN GLN A . n 
A 1 2   VAL 2   802 802 VAL VAL A . n 
A 1 3   GLN 3   803 803 GLN GLN A . n 
A 1 4   LEU 4   804 804 LEU LEU A . n 
A 1 5   GLN 5   805 805 GLN GLN A . n 
A 1 6   GLU 6   806 806 GLU GLU A . n 
A 1 7   SER 7   807 807 SER SER A . n 
A 1 8   GLY 8   808 808 GLY GLY A . n 
A 1 9   GLY 9   809 809 GLY GLY A . n 
A 1 10  GLY 10  810 810 GLY GLY A . n 
A 1 11  LEU 11  811 811 LEU LEU A . n 
A 1 12  VAL 12  812 812 VAL VAL A . n 
A 1 13  GLN 13  813 813 GLN GLN A . n 
A 1 14  ALA 14  814 814 ALA ALA A . n 
A 1 15  GLY 15  815 815 GLY GLY A . n 
A 1 16  GLY 16  816 816 GLY GLY A . n 
A 1 17  SER 17  817 817 SER SER A . n 
A 1 18  LEU 18  818 818 LEU LEU A . n 
A 1 19  ARG 19  819 819 ARG ARG A . n 
A 1 20  LEU 20  820 820 LEU LEU A . n 
A 1 21  SER 21  821 821 SER SER A . n 
A 1 22  CYS 22  822 822 CYS CYS A . n 
A 1 23  GLN 23  823 823 GLN GLN A . n 
A 1 24  ALA 24  824 824 ALA ALA A . n 
A 1 25  SER 25  825 825 SER SER A . n 
A 1 26  GLY 26  826 826 GLY GLY A . n 
A 1 27  ASN 27  827 827 ASN ASN A . n 
A 1 28  ILE 28  828 828 ILE ILE A . n 
A 1 29  PHE 29  829 829 PHE PHE A . n 
A 1 30  ARG 30  830 830 ARG ARG A . n 
A 1 31  ILE 31  831 831 ILE ILE A . n 
A 1 32  ASN 32  832 832 ASN ASN A . n 
A 1 33  ASP 33  833 833 ASP ASP A . n 
A 1 34  MET 34  834 834 MET MET A . n 
A 1 35  GLY 35  835 835 GLY GLY A . n 
A 1 36  TRP 36  836 836 TRP TRP A . n 
A 1 37  TYR 37  837 837 TYR TYR A . n 
A 1 38  ARG 38  838 838 ARG ARG A . n 
A 1 39  GLN 39  839 839 GLN GLN A . n 
A 1 40  ALA 40  840 840 ALA ALA A . n 
A 1 41  PRO 41  841 841 PRO PRO A . n 
A 1 42  GLY 42  842 842 GLY GLY A . n 
A 1 43  THR 43  843 843 THR THR A . n 
A 1 44  GLN 44  844 844 GLN GLN A . n 
A 1 45  ARG 45  845 845 ARG ARG A . n 
A 1 46  GLU 46  846 846 GLU GLU A . n 
A 1 47  LEU 47  847 847 LEU LEU A . n 
A 1 48  VAL 48  848 848 VAL VAL A . n 
A 1 49  ALA 49  849 849 ALA ALA A . n 
A 1 50  ALA 50  850 850 ALA ALA A . n 
A 1 51  ILE 51  851 851 ILE ILE A . n 
A 1 52  THR 52  852 852 THR THR A . n 
A 1 53  SER 53  853 853 SER SER A . n 
A 1 54  GLY 54  854 854 GLY GLY A . n 
A 1 55  GLY 55  855 855 GLY GLY A . n 
A 1 56  SER 56  856 856 SER SER A . n 
A 1 57  THR 57  857 857 THR THR A . n 
A 1 58  LYS 58  858 858 LYS LYS A . n 
A 1 59  TYR 59  859 859 TYR TYR A . n 
A 1 60  ALA 60  860 860 ALA ALA A . n 
A 1 61  ASP 61  861 861 ASP ASP A . n 
A 1 62  SER 62  862 862 SER SER A . n 
A 1 63  VAL 63  863 863 VAL VAL A . n 
A 1 64  LYS 64  864 864 LYS LYS A . n 
A 1 65  GLY 65  865 865 GLY GLY A . n 
A 1 66  ARG 66  866 866 ARG ARG A . n 
A 1 67  PHE 67  867 867 PHE PHE A . n 
A 1 68  THR 68  868 868 THR THR A . n 
A 1 69  ILE 69  869 869 ILE ILE A . n 
A 1 70  SER 70  870 870 SER SER A . n 
A 1 71  LYS 71  871 871 LYS LYS A . n 
A 1 72  ASP 72  872 872 ASP ASP A . n 
A 1 73  ASN 73  873 873 ASN ASN A . n 
A 1 74  ALA 74  874 874 ALA ALA A . n 
A 1 75  LYS 75  875 875 LYS LYS A . n 
A 1 76  ASN 76  876 876 ASN ASN A . n 
A 1 77  THR 77  877 877 THR THR A . n 
A 1 78  VAL 78  878 878 VAL VAL A . n 
A 1 79  TYR 79  879 879 TYR TYR A . n 
A 1 80  LEU 80  880 880 LEU LEU A . n 
A 1 81  GLN 81  881 881 GLN GLN A . n 
A 1 82  MET 82  882 882 MET MET A . n 
A 1 83  ASN 83  883 883 ASN ASN A . n 
A 1 84  SER 84  884 884 SER SER A . n 
A 1 85  LEU 85  885 885 LEU LEU A . n 
A 1 86  LYS 86  886 886 LYS LYS A . n 
A 1 87  PRO 87  887 887 PRO PRO A . n 
A 1 88  GLU 88  888 888 GLU GLU A . n 
A 1 89  ASP 89  889 889 ASP ASP A . n 
A 1 90  THR 90  890 890 THR THR A . n 
A 1 91  ALA 91  891 891 ALA ALA A . n 
A 1 92  VAL 92  892 892 VAL VAL A . n 
A 1 93  TYR 93  893 893 TYR TYR A . n 
A 1 94  TYR 94  894 894 TYR TYR A . n 
A 1 95  CYS 95  895 895 CYS CYS A . n 
A 1 96  ALA 96  896 896 ALA ALA A . n 
A 1 97  ALA 97  897 897 ALA ALA A . n 
A 1 98  GLU 98  898 898 GLU GLU A . n 
A 1 99  ASP 99  899 899 ASP ASP A . n 
A 1 100 ARG 100 900 900 ARG ARG A . n 
A 1 101 HIS 101 901 901 HIS HIS A . n 
A 1 102 ARG 102 902 902 ARG ARG A . n 
A 1 103 ILE 103 903 903 ILE ILE A . n 
A 1 104 GLY 104 904 904 GLY GLY A . n 
A 1 105 THR 105 905 905 THR THR A . n 
A 1 106 VAL 106 906 906 VAL VAL A . n 
A 1 107 GLY 107 907 907 GLY GLY A . n 
A 1 108 TYR 108 908 908 TYR TYR A . n 
A 1 109 TRP 109 909 909 TRP TRP A . n 
A 1 110 GLY 110 910 910 GLY GLY A . n 
A 1 111 GLN 111 911 911 GLN GLN A . n 
A 1 112 GLY 112 912 912 GLY GLY A . n 
A 1 113 THR 113 913 913 THR THR A . n 
A 1 114 GLN 114 914 914 GLN GLN A . n 
A 1 115 VAL 115 915 915 VAL VAL A . n 
A 1 116 THR 116 916 916 THR THR A . n 
A 1 117 VAL 117 917 917 VAL VAL A . n 
A 1 118 SER 118 918 918 SER SER A . n 
A 1 119 SER 119 919 919 SER SER A . n 
A 1 120 VAL 120 920 ?   ?   ?   A . n 
A 1 121 HIS 121 921 ?   ?   ?   A . n 
A 1 122 HIS 122 922 ?   ?   ?   A . n 
# 
loop_
_pdbx_nonpoly_scheme.asym_id 
_pdbx_nonpoly_scheme.entity_id 
_pdbx_nonpoly_scheme.mon_id 
_pdbx_nonpoly_scheme.ndb_seq_num 
_pdbx_nonpoly_scheme.pdb_seq_num 
_pdbx_nonpoly_scheme.auth_seq_num 
_pdbx_nonpoly_scheme.pdb_mon_id 
_pdbx_nonpoly_scheme.auth_mon_id 
_pdbx_nonpoly_scheme.pdb_strand_id 
_pdbx_nonpoly_scheme.pdb_ins_code 
B 2 MPD 1  8001 8001 MPD MPD A . 
C 2 MPD 1  8002 8002 MPD MPD A . 
D 3 HOH 1  1    1    HOH HOH A W 
D 3 HOH 2  2    2    HOH HOH A W 
D 3 HOH 3  3    3    HOH HOH A W 
D 3 HOH 4  4    4    HOH HOH A W 
D 3 HOH 5  5    5    HOH HOH A W 
D 3 HOH 6  6    6    HOH HOH A W 
D 3 HOH 7  7    7    HOH HOH A W 
D 3 HOH 8  8    8    HOH HOH A W 
D 3 HOH 9  9    9    HOH HOH A W 
D 3 HOH 10 10   10   HOH HOH A W 
D 3 HOH 11 11   11   HOH HOH A W 
D 3 HOH 12 12   12   HOH HOH A W 
D 3 HOH 13 13   13   HOH HOH A W 
D 3 HOH 14 14   14   HOH HOH A W 
D 3 HOH 15 15   15   HOH HOH A W 
D 3 HOH 16 16   16   HOH HOH A W 
D 3 HOH 17 17   17   HOH HOH A W 
D 3 HOH 18 18   18   HOH HOH A W 
D 3 HOH 19 19   19   HOH HOH A W 
D 3 HOH 20 20   20   HOH HOH A W 
D 3 HOH 21 21   21   HOH HOH A W 
D 3 HOH 22 22   22   HOH HOH A W 
D 3 HOH 23 23   23   HOH HOH A W 
D 3 HOH 24 24   24   HOH HOH A W 
D 3 HOH 25 25   25   HOH HOH A W 
D 3 HOH 26 26   26   HOH HOH A W 
D 3 HOH 27 27   27   HOH HOH A W 
D 3 HOH 28 28   28   HOH HOH A W 
D 3 HOH 29 29   29   HOH HOH A W 
D 3 HOH 30 30   30   HOH HOH A W 
D 3 HOH 31 31   31   HOH HOH A W 
D 3 HOH 32 32   32   HOH HOH A W 
D 3 HOH 33 33   33   HOH HOH A W 
D 3 HOH 34 34   34   HOH HOH A W 
D 3 HOH 35 35   35   HOH HOH A W 
D 3 HOH 36 36   36   HOH HOH A W 
D 3 HOH 37 37   37   HOH HOH A W 
D 3 HOH 38 38   38   HOH HOH A W 
D 3 HOH 39 39   39   HOH HOH A W 
D 3 HOH 40 40   40   HOH HOH A W 
D 3 HOH 41 41   41   HOH HOH A W 
D 3 HOH 42 42   42   HOH HOH A W 
D 3 HOH 43 43   43   HOH HOH A W 
D 3 HOH 44 44   44   HOH HOH A W 
D 3 HOH 45 45   45   HOH HOH A W 
D 3 HOH 46 46   46   HOH HOH A W 
D 3 HOH 47 47   47   HOH HOH A W 
D 3 HOH 48 48   48   HOH HOH A W 
D 3 HOH 49 49   49   HOH HOH A W 
D 3 HOH 50 50   50   HOH HOH A W 
D 3 HOH 51 51   51   HOH HOH A W 
D 3 HOH 52 52   52   HOH HOH A W 
D 3 HOH 53 53   53   HOH HOH A W 
D 3 HOH 54 54   54   HOH HOH A W 
D 3 HOH 55 55   55   HOH HOH A W 
D 3 HOH 56 56   56   HOH HOH A W 
D 3 HOH 57 57   57   HOH HOH A W 
D 3 HOH 58 58   58   HOH HOH A W 
D 3 HOH 59 59   59   HOH HOH A W 
D 3 HOH 60 60   60   HOH HOH A W 
D 3 HOH 61 61   61   HOH HOH A W 
D 3 HOH 62 62   62   HOH HOH A W 
D 3 HOH 63 64   64   HOH HOH A W 
D 3 HOH 64 65   65   HOH HOH A W 
D 3 HOH 65 66   66   HOH HOH A W 
D 3 HOH 66 67   67   HOH HOH A W 
D 3 HOH 67 68   68   HOH HOH A W 
D 3 HOH 68 69   69   HOH HOH A W 
D 3 HOH 69 70   70   HOH HOH A W 
D 3 HOH 70 71   71   HOH HOH A W 
D 3 HOH 71 72   72   HOH HOH A W 
D 3 HOH 72 73   73   HOH HOH A W 
D 3 HOH 73 74   74   HOH HOH A W 
D 3 HOH 74 75   75   HOH HOH A W 
D 3 HOH 75 76   76   HOH HOH A W 
D 3 HOH 76 77   77   HOH HOH A W 
D 3 HOH 77 78   78   HOH HOH A W 
D 3 HOH 78 79   79   HOH HOH A W 
D 3 HOH 79 80   80   HOH HOH A W 
D 3 HOH 80 81   81   HOH HOH A W 
D 3 HOH 81 83   83   HOH HOH A W 
D 3 HOH 82 84   84   HOH HOH A W 
D 3 HOH 83 85   85   HOH HOH A W 
D 3 HOH 84 86   86   HOH HOH A W 
D 3 HOH 85 87   87   HOH HOH A W 
D 3 HOH 86 88   88   HOH HOH A W 
# 
loop_
_software.name 
_software.classification 
_software.version 
_software.citation_id 
_software.pdbx_ordinal 
REFMAC refinement       5.1.24    ? 1 
DENZO  'data reduction' .         ? 2 
CCP4   'data scaling'   '(SCALA)' ? 3 
AMoRE  phasing          .         ? 4 
# 
_cell.entry_id           1SJX 
_cell.length_a           71.40 
_cell.length_b           71.40 
_cell.length_c           74.84 
_cell.angle_alpha        90.0 
_cell.angle_beta         90.0 
_cell.angle_gamma        120.0 
_cell.Z_PDB              6 
_cell.pdbx_unique_axis   ? 
# 
_symmetry.entry_id                         1SJX 
_symmetry.space_group_name_H-M             'P 32 2 1' 
_symmetry.pdbx_full_space_group_name_H-M   ? 
_symmetry.cell_setting                     ? 
_symmetry.Int_Tables_number                154 
_symmetry.space_group_name_Hall            ? 
# 
_exptl.entry_id          1SJX 
_exptl.method            'X-RAY DIFFRACTION' 
_exptl.crystals_number   1 
# 
_exptl_crystal.id                    1 
_exptl_crystal.density_meas          ? 
_exptl_crystal.density_percent_sol   70.48 
_exptl_crystal.description           ? 
_exptl_crystal.density_Matthews      4.17 
_exptl_crystal.F_000                 ? 
_exptl_crystal.preparation           ? 
# 
_exptl_crystal_grow.crystal_id      1 
_exptl_crystal_grow.method          'VAPOR DIFFUSION, HANGING DROP' 
_exptl_crystal_grow.temp            293 
_exptl_crystal_grow.temp_details    ? 
_exptl_crystal_grow.pH              7.3 
_exptl_crystal_grow.pdbx_details    '10% PEG 6K, 100mM Hepes, 5% MPD, pH 7.3, VAPOR DIFFUSION, HANGING DROP, temperature 293K' 
_exptl_crystal_grow.pdbx_pH_range   . 
# 
_diffrn.id                     1 
_diffrn.ambient_temp           100 
_diffrn.ambient_temp_details   ? 
_diffrn.crystal_id             1 
# 
_diffrn_detector.diffrn_id              1 
_diffrn_detector.detector               CCD 
_diffrn_detector.type                   'ADSC QUANTUM 4' 
_diffrn_detector.pdbx_collection_date   2000-06-03 
_diffrn_detector.details                ? 
# 
_diffrn_radiation.diffrn_id                        1 
_diffrn_radiation.wavelength_id                    1 
_diffrn_radiation.pdbx_monochromatic_or_laue_m_l   M 
_diffrn_radiation.monochromator                    ? 
_diffrn_radiation.pdbx_diffrn_protocol             'SINGLE WAVELENGTH' 
_diffrn_radiation.pdbx_scattering_type             x-ray 
# 
_diffrn_radiation_wavelength.id           1 
_diffrn_radiation_wavelength.wavelength   0.9326 
_diffrn_radiation_wavelength.wt           1.0 
# 
_diffrn_source.diffrn_id                   1 
_diffrn_source.source                      SYNCHROTRON 
_diffrn_source.type                        'ESRF BEAMLINE ID14-2' 
_diffrn_source.pdbx_synchrotron_site       ESRF 
_diffrn_source.pdbx_synchrotron_beamline   ID14-2 
_diffrn_source.pdbx_wavelength             ? 
_diffrn_source.pdbx_wavelength_list        0.9326 
# 
_reflns.entry_id                     1SJX 
_reflns.observed_criterion_sigma_F   3.5 
_reflns.observed_criterion_sigma_I   3.5 
_reflns.d_resolution_high            2.2 
_reflns.d_resolution_low             24 
_reflns.number_all                   ? 
_reflns.number_obs                   11594 
_reflns.percent_possible_obs         99.8 
_reflns.pdbx_Rmerge_I_obs            0.042 
_reflns.pdbx_Rsym_value              0.042 
_reflns.pdbx_netI_over_sigmaI        3.5 
_reflns.B_iso_Wilson_estimate        ? 
_reflns.pdbx_redundancy              ? 
_reflns.R_free_details               ? 
_reflns.limit_h_max                  ? 
_reflns.limit_h_min                  ? 
_reflns.limit_k_max                  ? 
_reflns.limit_k_min                  ? 
_reflns.limit_l_max                  ? 
_reflns.limit_l_min                  ? 
_reflns.observed_criterion_F_max     ? 
_reflns.observed_criterion_F_min     ? 
_reflns.pdbx_chi_squared             ? 
_reflns.pdbx_scaling_rejects         ? 
_reflns.pdbx_ordinal                 1 
_reflns.pdbx_diffrn_id               1 
# 
_reflns_shell.d_res_high             2.2 
_reflns_shell.d_res_low              2.32 
_reflns_shell.percent_possible_all   99.8 
_reflns_shell.Rmerge_I_obs           0.2 
_reflns_shell.pdbx_Rsym_value        0.2 
_reflns_shell.meanI_over_sigI_obs    3.5 
_reflns_shell.pdbx_redundancy        6 
_reflns_shell.percent_possible_obs   ? 
_reflns_shell.number_unique_all      1637 
_reflns_shell.number_measured_all    ? 
_reflns_shell.number_measured_obs    ? 
_reflns_shell.number_unique_obs      ? 
_reflns_shell.pdbx_chi_squared       ? 
_reflns_shell.pdbx_ordinal           1 
_reflns_shell.pdbx_diffrn_id         1 
# 
_refine.entry_id                                 1SJX 
_refine.ls_number_reflns_obs                     10763 
_refine.ls_number_reflns_all                     10773 
_refine.pdbx_ls_sigma_I                          ? 
_refine.pdbx_ls_sigma_F                          2.0 
_refine.pdbx_data_cutoff_high_absF               ? 
_refine.pdbx_data_cutoff_low_absF                ? 
_refine.pdbx_data_cutoff_high_rms_absF           ? 
_refine.ls_d_res_low                             24.00 
_refine.ls_d_res_high                            2.20 
_refine.ls_percent_reflns_obs                    99.87 
_refine.ls_R_factor_obs                          0.19163 
_refine.ls_R_factor_all                          0.2 
_refine.ls_R_factor_R_work                       0.19054 
_refine.ls_R_factor_R_free                       0.20644 
_refine.ls_R_factor_R_free_error                 ? 
_refine.ls_R_factor_R_free_error_details         ? 
_refine.ls_percent_reflns_R_free                 7.0 
_refine.ls_number_reflns_R_free                  804 
_refine.ls_number_parameters                     ? 
_refine.ls_number_restraints                     ? 
_refine.occupancy_min                            ? 
_refine.occupancy_max                            ? 
_refine.correlation_coeff_Fo_to_Fc               0.950 
_refine.correlation_coeff_Fo_to_Fc_free          0.943 
_refine.B_iso_mean                               22.713 
_refine.aniso_B[1][1]                            ? 
_refine.aniso_B[2][2]                            ? 
_refine.aniso_B[3][3]                            ? 
_refine.aniso_B[1][2]                            ? 
_refine.aniso_B[1][3]                            ? 
_refine.aniso_B[2][3]                            ? 
_refine.solvent_model_details                    'BABINET MODEL WITH MASK' 
_refine.solvent_model_param_ksol                 ? 
_refine.solvent_model_param_bsol                 ? 
_refine.pdbx_solvent_vdw_probe_radii             1.40 
_refine.pdbx_solvent_ion_probe_radii             0.80 
_refine.pdbx_solvent_shrinkage_radii             0.80 
_refine.pdbx_ls_cross_valid_method               THROUGHOUT 
_refine.details                                  ? 
_refine.pdbx_starting_model                      'PDB entry 1HCV' 
_refine.pdbx_method_to_determine_struct          'MOLECULAR REPLACEMENT' 
_refine.pdbx_isotropic_thermal_model             ? 
_refine.pdbx_stereochemistry_target_values       'MAXIMUM LIKELIHOOD' 
_refine.pdbx_stereochem_target_val_spec_case     ? 
_refine.pdbx_R_Free_selection_details            RANDOM 
_refine.pdbx_overall_ESU_R                       0.165 
_refine.pdbx_overall_ESU_R_Free                  0.142 
_refine.overall_SU_ML                            0.092 
_refine.overall_SU_B                             3.613 
_refine.ls_redundancy_reflns_obs                 ? 
_refine.B_iso_min                                ? 
_refine.B_iso_max                                ? 
_refine.overall_SU_R_Cruickshank_DPI             ? 
_refine.overall_SU_R_free                        ? 
_refine.ls_wR_factor_R_free                      ? 
_refine.ls_wR_factor_R_work                      ? 
_refine.overall_FOM_free_R_set                   ? 
_refine.overall_FOM_work_R_set                   ? 
_refine.pdbx_refine_id                           'X-RAY DIFFRACTION' 
_refine.pdbx_TLS_residual_ADP_flag               'LIKELY RESIDUAL' 
_refine.pdbx_diffrn_id                           1 
_refine.pdbx_overall_phase_error                 ? 
_refine.pdbx_overall_SU_R_free_Cruickshank_DPI   ? 
_refine.pdbx_overall_SU_R_Blow_DPI               ? 
_refine.pdbx_overall_SU_R_free_Blow_DPI          ? 
# 
_refine_hist.pdbx_refine_id                   'X-RAY DIFFRACTION' 
_refine_hist.cycle_id                         LAST 
_refine_hist.pdbx_number_atoms_protein        900 
_refine_hist.pdbx_number_atoms_nucleic_acid   0 
_refine_hist.pdbx_number_atoms_ligand         16 
_refine_hist.number_atoms_solvent             86 
_refine_hist.number_atoms_total               1002 
_refine_hist.d_res_high                       2.20 
_refine_hist.d_res_low                        24.00 
# 
loop_
_refine_ls_restr.type 
_refine_ls_restr.dev_ideal 
_refine_ls_restr.dev_ideal_target 
_refine_ls_restr.weight 
_refine_ls_restr.number 
_refine_ls_restr.pdbx_refine_id 
_refine_ls_restr.pdbx_restraint_function 
r_bond_refined_d         0.010 0.021 ? 929  'X-RAY DIFFRACTION' ? 
r_bond_other_d           ?     ?     ? ?    'X-RAY DIFFRACTION' ? 
r_angle_refined_deg      1.280 1.949 ? 1256 'X-RAY DIFFRACTION' ? 
r_angle_other_deg        ?     ?     ? ?    'X-RAY DIFFRACTION' ? 
r_dihedral_angle_1_deg   5.508 5.000 ? 118  'X-RAY DIFFRACTION' ? 
r_dihedral_angle_2_deg   ?     ?     ? ?    'X-RAY DIFFRACTION' ? 
r_dihedral_angle_3_deg   ?     ?     ? ?    'X-RAY DIFFRACTION' ? 
r_dihedral_angle_4_deg   ?     ?     ? ?    'X-RAY DIFFRACTION' ? 
r_chiral_restr           0.084 0.200 ? 136  'X-RAY DIFFRACTION' ? 
r_gen_planes_refined     0.004 0.020 ? 699  'X-RAY DIFFRACTION' ? 
r_gen_planes_other       ?     ?     ? ?    'X-RAY DIFFRACTION' ? 
r_nbd_refined            0.200 0.200 ? 337  'X-RAY DIFFRACTION' ? 
r_nbd_other              ?     ?     ? ?    'X-RAY DIFFRACTION' ? 
r_nbtor_refined          ?     ?     ? ?    'X-RAY DIFFRACTION' ? 
r_nbtor_other            ?     ?     ? ?    'X-RAY DIFFRACTION' ? 
r_xyhbond_nbd_refined    0.195 0.200 ? 63   'X-RAY DIFFRACTION' ? 
r_xyhbond_nbd_other      ?     ?     ? ?    'X-RAY DIFFRACTION' ? 
r_metal_ion_refined      ?     ?     ? ?    'X-RAY DIFFRACTION' ? 
r_metal_ion_other        ?     ?     ? ?    'X-RAY DIFFRACTION' ? 
r_symmetry_vdw_refined   0.221 0.200 ? 17   'X-RAY DIFFRACTION' ? 
r_symmetry_vdw_other     ?     ?     ? ?    'X-RAY DIFFRACTION' ? 
r_symmetry_hbond_refined 0.146 0.200 ? 18   'X-RAY DIFFRACTION' ? 
r_symmetry_hbond_other   ?     ?     ? ?    'X-RAY DIFFRACTION' ? 
r_mcbond_it              0.536 1.500 ? 581  'X-RAY DIFFRACTION' ? 
r_mcbond_other           ?     ?     ? ?    'X-RAY DIFFRACTION' ? 
r_mcangle_it             1.049 2.000 ? 923  'X-RAY DIFFRACTION' ? 
r_scbond_it              1.560 3.000 ? 348  'X-RAY DIFFRACTION' ? 
r_scangle_it             2.561 4.500 ? 333  'X-RAY DIFFRACTION' ? 
r_rigid_bond_restr       ?     ?     ? ?    'X-RAY DIFFRACTION' ? 
r_sphericity_free        ?     ?     ? ?    'X-RAY DIFFRACTION' ? 
r_sphericity_bonded      ?     ?     ? ?    'X-RAY DIFFRACTION' ? 
# 
_refine_ls_shell.pdbx_total_number_of_bins_used   20 
_refine_ls_shell.d_res_high                       2.199 
_refine_ls_shell.d_res_low                        2.256 
_refine_ls_shell.number_reflns_R_work             782 
_refine_ls_shell.R_factor_R_work                  0.234 
_refine_ls_shell.percent_reflns_obs               ? 
_refine_ls_shell.R_factor_R_free                  0.234 
_refine_ls_shell.R_factor_R_free_error            ? 
_refine_ls_shell.percent_reflns_R_free            ? 
_refine_ls_shell.number_reflns_R_free             50 
_refine_ls_shell.number_reflns_obs                ? 
_refine_ls_shell.redundancy_reflns_obs            ? 
_refine_ls_shell.number_reflns_all                ? 
_refine_ls_shell.pdbx_refine_id                   'X-RAY DIFFRACTION' 
_refine_ls_shell.R_factor_all                     ? 
# 
_struct.entry_id                  1SJX 
_struct.title                     'Three-Dimensional Structure of a Llama VHH Domain OE7 binding the cell wall protein Malf1' 
_struct.pdbx_model_details        ? 
_struct.pdbx_CASP_flag            ? 
_struct.pdbx_model_type_details   ? 
# 
_struct_keywords.entry_id        1SJX 
_struct_keywords.pdbx_keywords   'IMMUNE SYSTEM' 
_struct_keywords.text            'Camelids antibody, heavy chain, dandruff, phage display, IMMUNE SYSTEM' 
# 
loop_
_struct_asym.id 
_struct_asym.pdbx_blank_PDB_chainid_flag 
_struct_asym.pdbx_modified 
_struct_asym.entity_id 
_struct_asym.details 
A N N 1 ? 
B N N 2 ? 
C N N 2 ? 
D N N 3 ? 
# 
_struct_ref.id                         1 
_struct_ref.entity_id                  1 
_struct_ref.db_name                    PDB 
_struct_ref.db_code                    1SJX 
_struct_ref.pdbx_db_accession          1SJX 
_struct_ref.pdbx_db_isoform            ? 
_struct_ref.pdbx_seq_one_letter_code   ? 
_struct_ref.pdbx_align_begin           ? 
# 
_struct_ref_seq.align_id                      1 
_struct_ref_seq.ref_id                        1 
_struct_ref_seq.pdbx_PDB_id_code              1SJX 
_struct_ref_seq.pdbx_strand_id                A 
_struct_ref_seq.seq_align_beg                 1 
_struct_ref_seq.pdbx_seq_align_beg_ins_code   ? 
_struct_ref_seq.seq_align_end                 122 
_struct_ref_seq.pdbx_seq_align_end_ins_code   ? 
_struct_ref_seq.pdbx_db_accession             1SJX 
_struct_ref_seq.db_align_beg                  801 
_struct_ref_seq.pdbx_db_align_beg_ins_code    ? 
_struct_ref_seq.db_align_end                  922 
_struct_ref_seq.pdbx_db_align_end_ins_code    ? 
_struct_ref_seq.pdbx_auth_seq_align_beg       801 
_struct_ref_seq.pdbx_auth_seq_align_end       922 
# 
_pdbx_struct_assembly.id                   1 
_pdbx_struct_assembly.details              author_defined_assembly 
_pdbx_struct_assembly.method_details       ? 
_pdbx_struct_assembly.oligomeric_details   monomeric 
_pdbx_struct_assembly.oligomeric_count     1 
# 
_pdbx_struct_assembly_gen.assembly_id       1 
_pdbx_struct_assembly_gen.oper_expression   1 
_pdbx_struct_assembly_gen.asym_id_list      A,B,C,D 
# 
_pdbx_struct_oper_list.id                   1 
_pdbx_struct_oper_list.type                 'identity operation' 
_pdbx_struct_oper_list.name                 1_555 
_pdbx_struct_oper_list.symmetry_operation   x,y,z 
_pdbx_struct_oper_list.matrix[1][1]         1.0000000000 
_pdbx_struct_oper_list.matrix[1][2]         0.0000000000 
_pdbx_struct_oper_list.matrix[1][3]         0.0000000000 
_pdbx_struct_oper_list.vector[1]            0.0000000000 
_pdbx_struct_oper_list.matrix[2][1]         0.0000000000 
_pdbx_struct_oper_list.matrix[2][2]         1.0000000000 
_pdbx_struct_oper_list.matrix[2][3]         0.0000000000 
_pdbx_struct_oper_list.vector[2]            0.0000000000 
_pdbx_struct_oper_list.matrix[3][1]         0.0000000000 
_pdbx_struct_oper_list.matrix[3][2]         0.0000000000 
_pdbx_struct_oper_list.matrix[3][3]         1.0000000000 
_pdbx_struct_oper_list.vector[3]            0.0000000000 
# 
_struct_biol.id                    1 
_struct_biol.pdbx_parent_biol_id   ? 
_struct_biol.details               ? 
# 
loop_
_struct_conf.conf_type_id 
_struct_conf.id 
_struct_conf.pdbx_PDB_helix_id 
_struct_conf.beg_label_comp_id 
_struct_conf.beg_label_asym_id 
_struct_conf.beg_label_seq_id 
_struct_conf.pdbx_beg_PDB_ins_code 
_struct_conf.end_label_comp_id 
_struct_conf.end_label_asym_id 
_struct_conf.end_label_seq_id 
_struct_conf.pdbx_end_PDB_ins_code 
_struct_conf.beg_auth_comp_id 
_struct_conf.beg_auth_asym_id 
_struct_conf.beg_auth_seq_id 
_struct_conf.end_auth_comp_id 
_struct_conf.end_auth_asym_id 
_struct_conf.end_auth_seq_id 
_struct_conf.pdbx_PDB_helix_class 
_struct_conf.details 
_struct_conf.pdbx_PDB_helix_length 
HELX_P HELX_P1 1 ASN A 73 ? LYS A 75 ? ASN A 873 LYS A 875 5 ? 3 
HELX_P HELX_P2 2 LYS A 86 ? THR A 90 ? LYS A 886 THR A 890 5 ? 5 
# 
_struct_conf_type.id          HELX_P 
_struct_conf_type.criteria    ? 
_struct_conf_type.reference   ? 
# 
_struct_conn.id                            disulf1 
_struct_conn.conn_type_id                  disulf 
_struct_conn.pdbx_leaving_atom_flag        ? 
_struct_conn.pdbx_PDB_id                   ? 
_struct_conn.ptnr1_label_asym_id           A 
_struct_conn.ptnr1_label_comp_id           CYS 
_struct_conn.ptnr1_label_seq_id            22 
_struct_conn.ptnr1_label_atom_id           SG 
_struct_conn.pdbx_ptnr1_label_alt_id       ? 
_struct_conn.pdbx_ptnr1_PDB_ins_code       ? 
_struct_conn.pdbx_ptnr1_standard_comp_id   ? 
_struct_conn.ptnr1_symmetry                1_555 
_struct_conn.ptnr2_label_asym_id           A 
_struct_conn.ptnr2_label_comp_id           CYS 
_struct_conn.ptnr2_label_seq_id            95 
_struct_conn.ptnr2_label_atom_id           SG 
_struct_conn.pdbx_ptnr2_label_alt_id       ? 
_struct_conn.pdbx_ptnr2_PDB_ins_code       ? 
_struct_conn.ptnr1_auth_asym_id            A 
_struct_conn.ptnr1_auth_comp_id            CYS 
_struct_conn.ptnr1_auth_seq_id             822 
_struct_conn.ptnr2_auth_asym_id            A 
_struct_conn.ptnr2_auth_comp_id            CYS 
_struct_conn.ptnr2_auth_seq_id             895 
_struct_conn.ptnr2_symmetry                1_555 
_struct_conn.pdbx_ptnr3_label_atom_id      ? 
_struct_conn.pdbx_ptnr3_label_seq_id       ? 
_struct_conn.pdbx_ptnr3_label_comp_id      ? 
_struct_conn.pdbx_ptnr3_label_asym_id      ? 
_struct_conn.pdbx_ptnr3_label_alt_id       ? 
_struct_conn.pdbx_ptnr3_PDB_ins_code       ? 
_struct_conn.details                       ? 
_struct_conn.pdbx_dist_value               2.048 
_struct_conn.pdbx_value_order              ? 
_struct_conn.pdbx_role                     ? 
# 
_struct_conn_type.id          disulf 
_struct_conn_type.criteria    ? 
_struct_conn_type.reference   ? 
# 
_pdbx_modification_feature.ordinal                            1 
_pdbx_modification_feature.label_comp_id                      CYS 
_pdbx_modification_feature.label_asym_id                      A 
_pdbx_modification_feature.label_seq_id                       22 
_pdbx_modification_feature.label_alt_id                       ? 
_pdbx_modification_feature.modified_residue_label_comp_id     CYS 
_pdbx_modification_feature.modified_residue_label_asym_id     A 
_pdbx_modification_feature.modified_residue_label_seq_id      95 
_pdbx_modification_feature.modified_residue_label_alt_id      ? 
_pdbx_modification_feature.auth_comp_id                       CYS 
_pdbx_modification_feature.auth_asym_id                       A 
_pdbx_modification_feature.auth_seq_id                        822 
_pdbx_modification_feature.PDB_ins_code                       ? 
_pdbx_modification_feature.symmetry                           1_555 
_pdbx_modification_feature.modified_residue_auth_comp_id      CYS 
_pdbx_modification_feature.modified_residue_auth_asym_id      A 
_pdbx_modification_feature.modified_residue_auth_seq_id       895 
_pdbx_modification_feature.modified_residue_PDB_ins_code      ? 
_pdbx_modification_feature.modified_residue_symmetry          1_555 
_pdbx_modification_feature.comp_id_linking_atom               SG 
_pdbx_modification_feature.modified_residue_id_linking_atom   SG 
_pdbx_modification_feature.modified_residue_id                . 
_pdbx_modification_feature.ref_pcm_id                         . 
_pdbx_modification_feature.ref_comp_id                        . 
_pdbx_modification_feature.type                               None 
_pdbx_modification_feature.category                           'Disulfide bridge' 
# 
loop_
_struct_sheet.id 
_struct_sheet.type 
_struct_sheet.number_strands 
_struct_sheet.details 
A ? 4 ? 
B ? 6 ? 
C ? 4 ? 
# 
loop_
_struct_sheet_order.sheet_id 
_struct_sheet_order.range_id_1 
_struct_sheet_order.range_id_2 
_struct_sheet_order.offset 
_struct_sheet_order.sense 
A 1 2 ? anti-parallel 
A 2 3 ? anti-parallel 
A 3 4 ? anti-parallel 
B 1 2 ? parallel      
B 2 3 ? anti-parallel 
B 3 4 ? anti-parallel 
B 4 5 ? anti-parallel 
B 5 6 ? anti-parallel 
C 1 2 ? parallel      
C 2 3 ? anti-parallel 
C 3 4 ? anti-parallel 
# 
loop_
_struct_sheet_range.sheet_id 
_struct_sheet_range.id 
_struct_sheet_range.beg_label_comp_id 
_struct_sheet_range.beg_label_asym_id 
_struct_sheet_range.beg_label_seq_id 
_struct_sheet_range.pdbx_beg_PDB_ins_code 
_struct_sheet_range.end_label_comp_id 
_struct_sheet_range.end_label_asym_id 
_struct_sheet_range.end_label_seq_id 
_struct_sheet_range.pdbx_end_PDB_ins_code 
_struct_sheet_range.beg_auth_comp_id 
_struct_sheet_range.beg_auth_asym_id 
_struct_sheet_range.beg_auth_seq_id 
_struct_sheet_range.end_auth_comp_id 
_struct_sheet_range.end_auth_asym_id 
_struct_sheet_range.end_auth_seq_id 
A 1 VAL A 2   ? SER A 7   ? VAL A 802 SER A 807 
A 2 LEU A 18  ? GLY A 26  ? LEU A 818 GLY A 826 
A 3 THR A 77  ? MET A 82  ? THR A 877 MET A 882 
A 4 PHE A 67  ? ASP A 72  ? PHE A 867 ASP A 872 
B 1 GLY A 10  ? GLN A 13  ? GLY A 810 GLN A 813 
B 2 THR A 113 ? SER A 118 ? THR A 913 SER A 918 
B 3 ALA A 91  ? ASP A 99  ? ALA A 891 ASP A 899 
B 4 ILE A 31  ? GLN A 39  ? ILE A 831 GLN A 839 
B 5 GLU A 46  ? ILE A 51  ? GLU A 846 ILE A 851 
B 6 THR A 57  ? TYR A 59  ? THR A 857 TYR A 859 
C 1 GLY A 10  ? GLN A 13  ? GLY A 810 GLN A 813 
C 2 THR A 113 ? SER A 118 ? THR A 913 SER A 918 
C 3 ALA A 91  ? ASP A 99  ? ALA A 891 ASP A 899 
C 4 TYR A 108 ? TRP A 109 ? TYR A 908 TRP A 909 
# 
loop_
_pdbx_struct_sheet_hbond.sheet_id 
_pdbx_struct_sheet_hbond.range_id_1 
_pdbx_struct_sheet_hbond.range_id_2 
_pdbx_struct_sheet_hbond.range_1_label_atom_id 
_pdbx_struct_sheet_hbond.range_1_label_comp_id 
_pdbx_struct_sheet_hbond.range_1_label_asym_id 
_pdbx_struct_sheet_hbond.range_1_label_seq_id 
_pdbx_struct_sheet_hbond.range_1_PDB_ins_code 
_pdbx_struct_sheet_hbond.range_1_auth_atom_id 
_pdbx_struct_sheet_hbond.range_1_auth_comp_id 
_pdbx_struct_sheet_hbond.range_1_auth_asym_id 
_pdbx_struct_sheet_hbond.range_1_auth_seq_id 
_pdbx_struct_sheet_hbond.range_2_label_atom_id 
_pdbx_struct_sheet_hbond.range_2_label_comp_id 
_pdbx_struct_sheet_hbond.range_2_label_asym_id 
_pdbx_struct_sheet_hbond.range_2_label_seq_id 
_pdbx_struct_sheet_hbond.range_2_PDB_ins_code 
_pdbx_struct_sheet_hbond.range_2_auth_atom_id 
_pdbx_struct_sheet_hbond.range_2_auth_comp_id 
_pdbx_struct_sheet_hbond.range_2_auth_asym_id 
_pdbx_struct_sheet_hbond.range_2_auth_seq_id 
A 1 2 N SER A 7   ? N SER A 807 O SER A 21  ? O SER A 821 
A 2 3 N LEU A 18  ? N LEU A 818 O MET A 82  ? O MET A 882 
A 3 4 O GLN A 81  ? O GLN A 881 N THR A 68  ? N THR A 868 
B 1 2 N GLY A 10  ? N GLY A 810 O THR A 116 ? O THR A 916 
B 2 3 O THR A 113 ? O THR A 913 N TYR A 93  ? N TYR A 893 
B 3 4 O GLU A 98  ? O GLU A 898 N ASP A 33  ? N ASP A 833 
B 4 5 N MET A 34  ? N MET A 834 O ILE A 51  ? O ILE A 851 
B 5 6 N ALA A 50  ? N ALA A 850 O LYS A 58  ? O LYS A 858 
C 1 2 N GLY A 10  ? N GLY A 810 O THR A 116 ? O THR A 916 
C 2 3 O THR A 113 ? O THR A 913 N TYR A 93  ? N TYR A 893 
C 3 4 O ALA A 97  ? O ALA A 897 N TYR A 108 ? N TYR A 908 
# 
loop_
_struct_site.id 
_struct_site.pdbx_evidence_code 
_struct_site.pdbx_auth_asym_id 
_struct_site.pdbx_auth_comp_id 
_struct_site.pdbx_auth_seq_id 
_struct_site.pdbx_auth_ins_code 
_struct_site.pdbx_num_residues 
_struct_site.details 
AC1 Software A MPD 8001 ? 4 'BINDING SITE FOR RESIDUE MPD A 8001' 
AC2 Software A MPD 8002 ? 7 'BINDING SITE FOR RESIDUE MPD A 8002' 
# 
loop_
_struct_site_gen.id 
_struct_site_gen.site_id 
_struct_site_gen.pdbx_num_res 
_struct_site_gen.label_comp_id 
_struct_site_gen.label_asym_id 
_struct_site_gen.label_seq_id 
_struct_site_gen.pdbx_auth_ins_code 
_struct_site_gen.auth_comp_id 
_struct_site_gen.auth_asym_id 
_struct_site_gen.auth_seq_id 
_struct_site_gen.label_atom_id 
_struct_site_gen.label_alt_id 
_struct_site_gen.symmetry 
_struct_site_gen.details 
1  AC1 4 HOH D .   W HOH A 21  . ? 1_555 ? 
2  AC1 4 HOH D .   W HOH A 71  . ? 1_555 ? 
3  AC1 4 ASN A 32  ? ASN A 832 . ? 1_555 ? 
4  AC1 4 MET A 34  ? MET A 834 . ? 1_555 ? 
5  AC2 7 MET A 34  ? MET A 834 . ? 1_555 ? 
6  AC2 7 GLY A 35  ? GLY A 835 . ? 1_555 ? 
7  AC2 7 TYR A 37  ? TYR A 837 . ? 1_555 ? 
8  AC2 7 LYS A 58  ? LYS A 858 . ? 5_675 ? 
9  AC2 7 GLY A 104 ? GLY A 904 . ? 1_555 ? 
10 AC2 7 THR A 105 ? THR A 905 . ? 1_555 ? 
11 AC2 7 VAL A 106 ? VAL A 906 . ? 1_555 ? 
# 
_pdbx_entry_details.entry_id                   1SJX 
_pdbx_entry_details.compound_details           ? 
_pdbx_entry_details.source_details             ? 
_pdbx_entry_details.nonpolymer_details         ? 
_pdbx_entry_details.sequence_details           ? 
_pdbx_entry_details.has_ligand_of_interest     ? 
_pdbx_entry_details.has_protein_modification   Y 
# 
_pdbx_validate_symm_contact.id                1 
_pdbx_validate_symm_contact.PDB_model_num     1 
_pdbx_validate_symm_contact.auth_atom_id_1    O 
_pdbx_validate_symm_contact.auth_asym_id_1    A 
_pdbx_validate_symm_contact.auth_comp_id_1    HOH 
_pdbx_validate_symm_contact.auth_seq_id_1     57 
_pdbx_validate_symm_contact.PDB_ins_code_1    W 
_pdbx_validate_symm_contact.label_alt_id_1    ? 
_pdbx_validate_symm_contact.site_symmetry_1   1_555 
_pdbx_validate_symm_contact.auth_atom_id_2    O 
_pdbx_validate_symm_contact.auth_asym_id_2    A 
_pdbx_validate_symm_contact.auth_comp_id_2    HOH 
_pdbx_validate_symm_contact.auth_seq_id_2     81 
_pdbx_validate_symm_contact.PDB_ins_code_2    W 
_pdbx_validate_symm_contact.label_alt_id_2    ? 
_pdbx_validate_symm_contact.site_symmetry_2   5_675 
_pdbx_validate_symm_contact.dist              1.85 
# 
_pdbx_validate_rmsd_angle.id                         1 
_pdbx_validate_rmsd_angle.PDB_model_num              1 
_pdbx_validate_rmsd_angle.auth_atom_id_1             CB 
_pdbx_validate_rmsd_angle.auth_asym_id_1             A 
_pdbx_validate_rmsd_angle.auth_comp_id_1             ASP 
_pdbx_validate_rmsd_angle.auth_seq_id_1              872 
_pdbx_validate_rmsd_angle.PDB_ins_code_1             ? 
_pdbx_validate_rmsd_angle.label_alt_id_1             ? 
_pdbx_validate_rmsd_angle.auth_atom_id_2             CG 
_pdbx_validate_rmsd_angle.auth_asym_id_2             A 
_pdbx_validate_rmsd_angle.auth_comp_id_2             ASP 
_pdbx_validate_rmsd_angle.auth_seq_id_2              872 
_pdbx_validate_rmsd_angle.PDB_ins_code_2             ? 
_pdbx_validate_rmsd_angle.label_alt_id_2             ? 
_pdbx_validate_rmsd_angle.auth_atom_id_3             OD2 
_pdbx_validate_rmsd_angle.auth_asym_id_3             A 
_pdbx_validate_rmsd_angle.auth_comp_id_3             ASP 
_pdbx_validate_rmsd_angle.auth_seq_id_3              872 
_pdbx_validate_rmsd_angle.PDB_ins_code_3             ? 
_pdbx_validate_rmsd_angle.label_alt_id_3             ? 
_pdbx_validate_rmsd_angle.angle_value                123.72 
_pdbx_validate_rmsd_angle.angle_target_value         118.30 
_pdbx_validate_rmsd_angle.angle_deviation            5.42 
_pdbx_validate_rmsd_angle.angle_standard_deviation   0.90 
_pdbx_validate_rmsd_angle.linker_flag                N 
# 
_pdbx_validate_torsion.id              1 
_pdbx_validate_torsion.PDB_model_num   1 
_pdbx_validate_torsion.auth_comp_id    ASN 
_pdbx_validate_torsion.auth_asym_id    A 
_pdbx_validate_torsion.auth_seq_id     832 
_pdbx_validate_torsion.PDB_ins_code    ? 
_pdbx_validate_torsion.label_alt_id    ? 
_pdbx_validate_torsion.phi             -105.39 
_pdbx_validate_torsion.psi             -110.02 
# 
_pdbx_refine_tls.id               1 
_pdbx_refine_tls.details          ? 
_pdbx_refine_tls.method           refined 
_pdbx_refine_tls.origin_x         0.0071 
_pdbx_refine_tls.origin_y         -0.5247 
_pdbx_refine_tls.origin_z         0.2419 
_pdbx_refine_tls.T[1][1]          0.0540 
_pdbx_refine_tls.T[2][2]          0.0836 
_pdbx_refine_tls.T[3][3]          0.0557 
_pdbx_refine_tls.T[1][2]          0.0215 
_pdbx_refine_tls.T[1][3]          -0.0418 
_pdbx_refine_tls.T[2][3]          0.0254 
_pdbx_refine_tls.L[1][1]          2.7015 
_pdbx_refine_tls.L[2][2]          3.6738 
_pdbx_refine_tls.L[3][3]          1.6711 
_pdbx_refine_tls.L[1][2]          -1.2552 
_pdbx_refine_tls.L[1][3]          0.9393 
_pdbx_refine_tls.L[2][3]          -1.7275 
_pdbx_refine_tls.S[1][1]          -0.1345 
_pdbx_refine_tls.S[1][2]          -0.0778 
_pdbx_refine_tls.S[1][3]          0.0787 
_pdbx_refine_tls.S[2][1]          0.0127 
_pdbx_refine_tls.S[2][2]          0.2043 
_pdbx_refine_tls.S[2][3]          0.1183 
_pdbx_refine_tls.S[3][1]          0.0048 
_pdbx_refine_tls.S[3][2]          -0.2505 
_pdbx_refine_tls.S[3][3]          -0.0698 
_pdbx_refine_tls.pdbx_refine_id   'X-RAY DIFFRACTION' 
# 
_pdbx_refine_tls_group.id                  1 
_pdbx_refine_tls_group.refine_tls_id       1 
_pdbx_refine_tls_group.beg_label_asym_id   A 
_pdbx_refine_tls_group.beg_label_seq_id    1 
_pdbx_refine_tls_group.beg_auth_seq_id     801 
_pdbx_refine_tls_group.end_label_asym_id   A 
_pdbx_refine_tls_group.end_label_seq_id    119 
_pdbx_refine_tls_group.end_auth_seq_id     919 
_pdbx_refine_tls_group.selection           ? 
_pdbx_refine_tls_group.beg_auth_asym_id    A 
_pdbx_refine_tls_group.end_auth_asym_id    A 
_pdbx_refine_tls_group.pdbx_refine_id      'X-RAY DIFFRACTION' 
_pdbx_refine_tls_group.selection_details   ? 
# 
_pdbx_database_remark.id     999 
_pdbx_database_remark.text   
;SEQUENCE
The sequence of the protein was not deposited
into any sequence database.
;
# 
loop_
_pdbx_unobs_or_zero_occ_residues.id 
_pdbx_unobs_or_zero_occ_residues.PDB_model_num 
_pdbx_unobs_or_zero_occ_residues.polymer_flag 
_pdbx_unobs_or_zero_occ_residues.occupancy_flag 
_pdbx_unobs_or_zero_occ_residues.auth_asym_id 
_pdbx_unobs_or_zero_occ_residues.auth_comp_id 
_pdbx_unobs_or_zero_occ_residues.auth_seq_id 
_pdbx_unobs_or_zero_occ_residues.PDB_ins_code 
_pdbx_unobs_or_zero_occ_residues.label_asym_id 
_pdbx_unobs_or_zero_occ_residues.label_comp_id 
_pdbx_unobs_or_zero_occ_residues.label_seq_id 
1 1 Y 1 A VAL 920 ? A VAL 120 
2 1 Y 1 A HIS 921 ? A HIS 121 
3 1 Y 1 A HIS 922 ? A HIS 122 
# 
loop_
_chem_comp_atom.comp_id 
_chem_comp_atom.atom_id 
_chem_comp_atom.type_symbol 
_chem_comp_atom.pdbx_aromatic_flag 
_chem_comp_atom.pdbx_stereo_config 
_chem_comp_atom.pdbx_ordinal 
ALA N    N N N 1   
ALA CA   C N S 2   
ALA C    C N N 3   
ALA O    O N N 4   
ALA CB   C N N 5   
ALA OXT  O N N 6   
ALA H    H N N 7   
ALA H2   H N N 8   
ALA HA   H N N 9   
ALA HB1  H N N 10  
ALA HB2  H N N 11  
ALA HB3  H N N 12  
ALA HXT  H N N 13  
ARG N    N N N 14  
ARG CA   C N S 15  
ARG C    C N N 16  
ARG O    O N N 17  
ARG CB   C N N 18  
ARG CG   C N N 19  
ARG CD   C N N 20  
ARG NE   N N N 21  
ARG CZ   C N N 22  
ARG NH1  N N N 23  
ARG NH2  N N N 24  
ARG OXT  O N N 25  
ARG H    H N N 26  
ARG H2   H N N 27  
ARG HA   H N N 28  
ARG HB2  H N N 29  
ARG HB3  H N N 30  
ARG HG2  H N N 31  
ARG HG3  H N N 32  
ARG HD2  H N N 33  
ARG HD3  H N N 34  
ARG HE   H N N 35  
ARG HH11 H N N 36  
ARG HH12 H N N 37  
ARG HH21 H N N 38  
ARG HH22 H N N 39  
ARG HXT  H N N 40  
ASN N    N N N 41  
ASN CA   C N S 42  
ASN C    C N N 43  
ASN O    O N N 44  
ASN CB   C N N 45  
ASN CG   C N N 46  
ASN OD1  O N N 47  
ASN ND2  N N N 48  
ASN OXT  O N N 49  
ASN H    H N N 50  
ASN H2   H N N 51  
ASN HA   H N N 52  
ASN HB2  H N N 53  
ASN HB3  H N N 54  
ASN HD21 H N N 55  
ASN HD22 H N N 56  
ASN HXT  H N N 57  
ASP N    N N N 58  
ASP CA   C N S 59  
ASP C    C N N 60  
ASP O    O N N 61  
ASP CB   C N N 62  
ASP CG   C N N 63  
ASP OD1  O N N 64  
ASP OD2  O N N 65  
ASP OXT  O N N 66  
ASP H    H N N 67  
ASP H2   H N N 68  
ASP HA   H N N 69  
ASP HB2  H N N 70  
ASP HB3  H N N 71  
ASP HD2  H N N 72  
ASP HXT  H N N 73  
CYS N    N N N 74  
CYS CA   C N R 75  
CYS C    C N N 76  
CYS O    O N N 77  
CYS CB   C N N 78  
CYS SG   S N N 79  
CYS OXT  O N N 80  
CYS H    H N N 81  
CYS H2   H N N 82  
CYS HA   H N N 83  
CYS HB2  H N N 84  
CYS HB3  H N N 85  
CYS HG   H N N 86  
CYS HXT  H N N 87  
GLN N    N N N 88  
GLN CA   C N S 89  
GLN C    C N N 90  
GLN O    O N N 91  
GLN CB   C N N 92  
GLN CG   C N N 93  
GLN CD   C N N 94  
GLN OE1  O N N 95  
GLN NE2  N N N 96  
GLN OXT  O N N 97  
GLN H    H N N 98  
GLN H2   H N N 99  
GLN HA   H N N 100 
GLN HB2  H N N 101 
GLN HB3  H N N 102 
GLN HG2  H N N 103 
GLN HG3  H N N 104 
GLN HE21 H N N 105 
GLN HE22 H N N 106 
GLN HXT  H N N 107 
GLU N    N N N 108 
GLU CA   C N S 109 
GLU C    C N N 110 
GLU O    O N N 111 
GLU CB   C N N 112 
GLU CG   C N N 113 
GLU CD   C N N 114 
GLU OE1  O N N 115 
GLU OE2  O N N 116 
GLU OXT  O N N 117 
GLU H    H N N 118 
GLU H2   H N N 119 
GLU HA   H N N 120 
GLU HB2  H N N 121 
GLU HB3  H N N 122 
GLU HG2  H N N 123 
GLU HG3  H N N 124 
GLU HE2  H N N 125 
GLU HXT  H N N 126 
GLY N    N N N 127 
GLY CA   C N N 128 
GLY C    C N N 129 
GLY O    O N N 130 
GLY OXT  O N N 131 
GLY H    H N N 132 
GLY H2   H N N 133 
GLY HA2  H N N 134 
GLY HA3  H N N 135 
GLY HXT  H N N 136 
HIS N    N N N 137 
HIS CA   C N S 138 
HIS C    C N N 139 
HIS O    O N N 140 
HIS CB   C N N 141 
HIS CG   C Y N 142 
HIS ND1  N Y N 143 
HIS CD2  C Y N 144 
HIS CE1  C Y N 145 
HIS NE2  N Y N 146 
HIS OXT  O N N 147 
HIS H    H N N 148 
HIS H2   H N N 149 
HIS HA   H N N 150 
HIS HB2  H N N 151 
HIS HB3  H N N 152 
HIS HD1  H N N 153 
HIS HD2  H N N 154 
HIS HE1  H N N 155 
HIS HE2  H N N 156 
HIS HXT  H N N 157 
HOH O    O N N 158 
HOH H1   H N N 159 
HOH H2   H N N 160 
ILE N    N N N 161 
ILE CA   C N S 162 
ILE C    C N N 163 
ILE O    O N N 164 
ILE CB   C N S 165 
ILE CG1  C N N 166 
ILE CG2  C N N 167 
ILE CD1  C N N 168 
ILE OXT  O N N 169 
ILE H    H N N 170 
ILE H2   H N N 171 
ILE HA   H N N 172 
ILE HB   H N N 173 
ILE HG12 H N N 174 
ILE HG13 H N N 175 
ILE HG21 H N N 176 
ILE HG22 H N N 177 
ILE HG23 H N N 178 
ILE HD11 H N N 179 
ILE HD12 H N N 180 
ILE HD13 H N N 181 
ILE HXT  H N N 182 
LEU N    N N N 183 
LEU CA   C N S 184 
LEU C    C N N 185 
LEU O    O N N 186 
LEU CB   C N N 187 
LEU CG   C N N 188 
LEU CD1  C N N 189 
LEU CD2  C N N 190 
LEU OXT  O N N 191 
LEU H    H N N 192 
LEU H2   H N N 193 
LEU HA   H N N 194 
LEU HB2  H N N 195 
LEU HB3  H N N 196 
LEU HG   H N N 197 
LEU HD11 H N N 198 
LEU HD12 H N N 199 
LEU HD13 H N N 200 
LEU HD21 H N N 201 
LEU HD22 H N N 202 
LEU HD23 H N N 203 
LEU HXT  H N N 204 
LYS N    N N N 205 
LYS CA   C N S 206 
LYS C    C N N 207 
LYS O    O N N 208 
LYS CB   C N N 209 
LYS CG   C N N 210 
LYS CD   C N N 211 
LYS CE   C N N 212 
LYS NZ   N N N 213 
LYS OXT  O N N 214 
LYS H    H N N 215 
LYS H2   H N N 216 
LYS HA   H N N 217 
LYS HB2  H N N 218 
LYS HB3  H N N 219 
LYS HG2  H N N 220 
LYS HG3  H N N 221 
LYS HD2  H N N 222 
LYS HD3  H N N 223 
LYS HE2  H N N 224 
LYS HE3  H N N 225 
LYS HZ1  H N N 226 
LYS HZ2  H N N 227 
LYS HZ3  H N N 228 
LYS HXT  H N N 229 
MET N    N N N 230 
MET CA   C N S 231 
MET C    C N N 232 
MET O    O N N 233 
MET CB   C N N 234 
MET CG   C N N 235 
MET SD   S N N 236 
MET CE   C N N 237 
MET OXT  O N N 238 
MET H    H N N 239 
MET H2   H N N 240 
MET HA   H N N 241 
MET HB2  H N N 242 
MET HB3  H N N 243 
MET HG2  H N N 244 
MET HG3  H N N 245 
MET HE1  H N N 246 
MET HE2  H N N 247 
MET HE3  H N N 248 
MET HXT  H N N 249 
MPD C1   C N N 250 
MPD C2   C N N 251 
MPD O2   O N N 252 
MPD CM   C N N 253 
MPD C3   C N N 254 
MPD C4   C N S 255 
MPD O4   O N N 256 
MPD C5   C N N 257 
MPD H11  H N N 258 
MPD H12  H N N 259 
MPD H13  H N N 260 
MPD HO2  H N N 261 
MPD HM1  H N N 262 
MPD HM2  H N N 263 
MPD HM3  H N N 264 
MPD H31  H N N 265 
MPD H32  H N N 266 
MPD H4   H N N 267 
MPD HO4  H N N 268 
MPD H51  H N N 269 
MPD H52  H N N 270 
MPD H53  H N N 271 
PHE N    N N N 272 
PHE CA   C N S 273 
PHE C    C N N 274 
PHE O    O N N 275 
PHE CB   C N N 276 
PHE CG   C Y N 277 
PHE CD1  C Y N 278 
PHE CD2  C Y N 279 
PHE CE1  C Y N 280 
PHE CE2  C Y N 281 
PHE CZ   C Y N 282 
PHE OXT  O N N 283 
PHE H    H N N 284 
PHE H2   H N N 285 
PHE HA   H N N 286 
PHE HB2  H N N 287 
PHE HB3  H N N 288 
PHE HD1  H N N 289 
PHE HD2  H N N 290 
PHE HE1  H N N 291 
PHE HE2  H N N 292 
PHE HZ   H N N 293 
PHE HXT  H N N 294 
PRO N    N N N 295 
PRO CA   C N S 296 
PRO C    C N N 297 
PRO O    O N N 298 
PRO CB   C N N 299 
PRO CG   C N N 300 
PRO CD   C N N 301 
PRO OXT  O N N 302 
PRO H    H N N 303 
PRO HA   H N N 304 
PRO HB2  H N N 305 
PRO HB3  H N N 306 
PRO HG2  H N N 307 
PRO HG3  H N N 308 
PRO HD2  H N N 309 
PRO HD3  H N N 310 
PRO HXT  H N N 311 
SER N    N N N 312 
SER CA   C N S 313 
SER C    C N N 314 
SER O    O N N 315 
SER CB   C N N 316 
SER OG   O N N 317 
SER OXT  O N N 318 
SER H    H N N 319 
SER H2   H N N 320 
SER HA   H N N 321 
SER HB2  H N N 322 
SER HB3  H N N 323 
SER HG   H N N 324 
SER HXT  H N N 325 
THR N    N N N 326 
THR CA   C N S 327 
THR C    C N N 328 
THR O    O N N 329 
THR CB   C N R 330 
THR OG1  O N N 331 
THR CG2  C N N 332 
THR OXT  O N N 333 
THR H    H N N 334 
THR H2   H N N 335 
THR HA   H N N 336 
THR HB   H N N 337 
THR HG1  H N N 338 
THR HG21 H N N 339 
THR HG22 H N N 340 
THR HG23 H N N 341 
THR HXT  H N N 342 
TRP N    N N N 343 
TRP CA   C N S 344 
TRP C    C N N 345 
TRP O    O N N 346 
TRP CB   C N N 347 
TRP CG   C Y N 348 
TRP CD1  C Y N 349 
TRP CD2  C Y N 350 
TRP NE1  N Y N 351 
TRP CE2  C Y N 352 
TRP CE3  C Y N 353 
TRP CZ2  C Y N 354 
TRP CZ3  C Y N 355 
TRP CH2  C Y N 356 
TRP OXT  O N N 357 
TRP H    H N N 358 
TRP H2   H N N 359 
TRP HA   H N N 360 
TRP HB2  H N N 361 
TRP HB3  H N N 362 
TRP HD1  H N N 363 
TRP HE1  H N N 364 
TRP HE3  H N N 365 
TRP HZ2  H N N 366 
TRP HZ3  H N N 367 
TRP HH2  H N N 368 
TRP HXT  H N N 369 
TYR N    N N N 370 
TYR CA   C N S 371 
TYR C    C N N 372 
TYR O    O N N 373 
TYR CB   C N N 374 
TYR CG   C Y N 375 
TYR CD1  C Y N 376 
TYR CD2  C Y N 377 
TYR CE1  C Y N 378 
TYR CE2  C Y N 379 
TYR CZ   C Y N 380 
TYR OH   O N N 381 
TYR OXT  O N N 382 
TYR H    H N N 383 
TYR H2   H N N 384 
TYR HA   H N N 385 
TYR HB2  H N N 386 
TYR HB3  H N N 387 
TYR HD1  H N N 388 
TYR HD2  H N N 389 
TYR HE1  H N N 390 
TYR HE2  H N N 391 
TYR HH   H N N 392 
TYR HXT  H N N 393 
VAL N    N N N 394 
VAL CA   C N S 395 
VAL C    C N N 396 
VAL O    O N N 397 
VAL CB   C N N 398 
VAL CG1  C N N 399 
VAL CG2  C N N 400 
VAL OXT  O N N 401 
VAL H    H N N 402 
VAL H2   H N N 403 
VAL HA   H N N 404 
VAL HB   H N N 405 
VAL HG11 H N N 406 
VAL HG12 H N N 407 
VAL HG13 H N N 408 
VAL HG21 H N N 409 
VAL HG22 H N N 410 
VAL HG23 H N N 411 
VAL HXT  H N N 412 
# 
loop_
_chem_comp_bond.comp_id 
_chem_comp_bond.atom_id_1 
_chem_comp_bond.atom_id_2 
_chem_comp_bond.value_order 
_chem_comp_bond.pdbx_aromatic_flag 
_chem_comp_bond.pdbx_stereo_config 
_chem_comp_bond.pdbx_ordinal 
ALA N   CA   sing N N 1   
ALA N   H    sing N N 2   
ALA N   H2   sing N N 3   
ALA CA  C    sing N N 4   
ALA CA  CB   sing N N 5   
ALA CA  HA   sing N N 6   
ALA C   O    doub N N 7   
ALA C   OXT  sing N N 8   
ALA CB  HB1  sing N N 9   
ALA CB  HB2  sing N N 10  
ALA CB  HB3  sing N N 11  
ALA OXT HXT  sing N N 12  
ARG N   CA   sing N N 13  
ARG N   H    sing N N 14  
ARG N   H2   sing N N 15  
ARG CA  C    sing N N 16  
ARG CA  CB   sing N N 17  
ARG CA  HA   sing N N 18  
ARG C   O    doub N N 19  
ARG C   OXT  sing N N 20  
ARG CB  CG   sing N N 21  
ARG CB  HB2  sing N N 22  
ARG CB  HB3  sing N N 23  
ARG CG  CD   sing N N 24  
ARG CG  HG2  sing N N 25  
ARG CG  HG3  sing N N 26  
ARG CD  NE   sing N N 27  
ARG CD  HD2  sing N N 28  
ARG CD  HD3  sing N N 29  
ARG NE  CZ   sing N N 30  
ARG NE  HE   sing N N 31  
ARG CZ  NH1  sing N N 32  
ARG CZ  NH2  doub N N 33  
ARG NH1 HH11 sing N N 34  
ARG NH1 HH12 sing N N 35  
ARG NH2 HH21 sing N N 36  
ARG NH2 HH22 sing N N 37  
ARG OXT HXT  sing N N 38  
ASN N   CA   sing N N 39  
ASN N   H    sing N N 40  
ASN N   H2   sing N N 41  
ASN CA  C    sing N N 42  
ASN CA  CB   sing N N 43  
ASN CA  HA   sing N N 44  
ASN C   O    doub N N 45  
ASN C   OXT  sing N N 46  
ASN CB  CG   sing N N 47  
ASN CB  HB2  sing N N 48  
ASN CB  HB3  sing N N 49  
ASN CG  OD1  doub N N 50  
ASN CG  ND2  sing N N 51  
ASN ND2 HD21 sing N N 52  
ASN ND2 HD22 sing N N 53  
ASN OXT HXT  sing N N 54  
ASP N   CA   sing N N 55  
ASP N   H    sing N N 56  
ASP N   H2   sing N N 57  
ASP CA  C    sing N N 58  
ASP CA  CB   sing N N 59  
ASP CA  HA   sing N N 60  
ASP C   O    doub N N 61  
ASP C   OXT  sing N N 62  
ASP CB  CG   sing N N 63  
ASP CB  HB2  sing N N 64  
ASP CB  HB3  sing N N 65  
ASP CG  OD1  doub N N 66  
ASP CG  OD2  sing N N 67  
ASP OD2 HD2  sing N N 68  
ASP OXT HXT  sing N N 69  
CYS N   CA   sing N N 70  
CYS N   H    sing N N 71  
CYS N   H2   sing N N 72  
CYS CA  C    sing N N 73  
CYS CA  CB   sing N N 74  
CYS CA  HA   sing N N 75  
CYS C   O    doub N N 76  
CYS C   OXT  sing N N 77  
CYS CB  SG   sing N N 78  
CYS CB  HB2  sing N N 79  
CYS CB  HB3  sing N N 80  
CYS SG  HG   sing N N 81  
CYS OXT HXT  sing N N 82  
GLN N   CA   sing N N 83  
GLN N   H    sing N N 84  
GLN N   H2   sing N N 85  
GLN CA  C    sing N N 86  
GLN CA  CB   sing N N 87  
GLN CA  HA   sing N N 88  
GLN C   O    doub N N 89  
GLN C   OXT  sing N N 90  
GLN CB  CG   sing N N 91  
GLN CB  HB2  sing N N 92  
GLN CB  HB3  sing N N 93  
GLN CG  CD   sing N N 94  
GLN CG  HG2  sing N N 95  
GLN CG  HG3  sing N N 96  
GLN CD  OE1  doub N N 97  
GLN CD  NE2  sing N N 98  
GLN NE2 HE21 sing N N 99  
GLN NE2 HE22 sing N N 100 
GLN OXT HXT  sing N N 101 
GLU N   CA   sing N N 102 
GLU N   H    sing N N 103 
GLU N   H2   sing N N 104 
GLU CA  C    sing N N 105 
GLU CA  CB   sing N N 106 
GLU CA  HA   sing N N 107 
GLU C   O    doub N N 108 
GLU C   OXT  sing N N 109 
GLU CB  CG   sing N N 110 
GLU CB  HB2  sing N N 111 
GLU CB  HB3  sing N N 112 
GLU CG  CD   sing N N 113 
GLU CG  HG2  sing N N 114 
GLU CG  HG3  sing N N 115 
GLU CD  OE1  doub N N 116 
GLU CD  OE2  sing N N 117 
GLU OE2 HE2  sing N N 118 
GLU OXT HXT  sing N N 119 
GLY N   CA   sing N N 120 
GLY N   H    sing N N 121 
GLY N   H2   sing N N 122 
GLY CA  C    sing N N 123 
GLY CA  HA2  sing N N 124 
GLY CA  HA3  sing N N 125 
GLY C   O    doub N N 126 
GLY C   OXT  sing N N 127 
GLY OXT HXT  sing N N 128 
HIS N   CA   sing N N 129 
HIS N   H    sing N N 130 
HIS N   H2   sing N N 131 
HIS CA  C    sing N N 132 
HIS CA  CB   sing N N 133 
HIS CA  HA   sing N N 134 
HIS C   O    doub N N 135 
HIS C   OXT  sing N N 136 
HIS CB  CG   sing N N 137 
HIS CB  HB2  sing N N 138 
HIS CB  HB3  sing N N 139 
HIS CG  ND1  sing Y N 140 
HIS CG  CD2  doub Y N 141 
HIS ND1 CE1  doub Y N 142 
HIS ND1 HD1  sing N N 143 
HIS CD2 NE2  sing Y N 144 
HIS CD2 HD2  sing N N 145 
HIS CE1 NE2  sing Y N 146 
HIS CE1 HE1  sing N N 147 
HIS NE2 HE2  sing N N 148 
HIS OXT HXT  sing N N 149 
HOH O   H1   sing N N 150 
HOH O   H2   sing N N 151 
ILE N   CA   sing N N 152 
ILE N   H    sing N N 153 
ILE N   H2   sing N N 154 
ILE CA  C    sing N N 155 
ILE CA  CB   sing N N 156 
ILE CA  HA   sing N N 157 
ILE C   O    doub N N 158 
ILE C   OXT  sing N N 159 
ILE CB  CG1  sing N N 160 
ILE CB  CG2  sing N N 161 
ILE CB  HB   sing N N 162 
ILE CG1 CD1  sing N N 163 
ILE CG1 HG12 sing N N 164 
ILE CG1 HG13 sing N N 165 
ILE CG2 HG21 sing N N 166 
ILE CG2 HG22 sing N N 167 
ILE CG2 HG23 sing N N 168 
ILE CD1 HD11 sing N N 169 
ILE CD1 HD12 sing N N 170 
ILE CD1 HD13 sing N N 171 
ILE OXT HXT  sing N N 172 
LEU N   CA   sing N N 173 
LEU N   H    sing N N 174 
LEU N   H2   sing N N 175 
LEU CA  C    sing N N 176 
LEU CA  CB   sing N N 177 
LEU CA  HA   sing N N 178 
LEU C   O    doub N N 179 
LEU C   OXT  sing N N 180 
LEU CB  CG   sing N N 181 
LEU CB  HB2  sing N N 182 
LEU CB  HB3  sing N N 183 
LEU CG  CD1  sing N N 184 
LEU CG  CD2  sing N N 185 
LEU CG  HG   sing N N 186 
LEU CD1 HD11 sing N N 187 
LEU CD1 HD12 sing N N 188 
LEU CD1 HD13 sing N N 189 
LEU CD2 HD21 sing N N 190 
LEU CD2 HD22 sing N N 191 
LEU CD2 HD23 sing N N 192 
LEU OXT HXT  sing N N 193 
LYS N   CA   sing N N 194 
LYS N   H    sing N N 195 
LYS N   H2   sing N N 196 
LYS CA  C    sing N N 197 
LYS CA  CB   sing N N 198 
LYS CA  HA   sing N N 199 
LYS C   O    doub N N 200 
LYS C   OXT  sing N N 201 
LYS CB  CG   sing N N 202 
LYS CB  HB2  sing N N 203 
LYS CB  HB3  sing N N 204 
LYS CG  CD   sing N N 205 
LYS CG  HG2  sing N N 206 
LYS CG  HG3  sing N N 207 
LYS CD  CE   sing N N 208 
LYS CD  HD2  sing N N 209 
LYS CD  HD3  sing N N 210 
LYS CE  NZ   sing N N 211 
LYS CE  HE2  sing N N 212 
LYS CE  HE3  sing N N 213 
LYS NZ  HZ1  sing N N 214 
LYS NZ  HZ2  sing N N 215 
LYS NZ  HZ3  sing N N 216 
LYS OXT HXT  sing N N 217 
MET N   CA   sing N N 218 
MET N   H    sing N N 219 
MET N   H2   sing N N 220 
MET CA  C    sing N N 221 
MET CA  CB   sing N N 222 
MET CA  HA   sing N N 223 
MET C   O    doub N N 224 
MET C   OXT  sing N N 225 
MET CB  CG   sing N N 226 
MET CB  HB2  sing N N 227 
MET CB  HB3  sing N N 228 
MET CG  SD   sing N N 229 
MET CG  HG2  sing N N 230 
MET CG  HG3  sing N N 231 
MET SD  CE   sing N N 232 
MET CE  HE1  sing N N 233 
MET CE  HE2  sing N N 234 
MET CE  HE3  sing N N 235 
MET OXT HXT  sing N N 236 
MPD C1  C2   sing N N 237 
MPD C1  H11  sing N N 238 
MPD C1  H12  sing N N 239 
MPD C1  H13  sing N N 240 
MPD C2  O2   sing N N 241 
MPD C2  CM   sing N N 242 
MPD C2  C3   sing N N 243 
MPD O2  HO2  sing N N 244 
MPD CM  HM1  sing N N 245 
MPD CM  HM2  sing N N 246 
MPD CM  HM3  sing N N 247 
MPD C3  C4   sing N N 248 
MPD C3  H31  sing N N 249 
MPD C3  H32  sing N N 250 
MPD C4  O4   sing N N 251 
MPD C4  C5   sing N N 252 
MPD C4  H4   sing N N 253 
MPD O4  HO4  sing N N 254 
MPD C5  H51  sing N N 255 
MPD C5  H52  sing N N 256 
MPD C5  H53  sing N N 257 
PHE N   CA   sing N N 258 
PHE N   H    sing N N 259 
PHE N   H2   sing N N 260 
PHE CA  C    sing N N 261 
PHE CA  CB   sing N N 262 
PHE CA  HA   sing N N 263 
PHE C   O    doub N N 264 
PHE C   OXT  sing N N 265 
PHE CB  CG   sing N N 266 
PHE CB  HB2  sing N N 267 
PHE CB  HB3  sing N N 268 
PHE CG  CD1  doub Y N 269 
PHE CG  CD2  sing Y N 270 
PHE CD1 CE1  sing Y N 271 
PHE CD1 HD1  sing N N 272 
PHE CD2 CE2  doub Y N 273 
PHE CD2 HD2  sing N N 274 
PHE CE1 CZ   doub Y N 275 
PHE CE1 HE1  sing N N 276 
PHE CE2 CZ   sing Y N 277 
PHE CE2 HE2  sing N N 278 
PHE CZ  HZ   sing N N 279 
PHE OXT HXT  sing N N 280 
PRO N   CA   sing N N 281 
PRO N   CD   sing N N 282 
PRO N   H    sing N N 283 
PRO CA  C    sing N N 284 
PRO CA  CB   sing N N 285 
PRO CA  HA   sing N N 286 
PRO C   O    doub N N 287 
PRO C   OXT  sing N N 288 
PRO CB  CG   sing N N 289 
PRO CB  HB2  sing N N 290 
PRO CB  HB3  sing N N 291 
PRO CG  CD   sing N N 292 
PRO CG  HG2  sing N N 293 
PRO CG  HG3  sing N N 294 
PRO CD  HD2  sing N N 295 
PRO CD  HD3  sing N N 296 
PRO OXT HXT  sing N N 297 
SER N   CA   sing N N 298 
SER N   H    sing N N 299 
SER N   H2   sing N N 300 
SER CA  C    sing N N 301 
SER CA  CB   sing N N 302 
SER CA  HA   sing N N 303 
SER C   O    doub N N 304 
SER C   OXT  sing N N 305 
SER CB  OG   sing N N 306 
SER CB  HB2  sing N N 307 
SER CB  HB3  sing N N 308 
SER OG  HG   sing N N 309 
SER OXT HXT  sing N N 310 
THR N   CA   sing N N 311 
THR N   H    sing N N 312 
THR N   H2   sing N N 313 
THR CA  C    sing N N 314 
THR CA  CB   sing N N 315 
THR CA  HA   sing N N 316 
THR C   O    doub N N 317 
THR C   OXT  sing N N 318 
THR CB  OG1  sing N N 319 
THR CB  CG2  sing N N 320 
THR CB  HB   sing N N 321 
THR OG1 HG1  sing N N 322 
THR CG2 HG21 sing N N 323 
THR CG2 HG22 sing N N 324 
THR CG2 HG23 sing N N 325 
THR OXT HXT  sing N N 326 
TRP N   CA   sing N N 327 
TRP N   H    sing N N 328 
TRP N   H2   sing N N 329 
TRP CA  C    sing N N 330 
TRP CA  CB   sing N N 331 
TRP CA  HA   sing N N 332 
TRP C   O    doub N N 333 
TRP C   OXT  sing N N 334 
TRP CB  CG   sing N N 335 
TRP CB  HB2  sing N N 336 
TRP CB  HB3  sing N N 337 
TRP CG  CD1  doub Y N 338 
TRP CG  CD2  sing Y N 339 
TRP CD1 NE1  sing Y N 340 
TRP CD1 HD1  sing N N 341 
TRP CD2 CE2  doub Y N 342 
TRP CD2 CE3  sing Y N 343 
TRP NE1 CE2  sing Y N 344 
TRP NE1 HE1  sing N N 345 
TRP CE2 CZ2  sing Y N 346 
TRP CE3 CZ3  doub Y N 347 
TRP CE3 HE3  sing N N 348 
TRP CZ2 CH2  doub Y N 349 
TRP CZ2 HZ2  sing N N 350 
TRP CZ3 CH2  sing Y N 351 
TRP CZ3 HZ3  sing N N 352 
TRP CH2 HH2  sing N N 353 
TRP OXT HXT  sing N N 354 
TYR N   CA   sing N N 355 
TYR N   H    sing N N 356 
TYR N   H2   sing N N 357 
TYR CA  C    sing N N 358 
TYR CA  CB   sing N N 359 
TYR CA  HA   sing N N 360 
TYR C   O    doub N N 361 
TYR C   OXT  sing N N 362 
TYR CB  CG   sing N N 363 
TYR CB  HB2  sing N N 364 
TYR CB  HB3  sing N N 365 
TYR CG  CD1  doub Y N 366 
TYR CG  CD2  sing Y N 367 
TYR CD1 CE1  sing Y N 368 
TYR CD1 HD1  sing N N 369 
TYR CD2 CE2  doub Y N 370 
TYR CD2 HD2  sing N N 371 
TYR CE1 CZ   doub Y N 372 
TYR CE1 HE1  sing N N 373 
TYR CE2 CZ   sing Y N 374 
TYR CE2 HE2  sing N N 375 
TYR CZ  OH   sing N N 376 
TYR OH  HH   sing N N 377 
TYR OXT HXT  sing N N 378 
VAL N   CA   sing N N 379 
VAL N   H    sing N N 380 
VAL N   H2   sing N N 381 
VAL CA  C    sing N N 382 
VAL CA  CB   sing N N 383 
VAL CA  HA   sing N N 384 
VAL C   O    doub N N 385 
VAL C   OXT  sing N N 386 
VAL CB  CG1  sing N N 387 
VAL CB  CG2  sing N N 388 
VAL CB  HB   sing N N 389 
VAL CG1 HG11 sing N N 390 
VAL CG1 HG12 sing N N 391 
VAL CG1 HG13 sing N N 392 
VAL CG2 HG21 sing N N 393 
VAL CG2 HG22 sing N N 394 
VAL CG2 HG23 sing N N 395 
VAL OXT HXT  sing N N 396 
# 
_pdbx_initial_refinement_model.id               1 
_pdbx_initial_refinement_model.entity_id_list   ? 
_pdbx_initial_refinement_model.type             'experimental model' 
_pdbx_initial_refinement_model.source_name      PDB 
_pdbx_initial_refinement_model.accession_code   1HCV 
_pdbx_initial_refinement_model.details          'PDB entry 1HCV' 
# 
_atom_sites.entry_id                    1SJX 
_atom_sites.fract_transf_matrix[1][1]   0.00805668 
_atom_sites.fract_transf_matrix[1][2]   0.00116233 
_atom_sites.fract_transf_matrix[1][3]   0.01397363 
_atom_sites.fract_transf_matrix[2][1]   0.00596135 
_atom_sites.fract_transf_matrix[2][2]   -0.01329001 
_atom_sites.fract_transf_matrix[2][3]   0.00702648 
_atom_sites.fract_transf_matrix[3][1]   0.01143715 
_atom_sites.fract_transf_matrix[3][2]   0.00157459 
_atom_sites.fract_transf_matrix[3][3]   -0.00672521 
_atom_sites.fract_transf_vector[1]      0.369013 
_atom_sites.fract_transf_vector[2]      0.798914 
_atom_sites.fract_transf_vector[3]      0.075376 
# 
loop_
_atom_type.symbol 
C 
N 
O 
S 
# 
loop_
_atom_site.group_PDB 
_atom_site.id 
_atom_site.type_symbol 
_atom_site.label_atom_id 
_atom_site.label_alt_id 
_atom_site.label_comp_id 
_atom_site.label_asym_id 
_atom_site.label_entity_id 
_atom_site.label_seq_id 
_atom_site.pdbx_PDB_ins_code 
_atom_site.Cartn_x 
_atom_site.Cartn_y 
_atom_site.Cartn_z 
_atom_site.occupancy 
_atom_site.B_iso_or_equiv 
_atom_site.pdbx_formal_charge 
_atom_site.auth_seq_id 
_atom_site.auth_comp_id 
_atom_site.auth_asym_id 
_atom_site.auth_atom_id 
_atom_site.pdbx_PDB_model_num 
ATOM   1    N N   . GLN A 1 1   ? -7.462  -15.714 11.055  1.00 20.23 ? 801  GLN A N   1 
ATOM   2    C CA  . GLN A 1 1   ? -7.182  -14.957 9.810   1.00 18.99 ? 801  GLN A CA  1 
ATOM   3    C C   . GLN A 1 1   ? -7.419  -13.470 9.946   1.00 18.05 ? 801  GLN A C   1 
ATOM   4    O O   . GLN A 1 1   ? -7.860  -12.982 10.985  1.00 17.10 ? 801  GLN A O   1 
ATOM   5    C CB  . GLN A 1 1   ? -7.954  -15.530 8.635   1.00 18.73 ? 801  GLN A CB  1 
ATOM   6    C CG  . GLN A 1 1   ? -7.548  -16.954 8.394   1.00 22.08 ? 801  GLN A CG  1 
ATOM   7    C CD  . GLN A 1 1   ? -7.182  -17.239 6.975   1.00 24.45 ? 801  GLN A CD  1 
ATOM   8    O OE1 . GLN A 1 1   ? -7.689  -16.610 6.065   1.00 27.43 ? 801  GLN A OE1 1 
ATOM   9    N NE2 . GLN A 1 1   ? -6.311  -18.223 6.773   1.00 29.00 ? 801  GLN A NE2 1 
ATOM   10   N N   . VAL A 1 2   ? -7.084  -12.764 8.871   1.00 17.31 ? 802  VAL A N   1 
ATOM   11   C CA  . VAL A 1 2   ? -6.859  -11.335 8.891   1.00 17.12 ? 802  VAL A CA  1 
ATOM   12   C C   . VAL A 1 2   ? -7.607  -10.727 7.712   1.00 17.44 ? 802  VAL A C   1 
ATOM   13   O O   . VAL A 1 2   ? -7.675  -11.325 6.631   1.00 17.47 ? 802  VAL A O   1 
ATOM   14   C CB  . VAL A 1 2   ? -5.327  -11.035 8.775   1.00 17.01 ? 802  VAL A CB  1 
ATOM   15   C CG1 . VAL A 1 2   ? -5.056  -9.555  8.510   1.00 16.86 ? 802  VAL A CG1 1 
ATOM   16   C CG2 . VAL A 1 2   ? -4.577  -11.510 10.029  1.00 16.43 ? 802  VAL A CG2 1 
ATOM   17   N N   . GLN A 1 3   ? -8.173  -9.546  7.922   1.00 17.68 ? 803  GLN A N   1 
ATOM   18   C CA  . GLN A 1 3   ? -8.801  -8.801  6.843   1.00 18.16 ? 803  GLN A CA  1 
ATOM   19   C C   . GLN A 1 3   ? -8.132  -7.440  6.703   1.00 18.01 ? 803  GLN A C   1 
ATOM   20   O O   . GLN A 1 3   ? -7.691  -6.839  7.690   1.00 17.30 ? 803  GLN A O   1 
ATOM   21   C CB  . GLN A 1 3   ? -10.319 -8.669  7.058   1.00 18.55 ? 803  GLN A CB  1 
ATOM   22   C CG  . GLN A 1 3   ? -11.031 -10.004 7.376   1.00 20.61 ? 803  GLN A CG  1 
ATOM   23   C CD  . GLN A 1 3   ? -11.006 -10.364 8.872   1.00 23.62 ? 803  GLN A CD  1 
ATOM   24   O OE1 . GLN A 1 3   ? -10.590 -11.472 9.255   1.00 25.46 ? 803  GLN A OE1 1 
ATOM   25   N NE2 . GLN A 1 3   ? -11.453 -9.434  9.712   1.00 24.75 ? 803  GLN A NE2 1 
ATOM   26   N N   . LEU A 1 4   ? -8.056  -6.972  5.460   1.00 17.96 ? 804  LEU A N   1 
ATOM   27   C CA  . LEU A 1 4   ? -7.369  -5.731  5.122   1.00 18.31 ? 804  LEU A CA  1 
ATOM   28   C C   . LEU A 1 4   ? -8.367  -4.851  4.392   1.00 18.71 ? 804  LEU A C   1 
ATOM   29   O O   . LEU A 1 4   ? -9.036  -5.314  3.475   1.00 18.43 ? 804  LEU A O   1 
ATOM   30   C CB  . LEU A 1 4   ? -6.176  -6.026  4.198   1.00 17.88 ? 804  LEU A CB  1 
ATOM   31   C CG  . LEU A 1 4   ? -4.743  -6.262  4.703   1.00 18.65 ? 804  LEU A CG  1 
ATOM   32   C CD1 . LEU A 1 4   ? -4.639  -6.678  6.160   1.00 15.71 ? 804  LEU A CD1 1 
ATOM   33   C CD2 . LEU A 1 4   ? -3.954  -7.221  3.800   1.00 16.06 ? 804  LEU A CD2 1 
ATOM   34   N N   . GLN A 1 5   ? -8.472  -3.593  4.793   1.00 18.98 ? 805  GLN A N   1 
ATOM   35   C CA  . GLN A 1 5   ? -9.414  -2.694  4.141   1.00 20.01 ? 805  GLN A CA  1 
ATOM   36   C C   . GLN A 1 5   ? -8.766  -1.348  3.807   1.00 19.88 ? 805  GLN A C   1 
ATOM   37   O O   . GLN A 1 5   ? -8.363  -0.598  4.713   1.00 20.17 ? 805  GLN A O   1 
ATOM   38   C CB  . GLN A 1 5   ? -10.684 -2.532  4.988   1.00 19.99 ? 805  GLN A CB  1 
ATOM   39   C CG  . GLN A 1 5   ? -11.785 -1.699  4.327   1.00 23.17 ? 805  GLN A CG  1 
ATOM   40   C CD  . GLN A 1 5   ? -12.234 -2.246  2.968   1.00 25.70 ? 805  GLN A CD  1 
ATOM   41   O OE1 . GLN A 1 5   ? -12.984 -3.217  2.914   1.00 28.13 ? 805  GLN A OE1 1 
ATOM   42   N NE2 . GLN A 1 5   ? -11.772 -1.622  1.877   1.00 25.85 ? 805  GLN A NE2 1 
ATOM   43   N N   . GLU A 1 6   ? -8.654  -1.083  2.505   1.00 19.30 ? 806  GLU A N   1 
ATOM   44   C CA  . GLU A 1 6   ? -8.063  0.143   1.982   1.00 19.21 ? 806  GLU A CA  1 
ATOM   45   C C   . GLU A 1 6   ? -9.088  1.256   1.909   1.00 18.78 ? 806  GLU A C   1 
ATOM   46   O O   . GLU A 1 6   ? -10.286 0.999   1.744   1.00 19.23 ? 806  GLU A O   1 
ATOM   47   C CB  . GLU A 1 6   ? -7.500  -0.070  0.572   1.00 19.45 ? 806  GLU A CB  1 
ATOM   48   C CG  . GLU A 1 6   ? -6.396  -1.116  0.462   1.00 20.55 ? 806  GLU A CG  1 
ATOM   49   C CD  . GLU A 1 6   ? -6.906  -2.393  -0.156  1.00 22.36 ? 806  GLU A CD  1 
ATOM   50   O OE1 . GLU A 1 6   ? -8.120  -2.660  -0.009  1.00 25.80 ? 806  GLU A OE1 1 
ATOM   51   O OE2 . GLU A 1 6   ? -6.116  -3.131  -0.775  1.00 21.16 ? 806  GLU A OE2 1 
ATOM   52   N N   . SER A 1 7   ? -8.609  2.490   2.022   1.00 17.71 ? 807  SER A N   1 
ATOM   53   C CA  . SER A 1 7   ? -9.424  3.672   1.785   1.00 17.40 ? 807  SER A CA  1 
ATOM   54   C C   . SER A 1 7   ? -8.508  4.860   1.519   1.00 17.43 ? 807  SER A C   1 
ATOM   55   O O   . SER A 1 7   ? -7.285  4.755   1.655   1.00 16.88 ? 807  SER A O   1 
ATOM   56   C CB  . SER A 1 7   ? -10.339 3.953   2.978   1.00 16.93 ? 807  SER A CB  1 
ATOM   57   O OG  . SER A 1 7   ? -9.585  4.181   4.145   1.00 16.01 ? 807  SER A OG  1 
ATOM   58   N N   . GLY A 1 8   ? -9.096  5.989   1.145   1.00 17.30 ? 808  GLY A N   1 
ATOM   59   C CA  . GLY A 1 8   ? -8.301  7.174   0.861   1.00 17.27 ? 808  GLY A CA  1 
ATOM   60   C C   . GLY A 1 8   ? -7.979  7.395   -0.607  1.00 17.19 ? 808  GLY A C   1 
ATOM   61   O O   . GLY A 1 8   ? -7.326  8.389   -0.946  1.00 18.02 ? 808  GLY A O   1 
ATOM   62   N N   . GLY A 1 9   ? -8.430  6.494   -1.482  1.00 16.47 ? 809  GLY A N   1 
ATOM   63   C CA  . GLY A 1 9   ? -8.255  6.675   -2.915  1.00 16.24 ? 809  GLY A CA  1 
ATOM   64   C C   . GLY A 1 9   ? -9.069  7.837   -3.459  1.00 16.51 ? 809  GLY A C   1 
ATOM   65   O O   . GLY A 1 9   ? -9.845  8.474   -2.728  1.00 16.60 ? 809  GLY A O   1 
ATOM   66   N N   . GLY A 1 10  ? -8.898  8.115   -4.749  1.00 16.17 ? 810  GLY A N   1 
ATOM   67   C CA  . GLY A 1 10  ? -9.671  9.143   -5.405  1.00 16.34 ? 810  GLY A CA  1 
ATOM   68   C C   . GLY A 1 10  ? -8.957  9.834   -6.551  1.00 16.59 ? 810  GLY A C   1 
ATOM   69   O O   . GLY A 1 10  ? -8.019  9.294   -7.141  1.00 16.03 ? 810  GLY A O   1 
ATOM   70   N N   . LEU A 1 11  ? -9.424  11.044  -6.854  1.00 16.76 ? 811  LEU A N   1 
ATOM   71   C CA  . LEU A 1 11  ? -8.933  11.832  -7.968  1.00 17.06 ? 811  LEU A CA  1 
ATOM   72   C C   . LEU A 1 11  ? -8.085  13.014  -7.480  1.00 17.91 ? 811  LEU A C   1 
ATOM   73   O O   . LEU A 1 11  ? -8.502  13.779  -6.610  1.00 17.40 ? 811  LEU A O   1 
ATOM   74   C CB  . LEU A 1 11  ? -10.119 12.330  -8.798  1.00 16.65 ? 811  LEU A CB  1 
ATOM   75   C CG  . LEU A 1 11  ? -9.895  13.367  -9.899  1.00 16.16 ? 811  LEU A CG  1 
ATOM   76   C CD1 . LEU A 1 11  ? -9.210  12.698  -11.082 1.00 15.29 ? 811  LEU A CD1 1 
ATOM   77   C CD2 . LEU A 1 11  ? -11.232 14.022  -10.323 1.00 15.43 ? 811  LEU A CD2 1 
ATOM   78   N N   . VAL A 1 12  ? -6.903  13.163  -8.063  1.00 19.05 ? 812  VAL A N   1 
ATOM   79   C CA  . VAL A 1 12  ? -6.002  14.250  -7.698  1.00 20.65 ? 812  VAL A CA  1 
ATOM   80   C C   . VAL A 1 12  ? -5.327  14.785  -8.956  1.00 21.59 ? 812  VAL A C   1 
ATOM   81   O O   . VAL A 1 12  ? -5.067  14.030  -9.895  1.00 22.19 ? 812  VAL A O   1 
ATOM   82   C CB  . VAL A 1 12  ? -4.970  13.783  -6.621  1.00 20.80 ? 812  VAL A CB  1 
ATOM   83   C CG1 . VAL A 1 12  ? -4.195  12.584  -7.097  1.00 20.59 ? 812  VAL A CG1 1 
ATOM   84   C CG2 . VAL A 1 12  ? -4.033  14.901  -6.212  1.00 21.61 ? 812  VAL A CG2 1 
ATOM   85   N N   . GLN A 1 13  ? -5.093  16.096  -8.986  1.00 22.76 ? 813  GLN A N   1 
ATOM   86   C CA  . GLN A 1 13  ? -4.351  16.747  -10.062 1.00 23.28 ? 813  GLN A CA  1 
ATOM   87   C C   . GLN A 1 13  ? -2.883  16.344  -10.012 1.00 22.69 ? 813  GLN A C   1 
ATOM   88   O O   . GLN A 1 13  ? -2.312  16.206  -8.927  1.00 21.96 ? 813  GLN A O   1 
ATOM   89   C CB  . GLN A 1 13  ? -4.463  18.269  -9.939  1.00 23.86 ? 813  GLN A CB  1 
ATOM   90   C CG  . GLN A 1 13  ? -5.858  18.818  -10.273 1.00 27.40 ? 813  GLN A CG  1 
ATOM   91   C CD  . GLN A 1 13  ? -5.852  20.295  -10.655 1.00 31.43 ? 813  GLN A CD  1 
ATOM   92   O OE1 . GLN A 1 13  ? -6.527  20.694  -11.609 1.00 33.29 ? 813  GLN A OE1 1 
ATOM   93   N NE2 . GLN A 1 13  ? -5.098  21.110  -9.910  1.00 32.90 ? 813  GLN A NE2 1 
ATOM   94   N N   . ALA A 1 14  ? -2.282  16.168  -11.192 1.00 22.69 ? 814  ALA A N   1 
ATOM   95   C CA  . ALA A 1 14  ? -0.847  15.891  -11.300 1.00 22.50 ? 814  ALA A CA  1 
ATOM   96   C C   . ALA A 1 14  ? -0.055  16.907  -10.477 1.00 22.53 ? 814  ALA A C   1 
ATOM   97   O O   . ALA A 1 14  ? -0.357  18.110  -10.507 1.00 22.28 ? 814  ALA A O   1 
ATOM   98   C CB  . ALA A 1 14  ? -0.404  15.913  -12.759 1.00 22.74 ? 814  ALA A CB  1 
ATOM   99   N N   . GLY A 1 15  ? 0.929   16.417  -9.725  1.00 22.31 ? 815  GLY A N   1 
ATOM   100  C CA  . GLY A 1 15  ? 1.706   17.256  -8.829  1.00 22.58 ? 815  GLY A CA  1 
ATOM   101  C C   . GLY A 1 15  ? 1.171   17.269  -7.405  1.00 22.96 ? 815  GLY A C   1 
ATOM   102  O O   . GLY A 1 15  ? 1.899   17.626  -6.474  1.00 23.21 ? 815  GLY A O   1 
ATOM   103  N N   . GLY A 1 16  ? -0.090  16.862  -7.232  1.00 23.01 ? 816  GLY A N   1 
ATOM   104  C CA  . GLY A 1 16  ? -0.736  16.815  -5.926  1.00 23.04 ? 816  GLY A CA  1 
ATOM   105  C C   . GLY A 1 16  ? -0.326  15.632  -5.056  1.00 23.47 ? 816  GLY A C   1 
ATOM   106  O O   . GLY A 1 16  ? 0.528   14.821  -5.439  1.00 23.20 ? 816  GLY A O   1 
ATOM   107  N N   . SER A 1 17  ? -0.958  15.536  -3.887  1.00 23.83 ? 817  SER A N   1 
ATOM   108  C CA  . SER A 1 17  ? -0.651  14.523  -2.879  1.00 24.24 ? 817  SER A CA  1 
ATOM   109  C C   . SER A 1 17  ? -1.894  13.725  -2.479  1.00 24.23 ? 817  SER A C   1 
ATOM   110  O O   . SER A 1 17  ? -3.020  14.216  -2.593  1.00 23.81 ? 817  SER A O   1 
ATOM   111  C CB  . SER A 1 17  ? -0.071  15.190  -1.632  1.00 24.31 ? 817  SER A CB  1 
ATOM   112  O OG  . SER A 1 17  ? 1.275   15.572  -1.842  1.00 26.32 ? 817  SER A OG  1 
ATOM   113  N N   . LEU A 1 18  ? -1.673  12.508  -1.981  1.00 23.98 ? 818  LEU A N   1 
ATOM   114  C CA  . LEU A 1 18  ? -2.753  11.624  -1.530  1.00 24.27 ? 818  LEU A CA  1 
ATOM   115  C C   . LEU A 1 18  ? -2.217  10.622  -0.514  1.00 23.63 ? 818  LEU A C   1 
ATOM   116  O O   . LEU A 1 18  ? -1.137  10.061  -0.702  1.00 23.62 ? 818  LEU A O   1 
ATOM   117  C CB  . LEU A 1 18  ? -3.324  10.837  -2.712  1.00 24.72 ? 818  LEU A CB  1 
ATOM   118  C CG  . LEU A 1 18  ? -4.780  10.855  -3.155  1.00 26.66 ? 818  LEU A CG  1 
ATOM   119  C CD1 . LEU A 1 18  ? -5.141  9.513   -3.764  1.00 28.36 ? 818  LEU A CD1 1 
ATOM   120  C CD2 . LEU A 1 18  ? -5.759  11.236  -2.043  1.00 28.73 ? 818  LEU A CD2 1 
ATOM   121  N N   . ARG A 1 19  ? -2.988  10.384  0.543   1.00 23.12 ? 819  ARG A N   1 
ATOM   122  C CA  . ARG A 1 19  ? -2.628  9.417   1.569   1.00 22.90 ? 819  ARG A CA  1 
ATOM   123  C C   . ARG A 1 19  ? -3.603  8.239   1.597   1.00 22.14 ? 819  ARG A C   1 
ATOM   124  O O   . ARG A 1 19  ? -4.786  8.414   1.885   1.00 22.29 ? 819  ARG A O   1 
ATOM   125  C CB  . ARG A 1 19  ? -2.584  10.109  2.924   1.00 23.21 ? 819  ARG A CB  1 
ATOM   126  C CG  . ARG A 1 19  ? -2.051  9.257   4.067   1.00 25.16 ? 819  ARG A CG  1 
ATOM   127  C CD  . ARG A 1 19  ? -2.903  9.394   5.312   1.00 27.90 ? 819  ARG A CD  1 
ATOM   128  N NE  . ARG A 1 19  ? -2.137  9.424   6.548   1.00 30.55 ? 819  ARG A NE  1 
ATOM   129  C CZ  . ARG A 1 19  ? -2.691  9.477   7.759   1.00 32.59 ? 819  ARG A CZ  1 
ATOM   130  N NH1 . ARG A 1 19  ? -4.015  9.499   7.895   1.00 32.68 ? 819  ARG A NH1 1 
ATOM   131  N NH2 . ARG A 1 19  ? -1.923  9.501   8.839   1.00 33.33 ? 819  ARG A NH2 1 
ATOM   132  N N   . LEU A 1 20  ? -3.099  7.041   1.304   1.00 20.93 ? 820  LEU A N   1 
ATOM   133  C CA  . LEU A 1 20  ? -3.910  5.822   1.398   1.00 20.03 ? 820  LEU A CA  1 
ATOM   134  C C   . LEU A 1 20  ? -3.776  5.203   2.784   1.00 19.70 ? 820  LEU A C   1 
ATOM   135  O O   . LEU A 1 20  ? -2.720  5.300   3.397   1.00 19.10 ? 820  LEU A O   1 
ATOM   136  C CB  . LEU A 1 20  ? -3.473  4.786   0.362   1.00 19.75 ? 820  LEU A CB  1 
ATOM   137  C CG  . LEU A 1 20  ? -3.430  5.172   -1.109  1.00 19.29 ? 820  LEU A CG  1 
ATOM   138  C CD1 . LEU A 1 20  ? -3.081  3.959   -1.940  1.00 17.71 ? 820  LEU A CD1 1 
ATOM   139  C CD2 . LEU A 1 20  ? -4.754  5.803   -1.565  1.00 18.47 ? 820  LEU A CD2 1 
ATOM   140  N N   . SER A 1 21  ? -4.848  4.564   3.250   1.00 19.08 ? 821  SER A N   1 
ATOM   141  C CA  . SER A 1 21  ? -4.871  3.880   4.539   1.00 19.34 ? 821  SER A CA  1 
ATOM   142  C C   . SER A 1 21  ? -5.282  2.436   4.329   1.00 19.26 ? 821  SER A C   1 
ATOM   143  O O   . SER A 1 21  ? -6.121  2.136   3.476   1.00 19.20 ? 821  SER A O   1 
ATOM   144  C CB  . SER A 1 21  ? -5.856  4.547   5.506   1.00 19.05 ? 821  SER A CB  1 
ATOM   145  O OG  . SER A 1 21  ? -5.491  5.885   5.776   1.00 19.97 ? 821  SER A OG  1 
ATOM   146  N N   . CYS A 1 22  ? -4.667  1.546   5.093   1.00 19.46 ? 822  CYS A N   1 
ATOM   147  C CA  . CYS A 1 22  ? -5.060  0.150   5.125   1.00 19.86 ? 822  CYS A CA  1 
ATOM   148  C C   . CYS A 1 22  ? -5.191  -0.281  6.571   1.00 19.99 ? 822  CYS A C   1 
ATOM   149  O O   . CYS A 1 22  ? -4.207  -0.329  7.311   1.00 19.86 ? 822  CYS A O   1 
ATOM   150  C CB  . CYS A 1 22  ? -4.024  -0.705  4.432   1.00 20.16 ? 822  CYS A CB  1 
ATOM   151  S SG  . CYS A 1 22  ? -4.267  -2.483  4.608   1.00 21.95 ? 822  CYS A SG  1 
ATOM   152  N N   . GLN A 1 23  ? -6.419  -0.570  6.976   1.00 19.93 ? 823  GLN A N   1 
ATOM   153  C CA  . GLN A 1 23  ? -6.674  -1.047  8.317   1.00 19.60 ? 823  GLN A CA  1 
ATOM   154  C C   . GLN A 1 23  ? -6.754  -2.559  8.317   1.00 19.06 ? 823  GLN A C   1 
ATOM   155  O O   . GLN A 1 23  ? -7.503  -3.154  7.537   1.00 18.27 ? 823  GLN A O   1 
ATOM   156  C CB  . GLN A 1 23  ? -7.982  -0.470  8.861   1.00 20.07 ? 823  GLN A CB  1 
ATOM   157  C CG  . GLN A 1 23  ? -8.318  -1.015  10.251  1.00 21.97 ? 823  GLN A CG  1 
ATOM   158  C CD  . GLN A 1 23  ? -8.985  0.002   11.127  1.00 24.36 ? 823  GLN A CD  1 
ATOM   159  O OE1 . GLN A 1 23  ? -8.423  0.425   12.144  1.00 25.88 ? 823  GLN A OE1 1 
ATOM   160  N NE2 . GLN A 1 23  ? -10.191 0.391   10.756  1.00 25.09 ? 823  GLN A NE2 1 
ATOM   161  N N   . ALA A 1 24  ? -5.982  -3.173  9.207   1.00 18.46 ? 824  ALA A N   1 
ATOM   162  C CA  . ALA A 1 24  ? -6.040  -4.603  9.389   1.00 18.20 ? 824  ALA A CA  1 
ATOM   163  C C   . ALA A 1 24  ? -6.967  -4.890  10.559  1.00 18.22 ? 824  ALA A C   1 
ATOM   164  O O   . ALA A 1 24  ? -6.991  -4.138  11.534  1.00 18.26 ? 824  ALA A O   1 
ATOM   165  C CB  . ALA A 1 24  ? -4.642  -5.154  9.663   1.00 18.26 ? 824  ALA A CB  1 
ATOM   166  N N   . SER A 1 25  ? -7.723  -5.981  10.467  1.00 18.02 ? 825  SER A N   1 
ATOM   167  C CA  . SER A 1 25  ? -8.529  -6.454  11.591  1.00 17.93 ? 825  SER A CA  1 
ATOM   168  C C   . SER A 1 25  ? -8.455  -7.970  11.663  1.00 18.00 ? 825  SER A C   1 
ATOM   169  O O   . SER A 1 25  ? -7.928  -8.611  10.749  1.00 18.15 ? 825  SER A O   1 
ATOM   170  C CB  . SER A 1 25  ? -9.986  -5.967  11.500  1.00 18.07 ? 825  SER A CB  1 
ATOM   171  O OG  . SER A 1 25  ? -10.518 -6.149  10.203  1.00 18.42 ? 825  SER A OG  1 
ATOM   172  N N   . GLY A 1 26  ? -8.970  -8.529  12.757  1.00 18.00 ? 826  GLY A N   1 
ATOM   173  C CA  . GLY A 1 26  ? -8.912  -9.954  13.010  1.00 17.98 ? 826  GLY A CA  1 
ATOM   174  C C   . GLY A 1 26  ? -7.694  -10.297 13.842  1.00 18.25 ? 826  GLY A C   1 
ATOM   175  O O   . GLY A 1 26  ? -7.387  -9.616  14.826  1.00 17.75 ? 826  GLY A O   1 
ATOM   176  N N   . ASN A 1 27  ? -6.987  -11.343 13.428  1.00 18.29 ? 827  ASN A N   1 
ATOM   177  C CA  . ASN A 1 27  ? -5.831  -11.843 14.169  1.00 18.75 ? 827  ASN A CA  1 
ATOM   178  C C   . ASN A 1 27  ? -4.522  -11.117 13.817  1.00 18.65 ? 827  ASN A C   1 
ATOM   179  O O   . ASN A 1 27  ? -3.619  -11.676 13.194  1.00 18.17 ? 827  ASN A O   1 
ATOM   180  C CB  . ASN A 1 27  ? -5.721  -13.361 14.019  1.00 18.72 ? 827  ASN A CB  1 
ATOM   181  C CG  . ASN A 1 27  ? -6.907  -14.104 14.663  1.00 20.32 ? 827  ASN A CG  1 
ATOM   182  O OD1 . ASN A 1 27  ? -7.332  -13.789 15.778  1.00 20.84 ? 827  ASN A OD1 1 
ATOM   183  N ND2 . ASN A 1 27  ? -7.439  -15.093 13.956  1.00 21.14 ? 827  ASN A ND2 1 
ATOM   184  N N   . ILE A 1 28  ? -4.457  -9.861  14.255  1.00 18.84 ? 828  ILE A N   1 
ATOM   185  C CA  . ILE A 1 28  ? -3.349  -8.932  14.027  1.00 18.80 ? 828  ILE A CA  1 
ATOM   186  C C   . ILE A 1 28  ? -1.981  -9.521  14.353  1.00 18.05 ? 828  ILE A C   1 
ATOM   187  O O   . ILE A 1 28  ? -1.002  -9.258  13.651  1.00 18.04 ? 828  ILE A O   1 
ATOM   188  C CB  . ILE A 1 28  ? -3.573  -7.633  14.871  1.00 19.30 ? 828  ILE A CB  1 
ATOM   189  C CG1 . ILE A 1 28  ? -4.930  -6.972  14.542  1.00 20.55 ? 828  ILE A CG1 1 
ATOM   190  C CG2 . ILE A 1 28  ? -2.405  -6.634  14.694  1.00 20.03 ? 828  ILE A CG2 1 
ATOM   191  C CD1 . ILE A 1 28  ? -5.197  -6.781  13.044  1.00 21.76 ? 828  ILE A CD1 1 
ATOM   192  N N   . PHE A 1 29  ? -1.923  -10.316 15.415  1.00 17.55 ? 829  PHE A N   1 
ATOM   193  C CA  . PHE A 1 29  ? -0.678  -10.926 15.879  1.00 16.92 ? 829  PHE A CA  1 
ATOM   194  C C   . PHE A 1 29  ? -0.040  -11.861 14.842  1.00 16.77 ? 829  PHE A C   1 
ATOM   195  O O   . PHE A 1 29  ? 1.132   -12.203 14.946  1.00 16.77 ? 829  PHE A O   1 
ATOM   196  C CB  . PHE A 1 29  ? -0.919  -11.667 17.196  1.00 16.93 ? 829  PHE A CB  1 
ATOM   197  C CG  . PHE A 1 29  ? -1.782  -12.891 17.054  1.00 16.63 ? 829  PHE A CG  1 
ATOM   198  C CD1 . PHE A 1 29  ? -1.206  -14.141 16.769  1.00 15.16 ? 829  PHE A CD1 1 
ATOM   199  C CD2 . PHE A 1 29  ? -3.169  -12.803 17.206  1.00 15.99 ? 829  PHE A CD2 1 
ATOM   200  C CE1 . PHE A 1 29  ? -2.000  -15.281 16.637  1.00 14.32 ? 829  PHE A CE1 1 
ATOM   201  C CE2 . PHE A 1 29  ? -3.978  -13.940 17.079  1.00 15.16 ? 829  PHE A CE2 1 
ATOM   202  C CZ  . PHE A 1 29  ? -3.392  -15.180 16.794  1.00 15.04 ? 829  PHE A CZ  1 
ATOM   203  N N   . ARG A 1 30  ? -0.827  -12.268 13.851  1.00 16.16 ? 830  ARG A N   1 
ATOM   204  C CA  . ARG A 1 30  ? -0.373  -13.135 12.776  1.00 15.95 ? 830  ARG A CA  1 
ATOM   205  C C   . ARG A 1 30  ? 0.371   -12.370 11.652  1.00 15.66 ? 830  ARG A C   1 
ATOM   206  O O   . ARG A 1 30  ? 1.074   -12.971 10.833  1.00 15.21 ? 830  ARG A O   1 
ATOM   207  C CB  . ARG A 1 30  ? -1.589  -13.788 12.153  1.00 16.28 ? 830  ARG A CB  1 
ATOM   208  C CG  . ARG A 1 30  ? -2.054  -15.097 12.752  1.00 16.38 ? 830  ARG A CG  1 
ATOM   209  C CD  . ARG A 1 30  ? -2.226  -16.080 11.630  1.00 16.95 ? 830  ARG A CD  1 
ATOM   210  N NE  . ARG A 1 30  ? -3.344  -16.967 11.776  1.00 16.28 ? 830  ARG A NE  1 
ATOM   211  C CZ  . ARG A 1 30  ? -3.596  -17.976 10.959  1.00 14.60 ? 830  ARG A CZ  1 
ATOM   212  N NH1 . ARG A 1 30  ? -2.821  -18.198 9.902   1.00 12.13 ? 830  ARG A NH1 1 
ATOM   213  N NH2 . ARG A 1 30  ? -4.635  -18.756 11.204  1.00 13.62 ? 830  ARG A NH2 1 
ATOM   214  N N   . ILE A 1 31  ? 0.197   -11.055 11.599  1.00 15.27 ? 831  ILE A N   1 
ATOM   215  C CA  . ILE A 1 31  ? 0.831   -10.256 10.547  1.00 15.04 ? 831  ILE A CA  1 
ATOM   216  C C   . ILE A 1 31  ? 2.324   -10.105 10.772  1.00 14.96 ? 831  ILE A C   1 
ATOM   217  O O   . ILE A 1 31  ? 2.766   -9.818  11.887  1.00 14.62 ? 831  ILE A O   1 
ATOM   218  C CB  . ILE A 1 31  ? 0.151   -8.869  10.409  1.00 15.23 ? 831  ILE A CB  1 
ATOM   219  C CG1 . ILE A 1 31  ? -1.321  -9.027  10.023  1.00 15.33 ? 831  ILE A CG1 1 
ATOM   220  C CG2 . ILE A 1 31  ? 0.882   -7.981  9.377   1.00 14.34 ? 831  ILE A CG2 1 
ATOM   221  C CD1 . ILE A 1 31  ? -2.173  -7.791  10.315  1.00 17.08 ? 831  ILE A CD1 1 
ATOM   222  N N   . ASN A 1 32  ? 3.095   -10.335 9.707   1.00 15.14 ? 832  ASN A N   1 
ATOM   223  C CA  . ASN A 1 32  ? 4.520   -10.006 9.697   1.00 15.60 ? 832  ASN A CA  1 
ATOM   224  C C   . ASN A 1 32  ? 4.755   -8.740  8.835   1.00 15.93 ? 832  ASN A C   1 
ATOM   225  O O   . ASN A 1 32  ? 4.350   -7.639  9.242   1.00 15.96 ? 832  ASN A O   1 
ATOM   226  C CB  . ASN A 1 32  ? 5.359   -11.207 9.244   1.00 15.01 ? 832  ASN A CB  1 
ATOM   227  C CG  . ASN A 1 32  ? 6.768   -11.178 9.799   1.00 16.99 ? 832  ASN A CG  1 
ATOM   228  O OD1 . ASN A 1 32  ? 6.966   -11.070 11.018  1.00 18.37 ? 832  ASN A OD1 1 
ATOM   229  N ND2 . ASN A 1 32  ? 7.769   -11.285 8.909   1.00 14.53 ? 832  ASN A ND2 1 
ATOM   230  N N   . ASP A 1 33  ? 5.386   -8.885  7.669   1.00 15.62 ? 833  ASP A N   1 
ATOM   231  C CA  . ASP A 1 33  ? 5.599   -7.747  6.771   1.00 16.44 ? 833  ASP A CA  1 
ATOM   232  C C   . ASP A 1 33  ? 4.273   -7.311  6.149   1.00 16.88 ? 833  ASP A C   1 
ATOM   233  O O   . ASP A 1 33  ? 3.337   -8.118  6.027   1.00 16.54 ? 833  ASP A O   1 
ATOM   234  C CB  . ASP A 1 33  ? 6.581   -8.092  5.640   1.00 15.83 ? 833  ASP A CB  1 
ATOM   235  C CG  . ASP A 1 33  ? 7.987   -8.361  6.139   1.00 17.24 ? 833  ASP A CG  1 
ATOM   236  O OD1 . ASP A 1 33  ? 8.827   -8.785  5.312   1.00 17.36 ? 833  ASP A OD1 1 
ATOM   237  O OD2 . ASP A 1 33  ? 8.349   -8.186  7.330   1.00 16.46 ? 833  ASP A OD2 1 
ATOM   238  N N   . MET A 1 34  ? 4.204   -6.032  5.781   1.00 17.07 ? 834  MET A N   1 
ATOM   239  C CA  . MET A 1 34  ? 3.087   -5.503  5.014   1.00 17.67 ? 834  MET A CA  1 
ATOM   240  C C   . MET A 1 34  ? 3.606   -4.681  3.830   1.00 17.97 ? 834  MET A C   1 
ATOM   241  O O   . MET A 1 34  ? 4.776   -4.277  3.804   1.00 17.56 ? 834  MET A O   1 
ATOM   242  C CB  . MET A 1 34  ? 2.150   -4.683  5.898   1.00 17.77 ? 834  MET A CB  1 
ATOM   243  C CG  . MET A 1 34  ? 1.335   -5.534  6.870   1.00 18.36 ? 834  MET A CG  1 
ATOM   244  S SD  . MET A 1 34  ? 0.002   -4.637  7.702   1.00 19.65 ? 834  MET A SD  1 
ATOM   245  C CE  . MET A 1 34  ? -1.126  -4.459  6.348   1.00 19.94 ? 834  MET A CE  1 
ATOM   246  N N   . GLY A 1 35  ? 2.742   -4.465  2.838   1.00 18.02 ? 835  GLY A N   1 
ATOM   247  C CA  . GLY A 1 35  ? 3.128   -3.698  1.671   1.00 17.96 ? 835  GLY A CA  1 
ATOM   248  C C   . GLY A 1 35  ? 1.984   -3.187  0.820   1.00 17.97 ? 835  GLY A C   1 
ATOM   249  O O   . GLY A 1 35  ? 0.823   -3.563  1.014   1.00 17.63 ? 835  GLY A O   1 
ATOM   250  N N   . TRP A 1 36  ? 2.350   -2.344  -0.142  1.00 17.83 ? 836  TRP A N   1 
ATOM   251  C CA  . TRP A 1 36  ? 1.443   -1.787  -1.117  1.00 18.13 ? 836  TRP A CA  1 
ATOM   252  C C   . TRP A 1 36  ? 1.882   -2.221  -2.499  1.00 18.66 ? 836  TRP A C   1 
ATOM   253  O O   . TRP A 1 36  ? 3.066   -2.120  -2.851  1.00 19.06 ? 836  TRP A O   1 
ATOM   254  C CB  . TRP A 1 36  ? 1.460   -0.260  -1.044  1.00 17.70 ? 836  TRP A CB  1 
ATOM   255  C CG  . TRP A 1 36  ? 0.766   0.293   0.164   1.00 17.73 ? 836  TRP A CG  1 
ATOM   256  C CD1 . TRP A 1 36  ? 1.346   0.694   1.344   1.00 17.81 ? 836  TRP A CD1 1 
ATOM   257  C CD2 . TRP A 1 36  ? -0.636  0.512   0.316   1.00 17.17 ? 836  TRP A CD2 1 
ATOM   258  N NE1 . TRP A 1 36  ? 0.386   1.164   2.210   1.00 17.72 ? 836  TRP A NE1 1 
ATOM   259  C CE2 . TRP A 1 36  ? -0.841  1.068   1.604   1.00 17.65 ? 836  TRP A CE2 1 
ATOM   260  C CE3 . TRP A 1 36  ? -1.751  0.314   -0.517  1.00 17.50 ? 836  TRP A CE3 1 
ATOM   261  C CZ2 . TRP A 1 36  ? -2.109  1.413   2.082   1.00 17.01 ? 836  TRP A CZ2 1 
ATOM   262  C CZ3 . TRP A 1 36  ? -3.006  0.659   -0.043  1.00 17.14 ? 836  TRP A CZ3 1 
ATOM   263  C CH2 . TRP A 1 36  ? -3.175  1.196   1.249   1.00 17.66 ? 836  TRP A CH2 1 
ATOM   264  N N   . TYR A 1 37  ? 0.919   -2.723  -3.259  1.00 18.66 ? 837  TYR A N   1 
ATOM   265  C CA  . TYR A 1 37  ? 1.110   -3.108  -4.640  1.00 18.95 ? 837  TYR A CA  1 
ATOM   266  C C   . TYR A 1 37  ? 0.197   -2.180  -5.440  1.00 19.96 ? 837  TYR A C   1 
ATOM   267  O O   . TYR A 1 37  ? -0.731  -1.582  -4.883  1.00 19.64 ? 837  TYR A O   1 
ATOM   268  C CB  . TYR A 1 37  ? 0.670   -4.568  -4.864  1.00 18.34 ? 837  TYR A CB  1 
ATOM   269  C CG  . TYR A 1 37  ? 1.583   -5.610  -4.245  1.00 17.33 ? 837  TYR A CG  1 
ATOM   270  C CD1 . TYR A 1 37  ? 1.613   -5.808  -2.861  1.00 16.38 ? 837  TYR A CD1 1 
ATOM   271  C CD2 . TYR A 1 37  ? 2.417   -6.398  -5.044  1.00 16.70 ? 837  TYR A CD2 1 
ATOM   272  C CE1 . TYR A 1 37  ? 2.463   -6.764  -2.284  1.00 17.50 ? 837  TYR A CE1 1 
ATOM   273  C CE2 . TYR A 1 37  ? 3.273   -7.368  -4.473  1.00 17.41 ? 837  TYR A CE2 1 
ATOM   274  C CZ  . TYR A 1 37  ? 3.281   -7.539  -3.091  1.00 16.95 ? 837  TYR A CZ  1 
ATOM   275  O OH  . TYR A 1 37  ? 4.103   -8.472  -2.506  1.00 18.71 ? 837  TYR A OH  1 
ATOM   276  N N   . ARG A 1 38  ? 0.462   -2.062  -6.735  1.00 20.93 ? 838  ARG A N   1 
ATOM   277  C CA  . ARG A 1 38  ? -0.429  -1.331  -7.624  1.00 22.19 ? 838  ARG A CA  1 
ATOM   278  C C   . ARG A 1 38  ? -0.536  -2.046  -8.964  1.00 23.30 ? 838  ARG A C   1 
ATOM   279  O O   . ARG A 1 38  ? 0.364   -2.797  -9.360  1.00 22.88 ? 838  ARG A O   1 
ATOM   280  C CB  . ARG A 1 38  ? 0.008   0.129   -7.793  1.00 21.67 ? 838  ARG A CB  1 
ATOM   281  C CG  . ARG A 1 38  ? 1.148   0.351   -8.771  1.00 21.58 ? 838  ARG A CG  1 
ATOM   282  C CD  . ARG A 1 38  ? 1.615   1.787   -8.822  1.00 21.30 ? 838  ARG A CD  1 
ATOM   283  N NE  . ARG A 1 38  ? 2.832   1.959   -9.609  1.00 21.56 ? 838  ARG A NE  1 
ATOM   284  C CZ  . ARG A 1 38  ? 3.454   3.126   -9.769  1.00 21.68 ? 838  ARG A CZ  1 
ATOM   285  N NH1 . ARG A 1 38  ? 2.977   4.244   -9.197  1.00 19.33 ? 838  ARG A NH1 1 
ATOM   286  N NH2 . ARG A 1 38  ? 4.551   3.175   -10.507 1.00 19.56 ? 838  ARG A NH2 1 
ATOM   287  N N   . GLN A 1 39  ? -1.653  -1.822  -9.640  1.00 24.69 ? 839  GLN A N   1 
ATOM   288  C CA  . GLN A 1 39  ? -1.900  -2.420  -10.942 1.00 27.15 ? 839  GLN A CA  1 
ATOM   289  C C   . GLN A 1 39  ? -2.532  -1.366  -11.835 1.00 28.19 ? 839  GLN A C   1 
ATOM   290  O O   . GLN A 1 39  ? -3.719  -1.048  -11.697 1.00 28.11 ? 839  GLN A O   1 
ATOM   291  C CB  . GLN A 1 39  ? -2.799  -3.652  -10.810 1.00 27.05 ? 839  GLN A CB  1 
ATOM   292  C CG  . GLN A 1 39  ? -3.169  -4.293  -12.131 1.00 30.07 ? 839  GLN A CG  1 
ATOM   293  C CD  . GLN A 1 39  ? -3.357  -5.798  -12.045 1.00 33.92 ? 839  GLN A CD  1 
ATOM   294  O OE1 . GLN A 1 39  ? -3.167  -6.499  -13.041 1.00 35.79 ? 839  GLN A OE1 1 
ATOM   295  N NE2 . GLN A 1 39  ? -3.732  -6.300  -10.865 1.00 35.50 ? 839  GLN A NE2 1 
ATOM   296  N N   . ALA A 1 40  ? -1.716  -0.808  -12.726 1.00 29.91 ? 840  ALA A N   1 
ATOM   297  C CA  . ALA A 1 40  ? -2.167  0.194   -13.686 1.00 31.61 ? 840  ALA A CA  1 
ATOM   298  C C   . ALA A 1 40  ? -3.012  -0.474  -14.774 1.00 33.06 ? 840  ALA A C   1 
ATOM   299  O O   . ALA A 1 40  ? -2.893  -1.690  -14.982 1.00 33.21 ? 840  ALA A O   1 
ATOM   300  C CB  . ALA A 1 40  ? -0.965  0.927   -14.295 1.00 31.61 ? 840  ALA A CB  1 
ATOM   301  N N   . PRO A 1 41  ? -3.870  0.302   -15.449 1.00 34.36 ? 841  PRO A N   1 
ATOM   302  C CA  . PRO A 1 41  ? -4.696  -0.229  -16.541 1.00 35.28 ? 841  PRO A CA  1 
ATOM   303  C C   . PRO A 1 41  ? -3.836  -0.919  -17.604 1.00 36.17 ? 841  PRO A C   1 
ATOM   304  O O   . PRO A 1 41  ? -2.980  -0.263  -18.207 1.00 36.33 ? 841  PRO A O   1 
ATOM   305  C CB  . PRO A 1 41  ? -5.355  1.030   -17.126 1.00 35.45 ? 841  PRO A CB  1 
ATOM   306  C CG  . PRO A 1 41  ? -5.370  2.017   -16.006 1.00 34.93 ? 841  PRO A CG  1 
ATOM   307  C CD  . PRO A 1 41  ? -4.124  1.739   -15.217 1.00 34.54 ? 841  PRO A CD  1 
ATOM   308  N N   . GLY A 1 42  ? -4.049  -2.224  -17.798 1.00 36.87 ? 842  GLY A N   1 
ATOM   309  C CA  . GLY A 1 42  ? -3.302  -2.997  -18.778 1.00 37.65 ? 842  GLY A CA  1 
ATOM   310  C C   . GLY A 1 42  ? -2.075  -3.743  -18.264 1.00 38.25 ? 842  GLY A C   1 
ATOM   311  O O   . GLY A 1 42  ? -1.660  -4.743  -18.863 1.00 38.35 ? 842  GLY A O   1 
ATOM   312  N N   . THR A 1 43  ? -1.501  -3.273  -17.155 1.00 38.35 ? 843  THR A N   1 
ATOM   313  C CA  . THR A 1 43  ? -0.220  -3.792  -16.664 1.00 38.54 ? 843  THR A CA  1 
ATOM   314  C C   . THR A 1 43  ? -0.364  -4.855  -15.579 1.00 38.21 ? 843  THR A C   1 
ATOM   315  O O   . THR A 1 43  ? -1.464  -5.112  -15.081 1.00 38.41 ? 843  THR A O   1 
ATOM   316  C CB  . THR A 1 43  ? 0.676   -2.634  -16.156 1.00 38.66 ? 843  THR A CB  1 
ATOM   317  O OG1 . THR A 1 43  ? 0.329   -1.421  -16.834 1.00 39.47 ? 843  THR A OG1 1 
ATOM   318  C CG2 . THR A 1 43  ? 2.129   -2.857  -16.575 1.00 39.40 ? 843  THR A CG2 1 
ATOM   319  N N   . GLN A 1 44  ? 0.762   -5.472  -15.225 1.00 37.69 ? 844  GLN A N   1 
ATOM   320  C CA  . GLN A 1 44  ? 0.822   -6.448  -14.144 1.00 37.08 ? 844  GLN A CA  1 
ATOM   321  C C   . GLN A 1 44  ? 0.921   -5.735  -12.787 1.00 35.88 ? 844  GLN A C   1 
ATOM   322  O O   . GLN A 1 44  ? 1.362   -4.585  -12.714 1.00 35.74 ? 844  GLN A O   1 
ATOM   323  C CB  . GLN A 1 44  ? 2.011   -7.402  -14.378 1.00 37.74 ? 844  GLN A CB  1 
ATOM   324  C CG  . GLN A 1 44  ? 2.467   -8.259  -13.175 1.00 40.16 ? 844  GLN A CG  1 
ATOM   325  C CD  . GLN A 1 44  ? 1.484   -9.379  -12.797 1.00 43.92 ? 844  GLN A CD  1 
ATOM   326  O OE1 . GLN A 1 44  ? 1.419   -9.789  -11.625 1.00 45.38 ? 844  GLN A OE1 1 
ATOM   327  N NE2 . GLN A 1 44  ? 0.732   -9.878  -13.781 1.00 44.77 ? 844  GLN A NE2 1 
ATOM   328  N N   . ARG A 1 45  ? 0.483   -6.428  -11.734 1.00 34.39 ? 845  ARG A N   1 
ATOM   329  C CA  . ARG A 1 45  ? 0.603   -5.977  -10.355 1.00 33.20 ? 845  ARG A CA  1 
ATOM   330  C C   . ARG A 1 45  ? 2.074   -5.893  -9.949  1.00 32.28 ? 845  ARG A C   1 
ATOM   331  O O   . ARG A 1 45  ? 2.828   -6.853  -10.140 1.00 32.61 ? 845  ARG A O   1 
ATOM   332  C CB  . ARG A 1 45  ? -0.127  -6.954  -9.427  1.00 33.38 ? 845  ARG A CB  1 
ATOM   333  C CG  . ARG A 1 45  ? -0.581  -6.372  -8.100  1.00 33.51 ? 845  ARG A CG  1 
ATOM   334  C CD  . ARG A 1 45  ? -1.447  -7.313  -7.265  1.00 34.46 ? 845  ARG A CD  1 
ATOM   335  N NE  . ARG A 1 45  ? -2.800  -7.456  -7.798  1.00 36.64 ? 845  ARG A NE  1 
ATOM   336  C CZ  . ARG A 1 45  ? -3.827  -8.011  -7.150  1.00 38.02 ? 845  ARG A CZ  1 
ATOM   337  N NH1 . ARG A 1 45  ? -3.683  -8.486  -5.916  1.00 37.94 ? 845  ARG A NH1 1 
ATOM   338  N NH2 . ARG A 1 45  ? -5.014  -8.086  -7.740  1.00 37.79 ? 845  ARG A NH2 1 
ATOM   339  N N   . GLU A 1 46  ? 2.481   -4.753  -9.395  1.00 30.40 ? 846  GLU A N   1 
ATOM   340  C CA  . GLU A 1 46  ? 3.855   -4.585  -8.936  1.00 28.96 ? 846  GLU A CA  1 
ATOM   341  C C   . GLU A 1 46  ? 3.950   -4.097  -7.485  1.00 27.35 ? 846  GLU A C   1 
ATOM   342  O O   . GLU A 1 46  ? 3.134   -3.280  -7.024  1.00 26.35 ? 846  GLU A O   1 
ATOM   343  C CB  . GLU A 1 46  ? 4.633   -3.655  -9.879  1.00 29.55 ? 846  GLU A CB  1 
ATOM   344  C CG  . GLU A 1 46  ? 4.351   -2.173  -9.660  1.00 31.80 ? 846  GLU A CG  1 
ATOM   345  C CD  . GLU A 1 46  ? 5.119   -1.249  -10.592 1.00 34.57 ? 846  GLU A CD  1 
ATOM   346  O OE1 . GLU A 1 46  ? 6.217   -1.637  -11.053 1.00 35.04 ? 846  GLU A OE1 1 
ATOM   347  O OE2 . GLU A 1 46  ? 4.616   -0.120  -10.843 1.00 35.65 ? 846  GLU A OE2 1 
ATOM   348  N N   . LEU A 1 47  ? 4.955   -4.612  -6.780  1.00 25.35 ? 847  LEU A N   1 
ATOM   349  C CA  . LEU A 1 47  ? 5.290   -4.152  -5.443  1.00 23.91 ? 847  LEU A CA  1 
ATOM   350  C C   . LEU A 1 47  ? 5.829   -2.731  -5.510  1.00 23.06 ? 847  LEU A C   1 
ATOM   351  O O   . LEU A 1 47  ? 6.804   -2.447  -6.208  1.00 22.59 ? 847  LEU A O   1 
ATOM   352  C CB  . LEU A 1 47  ? 6.340   -5.064  -4.810  1.00 23.50 ? 847  LEU A CB  1 
ATOM   353  C CG  . LEU A 1 47  ? 6.378   -5.371  -3.301  1.00 24.66 ? 847  LEU A CG  1 
ATOM   354  C CD1 . LEU A 1 47  ? 7.830   -5.531  -2.799  1.00 22.88 ? 847  LEU A CD1 1 
ATOM   355  C CD2 . LEU A 1 47  ? 5.577   -4.430  -2.397  1.00 22.47 ? 847  LEU A CD2 1 
ATOM   356  N N   . VAL A 1 48  ? 5.207   -1.855  -4.743  1.00 22.18 ? 848  VAL A N   1 
ATOM   357  C CA  . VAL A 1 48  ? 5.564   -0.447  -4.731  1.00 22.00 ? 848  VAL A CA  1 
ATOM   358  C C   . VAL A 1 48  ? 6.317   -0.052  -3.450  1.00 21.30 ? 848  VAL A C   1 
ATOM   359  O O   . VAL A 1 48  ? 7.284   0.716   -3.498  1.00 21.00 ? 848  VAL A O   1 
ATOM   360  C CB  . VAL A 1 48  ? 4.281   0.381   -5.010  1.00 22.75 ? 848  VAL A CB  1 
ATOM   361  C CG1 . VAL A 1 48  ? 4.213   1.652   -4.209  1.00 22.46 ? 848  VAL A CG1 1 
ATOM   362  C CG2 . VAL A 1 48  ? 4.177   0.635   -6.527  1.00 24.33 ? 848  VAL A CG2 1 
ATOM   363  N N   . ALA A 1 49  ? 5.897   -0.608  -2.317  1.00 20.33 ? 849  ALA A N   1 
ATOM   364  C CA  . ALA A 1 49  ? 6.516   -0.299  -1.027  1.00 20.37 ? 849  ALA A CA  1 
ATOM   365  C C   . ALA A 1 49  ? 6.224   -1.412  -0.025  1.00 20.16 ? 849  ALA A C   1 
ATOM   366  O O   . ALA A 1 49  ? 5.166   -2.036  -0.093  1.00 20.95 ? 849  ALA A O   1 
ATOM   367  C CB  . ALA A 1 49  ? 6.036   1.056   -0.488  1.00 19.43 ? 849  ALA A CB  1 
ATOM   368  N N   . ALA A 1 50  ? 7.166   -1.664  0.883   1.00 19.37 ? 850  ALA A N   1 
ATOM   369  C CA  . ALA A 1 50  ? 7.004   -2.686  1.918   1.00 18.89 ? 850  ALA A CA  1 
ATOM   370  C C   . ALA A 1 50  ? 7.587   -2.219  3.244   1.00 18.55 ? 850  ALA A C   1 
ATOM   371  O O   . ALA A 1 50  ? 8.497   -1.389  3.269   1.00 18.01 ? 850  ALA A O   1 
ATOM   372  C CB  . ALA A 1 50  ? 7.648   -4.013  1.490   1.00 18.51 ? 850  ALA A CB  1 
ATOM   373  N N   . ILE A 1 51  ? 7.054   -2.753  4.342   1.00 18.44 ? 851  ILE A N   1 
ATOM   374  C CA  . ILE A 1 51  ? 7.523   -2.399  5.679   1.00 18.44 ? 851  ILE A CA  1 
ATOM   375  C C   . ILE A 1 51  ? 7.475   -3.630  6.575   1.00 19.09 ? 851  ILE A C   1 
ATOM   376  O O   . ILE A 1 51  ? 6.534   -4.442  6.489   1.00 18.81 ? 851  ILE A O   1 
ATOM   377  C CB  . ILE A 1 51  ? 6.678   -1.224  6.271   1.00 18.38 ? 851  ILE A CB  1 
ATOM   378  C CG1 . ILE A 1 51  ? 7.294   -0.672  7.565   1.00 17.91 ? 851  ILE A CG1 1 
ATOM   379  C CG2 . ILE A 1 51  ? 5.195   -1.628  6.456   1.00 18.21 ? 851  ILE A CG2 1 
ATOM   380  C CD1 . ILE A 1 51  ? 6.738   0.716   7.983   1.00 17.42 ? 851  ILE A CD1 1 
ATOM   381  N N   . THR A 1 52  ? 8.498   -3.770  7.417   1.00 18.97 ? 852  THR A N   1 
ATOM   382  C CA  . THR A 1 52  ? 8.544   -4.843  8.391   1.00 19.64 ? 852  THR A CA  1 
ATOM   383  C C   . THR A 1 52  ? 7.994   -4.313  9.708   1.00 20.40 ? 852  THR A C   1 
ATOM   384  O O   . THR A 1 52  ? 7.859   -3.097  9.874   1.00 20.74 ? 852  THR A O   1 
ATOM   385  C CB  . THR A 1 52  ? 9.998   -5.381  8.591   1.00 19.42 ? 852  THR A CB  1 
ATOM   386  O OG1 . THR A 1 52  ? 10.804  -4.374  9.212   1.00 19.12 ? 852  THR A OG1 1 
ATOM   387  C CG2 . THR A 1 52  ? 10.691  -5.653  7.247   1.00 18.95 ? 852  THR A CG2 1 
ATOM   388  N N   . SER A 1 53  ? 7.705   -5.214  10.648  1.00 20.76 ? 853  SER A N   1 
ATOM   389  C CA  . SER A 1 53  ? 7.166   -4.817  11.951  1.00 21.85 ? 853  SER A CA  1 
ATOM   390  C C   . SER A 1 53  ? 8.055   -3.810  12.681  1.00 22.12 ? 853  SER A C   1 
ATOM   391  O O   . SER A 1 53  ? 7.553   -2.942  13.398  1.00 22.71 ? 853  SER A O   1 
ATOM   392  C CB  . SER A 1 53  ? 6.949   -6.042  12.844  1.00 21.89 ? 853  SER A CB  1 
ATOM   393  O OG  . SER A 1 53  ? 8.173   -6.711  13.088  1.00 22.71 ? 853  SER A OG  1 
ATOM   394  N N   . GLY A 1 54  ? 9.369   -3.944  12.506  1.00 22.29 ? 854  GLY A N   1 
ATOM   395  C CA  . GLY A 1 54  ? 10.334  -3.059  13.135  1.00 22.57 ? 854  GLY A CA  1 
ATOM   396  C C   . GLY A 1 54  ? 10.517  -1.732  12.412  1.00 22.87 ? 854  GLY A C   1 
ATOM   397  O O   . GLY A 1 54  ? 11.149  -0.834  12.953  1.00 23.49 ? 854  GLY A O   1 
ATOM   398  N N   . GLY A 1 55  ? 9.990   -1.610  11.189  1.00 22.76 ? 855  GLY A N   1 
ATOM   399  C CA  . GLY A 1 55  ? 10.039  -0.349  10.457  1.00 22.01 ? 855  GLY A CA  1 
ATOM   400  C C   . GLY A 1 55  ? 11.003  -0.263  9.279   1.00 21.84 ? 855  GLY A C   1 
ATOM   401  O O   . GLY A 1 55  ? 11.195  0.822   8.746   1.00 21.76 ? 855  GLY A O   1 
ATOM   402  N N   . SER A 1 56  ? 11.611  -1.380  8.867   1.00 21.30 ? 856  SER A N   1 
ATOM   403  C CA  . SER A 1 56  ? 12.485  -1.378  7.681   1.00 21.04 ? 856  SER A CA  1 
ATOM   404  C C   . SER A 1 56  ? 11.630  -1.272  6.425   1.00 20.34 ? 856  SER A C   1 
ATOM   405  O O   . SER A 1 56  ? 10.632  -1.978  6.293   1.00 20.35 ? 856  SER A O   1 
ATOM   406  C CB  . SER A 1 56  ? 13.344  -2.644  7.611   1.00 20.86 ? 856  SER A CB  1 
ATOM   407  O OG  . SER A 1 56  ? 14.191  -2.731  8.738   1.00 23.43 ? 856  SER A OG  1 
ATOM   408  N N   . THR A 1 57  ? 12.023  -0.405  5.497   1.00 19.70 ? 857  THR A N   1 
ATOM   409  C CA  . THR A 1 57  ? 11.197  -0.148  4.317   1.00 19.05 ? 857  THR A CA  1 
ATOM   410  C C   . THR A 1 57  ? 11.963  -0.364  3.028   1.00 18.53 ? 857  THR A C   1 
ATOM   411  O O   . THR A 1 57  ? 13.193  -0.345  3.014   1.00 17.77 ? 857  THR A O   1 
ATOM   412  C CB  . THR A 1 57  ? 10.658  1.301   4.312   1.00 18.82 ? 857  THR A CB  1 
ATOM   413  O OG1 . THR A 1 57  ? 11.763  2.213   4.436   1.00 19.71 ? 857  THR A OG1 1 
ATOM   414  C CG2 . THR A 1 57  ? 9.791   1.586   5.538   1.00 18.38 ? 857  THR A CG2 1 
ATOM   415  N N   . LYS A 1 58  ? 11.207  -0.526  1.944   1.00 18.01 ? 858  LYS A N   1 
ATOM   416  C CA  . LYS A 1 58  ? 11.764  -0.573  0.610   1.00 17.61 ? 858  LYS A CA  1 
ATOM   417  C C   . LYS A 1 58  ? 10.762  -0.070  -0.406  1.00 17.41 ? 858  LYS A C   1 
ATOM   418  O O   . LYS A 1 58  ? 9.544   -0.144  -0.190  1.00 17.43 ? 858  LYS A O   1 
ATOM   419  C CB  . LYS A 1 58  ? 12.251  -1.984  0.242   1.00 17.38 ? 858  LYS A CB  1 
ATOM   420  C CG  . LYS A 1 58  ? 11.190  -3.093  0.200   1.00 17.52 ? 858  LYS A CG  1 
ATOM   421  C CD  . LYS A 1 58  ? 11.940  -4.439  0.268   1.00 18.60 ? 858  LYS A CD  1 
ATOM   422  C CE  . LYS A 1 58  ? 11.058  -5.633  0.040   1.00 20.58 ? 858  LYS A CE  1 
ATOM   423  N NZ  . LYS A 1 58  ? 11.859  -6.880  0.257   1.00 18.91 ? 858  LYS A NZ  1 
ATOM   424  N N   . TYR A 1 59  ? 11.289  0.415   -1.522  1.00 16.96 ? 859  TYR A N   1 
ATOM   425  C CA  . TYR A 1 59  ? 10.491  1.085   -2.535  1.00 16.92 ? 859  TYR A CA  1 
ATOM   426  C C   . TYR A 1 59  ? 10.958  0.708   -3.917  1.00 16.60 ? 859  TYR A C   1 
ATOM   427  O O   . TYR A 1 59  ? 12.144  0.486   -4.139  1.00 16.60 ? 859  TYR A O   1 
ATOM   428  C CB  . TYR A 1 59  ? 10.642  2.604   -2.386  1.00 16.83 ? 859  TYR A CB  1 
ATOM   429  C CG  . TYR A 1 59  ? 10.177  3.129   -1.054  1.00 17.63 ? 859  TYR A CG  1 
ATOM   430  C CD1 . TYR A 1 59  ? 8.828   3.459   -0.848  1.00 16.89 ? 859  TYR A CD1 1 
ATOM   431  C CD2 . TYR A 1 59  ? 11.073  3.273   0.017   1.00 16.08 ? 859  TYR A CD2 1 
ATOM   432  C CE1 . TYR A 1 59  ? 8.387   3.945   0.383   1.00 17.30 ? 859  TYR A CE1 1 
ATOM   433  C CE2 . TYR A 1 59  ? 10.641  3.753   1.251   1.00 17.55 ? 859  TYR A CE2 1 
ATOM   434  C CZ  . TYR A 1 59  ? 9.293   4.091   1.426   1.00 17.42 ? 859  TYR A CZ  1 
ATOM   435  O OH  . TYR A 1 59  ? 8.851   4.569   2.642   1.00 17.75 ? 859  TYR A OH  1 
ATOM   436  N N   . ALA A 1 60  ? 10.021  0.663   -4.853  1.00 16.33 ? 860  ALA A N   1 
ATOM   437  C CA  . ALA A 1 60  ? 10.361  0.581   -6.254  1.00 15.62 ? 860  ALA A CA  1 
ATOM   438  C C   . ALA A 1 60  ? 10.959  1.922   -6.638  1.00 15.60 ? 860  ALA A C   1 
ATOM   439  O O   . ALA A 1 60  ? 10.504  2.975   -6.140  1.00 15.78 ? 860  ALA A O   1 
ATOM   440  C CB  . ALA A 1 60  ? 9.108   0.289   -7.086  1.00 15.72 ? 860  ALA A CB  1 
ATOM   441  N N   . ASP A 1 61  ? 11.953  1.885   -7.529  1.00 14.96 ? 861  ASP A N   1 
ATOM   442  C CA  . ASP A 1 61  ? 12.624  3.087   -8.034  1.00 14.78 ? 861  ASP A CA  1 
ATOM   443  C C   . ASP A 1 61  ? 11.657  4.127   -8.582  1.00 14.65 ? 861  ASP A C   1 
ATOM   444  O O   . ASP A 1 61  ? 11.911  5.330   -8.473  1.00 13.51 ? 861  ASP A O   1 
ATOM   445  C CB  . ASP A 1 61  ? 13.611  2.720   -9.148  1.00 14.90 ? 861  ASP A CB  1 
ATOM   446  C CG  . ASP A 1 61  ? 14.808  1.959   -8.638  1.00 15.84 ? 861  ASP A CG  1 
ATOM   447  O OD1 . ASP A 1 61  ? 15.400  2.371   -7.614  1.00 16.40 ? 861  ASP A OD1 1 
ATOM   448  O OD2 . ASP A 1 61  ? 15.242  0.942   -9.211  1.00 17.11 ? 861  ASP A OD2 1 
ATOM   449  N N   . SER A 1 62  ? 10.554  3.655   -9.171  1.00 14.70 ? 862  SER A N   1 
ATOM   450  C CA  . SER A 1 62  ? 9.587   4.533   -9.843  1.00 15.16 ? 862  SER A CA  1 
ATOM   451  C C   . SER A 1 62  ? 8.857   5.465   -8.872  1.00 14.75 ? 862  SER A C   1 
ATOM   452  O O   . SER A 1 62  ? 8.339   6.496   -9.273  1.00 14.72 ? 862  SER A O   1 
ATOM   453  C CB  . SER A 1 62  ? 8.565   3.702   -10.641 1.00 15.35 ? 862  SER A CB  1 
ATOM   454  O OG  . SER A 1 62  ? 7.880   2.810   -9.772  1.00 16.15 ? 862  SER A OG  1 
ATOM   455  N N   . VAL A 1 63  ? 8.805   5.086   -7.601  1.00 15.00 ? 863  VAL A N   1 
ATOM   456  C CA  . VAL A 1 63  ? 8.112   5.888   -6.593  1.00 14.85 ? 863  VAL A CA  1 
ATOM   457  C C   . VAL A 1 63  ? 9.014   6.374   -5.454  1.00 15.10 ? 863  VAL A C   1 
ATOM   458  O O   . VAL A 1 63  ? 8.591   7.202   -4.645  1.00 15.29 ? 863  VAL A O   1 
ATOM   459  C CB  . VAL A 1 63  ? 6.916   5.121   -5.972  1.00 15.04 ? 863  VAL A CB  1 
ATOM   460  C CG1 . VAL A 1 63  ? 5.938   4.641   -7.055  1.00 14.04 ? 863  VAL A CG1 1 
ATOM   461  C CG2 . VAL A 1 63  ? 7.398   3.966   -5.083  1.00 14.03 ? 863  VAL A CG2 1 
ATOM   462  N N   . LYS A 1 64  ? 10.230  5.843   -5.373  1.00 14.90 ? 864  LYS A N   1 
ATOM   463  C CA  . LYS A 1 64  ? 11.137  6.181   -4.287  1.00 15.22 ? 864  LYS A CA  1 
ATOM   464  C C   . LYS A 1 64  ? 11.433  7.686   -4.261  1.00 15.41 ? 864  LYS A C   1 
ATOM   465  O O   . LYS A 1 64  ? 11.655  8.303   -5.312  1.00 15.04 ? 864  LYS A O   1 
ATOM   466  C CB  . LYS A 1 64  ? 12.434  5.379   -4.382  1.00 15.69 ? 864  LYS A CB  1 
ATOM   467  C CG  . LYS A 1 64  ? 13.321  5.524   -3.142  1.00 15.12 ? 864  LYS A CG  1 
ATOM   468  C CD  . LYS A 1 64  ? 14.234  4.353   -2.982  1.00 18.31 ? 864  LYS A CD  1 
ATOM   469  C CE  . LYS A 1 64  ? 15.082  4.540   -1.740  1.00 18.89 ? 864  LYS A CE  1 
ATOM   470  N NZ  . LYS A 1 64  ? 15.488  3.245   -1.167  1.00 22.10 ? 864  LYS A NZ  1 
ATOM   471  N N   . GLY A 1 65  ? 11.412  8.260   -3.056  1.00 15.39 ? 865  GLY A N   1 
ATOM   472  C CA  . GLY A 1 65  ? 11.546  9.696   -2.875  1.00 15.89 ? 865  GLY A CA  1 
ATOM   473  C C   . GLY A 1 65  ? 10.208  10.435  -2.961  1.00 16.62 ? 865  GLY A C   1 
ATOM   474  O O   . GLY A 1 65  ? 10.093  11.551  -2.484  1.00 16.67 ? 865  GLY A O   1 
ATOM   475  N N   . ARG A 1 66  ? 9.190   9.816   -3.551  1.00 16.77 ? 866  ARG A N   1 
ATOM   476  C CA  . ARG A 1 66  ? 7.876   10.450  -3.679  1.00 17.04 ? 866  ARG A CA  1 
ATOM   477  C C   . ARG A 1 66  ? 6.827   9.827   -2.746  1.00 17.51 ? 866  ARG A C   1 
ATOM   478  O O   . ARG A 1 66  ? 5.933   10.529  -2.254  1.00 17.52 ? 866  ARG A O   1 
ATOM   479  C CB  . ARG A 1 66  ? 7.388   10.376  -5.134  1.00 17.03 ? 866  ARG A CB  1 
ATOM   480  C CG  . ARG A 1 66  ? 8.244   11.162  -6.122  1.00 17.19 ? 866  ARG A CG  1 
ATOM   481  C CD  . ARG A 1 66  ? 7.637   11.286  -7.524  1.00 17.00 ? 866  ARG A CD  1 
ATOM   482  N NE  . ARG A 1 66  ? 7.359   9.970   -8.102  1.00 16.57 ? 866  ARG A NE  1 
ATOM   483  C CZ  . ARG A 1 66  ? 6.144   9.484   -8.351  1.00 15.34 ? 866  ARG A CZ  1 
ATOM   484  N NH1 . ARG A 1 66  ? 6.033   8.276   -8.881  1.00 14.45 ? 866  ARG A NH1 1 
ATOM   485  N NH2 . ARG A 1 66  ? 5.043   10.205  -8.100  1.00 14.93 ? 866  ARG A NH2 1 
ATOM   486  N N   . PHE A 1 67  ? 6.934   8.510   -2.522  1.00 17.56 ? 867  PHE A N   1 
ATOM   487  C CA  . PHE A 1 67  ? 5.987   7.747   -1.699  1.00 17.62 ? 867  PHE A CA  1 
ATOM   488  C C   . PHE A 1 67  ? 6.665   7.328   -0.392  1.00 17.80 ? 867  PHE A C   1 
ATOM   489  O O   . PHE A 1 67  ? 7.847   6.958   -0.388  1.00 17.60 ? 867  PHE A O   1 
ATOM   490  C CB  . PHE A 1 67  ? 5.522   6.451   -2.407  1.00 17.55 ? 867  PHE A CB  1 
ATOM   491  C CG  . PHE A 1 67  ? 4.617   6.661   -3.600  1.00 17.90 ? 867  PHE A CG  1 
ATOM   492  C CD1 . PHE A 1 67  ? 4.454   7.907   -4.181  1.00 17.17 ? 867  PHE A CD1 1 
ATOM   493  C CD2 . PHE A 1 67  ? 3.929   5.573   -4.148  1.00 18.08 ? 867  PHE A CD2 1 
ATOM   494  C CE1 . PHE A 1 67  ? 3.627   8.079   -5.289  1.00 17.95 ? 867  PHE A CE1 1 
ATOM   495  C CE2 . PHE A 1 67  ? 3.095   5.732   -5.258  1.00 17.77 ? 867  PHE A CE2 1 
ATOM   496  C CZ  . PHE A 1 67  ? 2.944   6.988   -5.834  1.00 17.52 ? 867  PHE A CZ  1 
ATOM   497  N N   . THR A 1 68  ? 5.904   7.358   0.700   1.00 17.87 ? 868  THR A N   1 
ATOM   498  C CA  . THR A 1 68  ? 6.374   6.889   2.002   1.00 17.90 ? 868  THR A CA  1 
ATOM   499  C C   . THR A 1 68  ? 5.355   5.920   2.593   1.00 17.82 ? 868  THR A C   1 
ATOM   500  O O   . THR A 1 68  ? 4.167   6.234   2.701   1.00 17.54 ? 868  THR A O   1 
ATOM   501  C CB  . THR A 1 68  ? 6.615   8.071   2.985   1.00 18.09 ? 868  THR A CB  1 
ATOM   502  O OG1 . THR A 1 68  ? 7.463   9.052   2.374   1.00 19.08 ? 868  THR A OG1 1 
ATOM   503  C CG2 . THR A 1 68  ? 7.445   7.615   4.200   1.00 17.55 ? 868  THR A CG2 1 
ATOM   504  N N   . ILE A 1 69  ? 5.836   4.738   2.963   1.00 17.87 ? 869  ILE A N   1 
ATOM   505  C CA  . ILE A 1 69  ? 5.037   3.771   3.698   1.00 17.86 ? 869  ILE A CA  1 
ATOM   506  C C   . ILE A 1 69  ? 5.369   3.932   5.179   1.00 18.34 ? 869  ILE A C   1 
ATOM   507  O O   . ILE A 1 69  ? 6.522   4.153   5.544   1.00 18.50 ? 869  ILE A O   1 
ATOM   508  C CB  . ILE A 1 69  ? 5.278   2.301   3.172   1.00 17.89 ? 869  ILE A CB  1 
ATOM   509  C CG1 . ILE A 1 69  ? 4.232   1.324   3.744   1.00 17.39 ? 869  ILE A CG1 1 
ATOM   510  C CG2 . ILE A 1 69  ? 6.734   1.819   3.425   1.00 17.41 ? 869  ILE A CG2 1 
ATOM   511  C CD1 . ILE A 1 69  ? 4.256   -0.079  3.112   1.00 15.10 ? 869  ILE A CD1 1 
ATOM   512  N N   . SER A 1 70  ? 4.345   3.848   6.020   1.00 18.38 ? 870  SER A N   1 
ATOM   513  C CA  . SER A 1 70  ? 4.497   3.974   7.459   1.00 19.05 ? 870  SER A CA  1 
ATOM   514  C C   . SER A 1 70  ? 3.362   3.209   8.123   1.00 19.76 ? 870  SER A C   1 
ATOM   515  O O   . SER A 1 70  ? 2.477   2.689   7.442   1.00 19.61 ? 870  SER A O   1 
ATOM   516  C CB  . SER A 1 70  ? 4.472   5.452   7.891   1.00 18.51 ? 870  SER A CB  1 
ATOM   517  O OG  . SER A 1 70  ? 3.316   6.084   7.388   1.00 19.07 ? 870  SER A OG  1 
ATOM   518  N N   . LYS A 1 71  ? 3.389   3.141   9.452   1.00 20.61 ? 871  LYS A N   1 
ATOM   519  C CA  . LYS A 1 71  ? 2.392   2.371   10.195  1.00 21.65 ? 871  LYS A CA  1 
ATOM   520  C C   . LYS A 1 71  ? 2.017   3.063   11.500  1.00 22.43 ? 871  LYS A C   1 
ATOM   521  O O   . LYS A 1 71  ? 2.804   3.835   12.067  1.00 22.61 ? 871  LYS A O   1 
ATOM   522  C CB  . LYS A 1 71  ? 2.900   0.951   10.472  1.00 21.52 ? 871  LYS A CB  1 
ATOM   523  C CG  . LYS A 1 71  ? 4.199   0.923   11.275  1.00 22.20 ? 871  LYS A CG  1 
ATOM   524  C CD  . LYS A 1 71  ? 4.778   -0.471  11.429  1.00 24.43 ? 871  LYS A CD  1 
ATOM   525  C CE  . LYS A 1 71  ? 6.148   -0.396  12.097  1.00 25.70 ? 871  LYS A CE  1 
ATOM   526  N NZ  . LYS A 1 71  ? 6.080   0.177   13.481  1.00 26.21 ? 871  LYS A NZ  1 
ATOM   527  N N   . ASP A 1 72  ? 0.798   2.790   11.956  1.00 23.31 ? 872  ASP A N   1 
ATOM   528  C CA  . ASP A 1 72  ? 0.356   3.180   13.285  1.00 23.78 ? 872  ASP A CA  1 
ATOM   529  C C   . ASP A 1 72  ? -0.135  1.927   13.989  1.00 24.28 ? 872  ASP A C   1 
ATOM   530  O O   . ASP A 1 72  ? -1.255  1.467   13.747  1.00 24.51 ? 872  ASP A O   1 
ATOM   531  C CB  . ASP A 1 72  ? -0.754  4.232   13.220  1.00 23.44 ? 872  ASP A CB  1 
ATOM   532  C CG  . ASP A 1 72  ? -1.152  4.746   14.605  1.00 23.54 ? 872  ASP A CG  1 
ATOM   533  O OD1 . ASP A 1 72  ? -1.595  5.906   14.706  1.00 23.98 ? 872  ASP A OD1 1 
ATOM   534  O OD2 . ASP A 1 72  ? -1.061  4.067   15.649  1.00 21.89 ? 872  ASP A OD2 1 
ATOM   535  N N   . ASN A 1 73  ? 0.715   1.383   14.857  1.00 24.74 ? 873  ASN A N   1 
ATOM   536  C CA  . ASN A 1 73  ? 0.435   0.137   15.559  1.00 25.36 ? 873  ASN A CA  1 
ATOM   537  C C   . ASN A 1 73  ? -0.862  0.190   16.371  1.00 25.18 ? 873  ASN A C   1 
ATOM   538  O O   . ASN A 1 73  ? -1.667  -0.744  16.321  1.00 25.22 ? 873  ASN A O   1 
ATOM   539  C CB  . ASN A 1 73  ? 1.612   -0.241  16.461  1.00 25.75 ? 873  ASN A CB  1 
ATOM   540  C CG  . ASN A 1 73  ? 2.645   -1.100  15.751  1.00 28.07 ? 873  ASN A CG  1 
ATOM   541  O OD1 . ASN A 1 73  ? 3.026   -2.158  16.251  1.00 31.99 ? 873  ASN A OD1 1 
ATOM   542  N ND2 . ASN A 1 73  ? 3.114   -0.646  14.590  1.00 29.15 ? 873  ASN A ND2 1 
ATOM   543  N N   . ALA A 1 74  ? -1.057  1.290   17.095  1.00 24.54 ? 874  ALA A N   1 
ATOM   544  C CA  . ALA A 1 74  ? -2.243  1.485   17.914  1.00 24.47 ? 874  ALA A CA  1 
ATOM   545  C C   . ALA A 1 74  ? -3.538  1.458   17.091  1.00 24.40 ? 874  ALA A C   1 
ATOM   546  O O   . ALA A 1 74  ? -4.591  1.072   17.600  1.00 24.92 ? 874  ALA A O   1 
ATOM   547  C CB  . ALA A 1 74  ? -2.132  2.790   18.711  1.00 24.38 ? 874  ALA A CB  1 
ATOM   548  N N   . LYS A 1 75  ? -3.462  1.859   15.828  1.00 23.70 ? 875  LYS A N   1 
ATOM   549  C CA  . LYS A 1 75  ? -4.643  1.882   14.975  1.00 23.18 ? 875  LYS A CA  1 
ATOM   550  C C   . LYS A 1 75  ? -4.714  0.674   14.036  1.00 22.59 ? 875  LYS A C   1 
ATOM   551  O O   . LYS A 1 75  ? -5.658  0.544   13.259  1.00 22.08 ? 875  LYS A O   1 
ATOM   552  C CB  . LYS A 1 75  ? -4.701  3.192   14.184  1.00 23.44 ? 875  LYS A CB  1 
ATOM   553  C CG  . LYS A 1 75  ? -4.978  4.428   15.051  1.00 24.23 ? 875  LYS A CG  1 
ATOM   554  C CD  . LYS A 1 75  ? -5.095  5.689   14.203  1.00 25.61 ? 875  LYS A CD  1 
ATOM   555  C CE  . LYS A 1 75  ? -5.179  6.927   15.089  1.00 27.97 ? 875  LYS A CE  1 
ATOM   556  N NZ  . LYS A 1 75  ? -5.214  8.182   14.271  1.00 28.54 ? 875  LYS A NZ  1 
ATOM   557  N N   . ASN A 1 76  ? -3.718  -0.212  14.123  1.00 22.11 ? 876  ASN A N   1 
ATOM   558  C CA  . ASN A 1 76  ? -3.606  -1.370  13.230  1.00 21.75 ? 876  ASN A CA  1 
ATOM   559  C C   . ASN A 1 76  ? -3.647  -0.988  11.740  1.00 21.72 ? 876  ASN A C   1 
ATOM   560  O O   . ASN A 1 76  ? -4.206  -1.712  10.907  1.00 21.27 ? 876  ASN A O   1 
ATOM   561  C CB  . ASN A 1 76  ? -4.691  -2.411  13.552  1.00 21.63 ? 876  ASN A CB  1 
ATOM   562  C CG  . ASN A 1 76  ? -4.509  -3.046  14.927  1.00 21.82 ? 876  ASN A CG  1 
ATOM   563  O OD1 . ASN A 1 76  ? -3.398  -3.419  15.319  1.00 21.57 ? 876  ASN A OD1 1 
ATOM   564  N ND2 . ASN A 1 76  ? -5.603  -3.182  15.657  1.00 20.36 ? 876  ASN A ND2 1 
ATOM   565  N N   . THR A 1 77  ? -3.072  0.162   11.405  1.00 21.74 ? 877  THR A N   1 
ATOM   566  C CA  . THR A 1 77  ? -3.127  0.616   10.024  1.00 22.15 ? 877  THR A CA  1 
ATOM   567  C C   . THR A 1 77  ? -1.770  1.013   9.434   1.00 21.74 ? 877  THR A C   1 
ATOM   568  O O   . THR A 1 77  ? -0.873  1.479   10.147  1.00 21.87 ? 877  THR A O   1 
ATOM   569  C CB  . THR A 1 77  ? -4.298  1.673   9.778   1.00 22.44 ? 877  THR A CB  1 
ATOM   570  O OG1 . THR A 1 77  ? -3.925  2.643   8.780   1.00 24.34 ? 877  THR A OG1 1 
ATOM   571  C CG2 . THR A 1 77  ? -4.566  2.498   10.962  1.00 22.89 ? 877  THR A CG2 1 
ATOM   572  N N   . VAL A 1 78  ? -1.609  0.734   8.143   1.00 21.41 ? 878  VAL A N   1 
ATOM   573  C CA  . VAL A 1 78  ? -0.422  1.124   7.392   1.00 21.00 ? 878  VAL A CA  1 
ATOM   574  C C   . VAL A 1 78  ? -0.818  2.148   6.340   1.00 20.80 ? 878  VAL A C   1 
ATOM   575  O O   . VAL A 1 78  ? -1.942  2.117   5.824   1.00 20.60 ? 878  VAL A O   1 
ATOM   576  C CB  . VAL A 1 78  ? 0.321   -0.088  6.752   1.00 21.30 ? 878  VAL A CB  1 
ATOM   577  C CG1 . VAL A 1 78  ? 0.822   -1.047  7.843   1.00 20.79 ? 878  VAL A CG1 1 
ATOM   578  C CG2 . VAL A 1 78  ? -0.561  -0.823  5.778   1.00 22.63 ? 878  VAL A CG2 1 
ATOM   579  N N   . TYR A 1 79  ? 0.086   3.082   6.058   1.00 20.26 ? 879  TYR A N   1 
ATOM   580  C CA  . TYR A 1 79  ? -0.235  4.201   5.181   1.00 19.67 ? 879  TYR A CA  1 
ATOM   581  C C   . TYR A 1 79  ? 0.681   4.203   3.980   1.00 19.66 ? 879  TYR A C   1 
ATOM   582  O O   . TYR A 1 79  ? 1.802   3.683   4.044   1.00 19.63 ? 879  TYR A O   1 
ATOM   583  C CB  . TYR A 1 79  ? -0.112  5.539   5.932   1.00 19.30 ? 879  TYR A CB  1 
ATOM   584  C CG  . TYR A 1 79  ? -0.977  5.632   7.171   1.00 19.16 ? 879  TYR A CG  1 
ATOM   585  C CD1 . TYR A 1 79  ? -2.340  5.935   7.074   1.00 18.67 ? 879  TYR A CD1 1 
ATOM   586  C CD2 . TYR A 1 79  ? -0.435  5.420   8.445   1.00 18.92 ? 879  TYR A CD2 1 
ATOM   587  C CE1 . TYR A 1 79  ? -3.149  6.020   8.222   1.00 17.76 ? 879  TYR A CE1 1 
ATOM   588  C CE2 . TYR A 1 79  ? -1.230  5.499   9.600   1.00 18.05 ? 879  TYR A CE2 1 
ATOM   589  C CZ  . TYR A 1 79  ? -2.588  5.797   9.478   1.00 18.62 ? 879  TYR A CZ  1 
ATOM   590  O OH  . TYR A 1 79  ? -3.384  5.870   10.608  1.00 18.23 ? 879  TYR A OH  1 
ATOM   591  N N   . LEU A 1 80  ? 0.188   4.774   2.884   1.00 19.27 ? 880  LEU A N   1 
ATOM   592  C CA  . LEU A 1 80  ? 1.014   5.124   1.745   1.00 19.13 ? 880  LEU A CA  1 
ATOM   593  C C   . LEU A 1 80  ? 0.815   6.607   1.464   1.00 19.34 ? 880  LEU A C   1 
ATOM   594  O O   . LEU A 1 80  ? -0.234  7.016   0.946   1.00 19.10 ? 880  LEU A O   1 
ATOM   595  C CB  . LEU A 1 80  ? 0.661   4.285   0.504   1.00 19.12 ? 880  LEU A CB  1 
ATOM   596  C CG  . LEU A 1 80  ? 1.704   4.387   -0.634  1.00 18.89 ? 880  LEU A CG  1 
ATOM   597  C CD1 . LEU A 1 80  ? 3.070   3.843   -0.197  1.00 18.03 ? 880  LEU A CD1 1 
ATOM   598  C CD2 . LEU A 1 80  ? 1.238   3.685   -1.900  1.00 18.01 ? 880  LEU A CD2 1 
ATOM   599  N N   . GLN A 1 81  ? 1.816   7.412   1.826   1.00 19.51 ? 881  GLN A N   1 
ATOM   600  C CA  . GLN A 1 81  ? 1.782   8.850   1.556   1.00 20.23 ? 881  GLN A CA  1 
ATOM   601  C C   . GLN A 1 81  ? 2.358   9.110   0.160   1.00 20.32 ? 881  GLN A C   1 
ATOM   602  O O   . GLN A 1 81  ? 3.546   8.897   -0.081  1.00 21.00 ? 881  GLN A O   1 
ATOM   603  C CB  . GLN A 1 81  ? 2.547   9.625   2.647   1.00 19.98 ? 881  GLN A CB  1 
ATOM   604  C CG  . GLN A 1 81  ? 2.547   11.144  2.483   1.00 20.51 ? 881  GLN A CG  1 
ATOM   605  C CD  . GLN A 1 81  ? 1.146   11.750  2.486   1.00 21.79 ? 881  GLN A CD  1 
ATOM   606  O OE1 . GLN A 1 81  ? 0.391   11.579  3.440   1.00 22.71 ? 881  GLN A OE1 1 
ATOM   607  N NE2 . GLN A 1 81  ? 0.806   12.459  1.422   1.00 21.67 ? 881  GLN A NE2 1 
ATOM   608  N N   . MET A 1 82  ? 1.510   9.544   -0.761  1.00 20.47 ? 882  MET A N   1 
ATOM   609  C CA  . MET A 1 82  ? 1.917   9.717   -2.153  1.00 20.77 ? 882  MET A CA  1 
ATOM   610  C C   . MET A 1 82  ? 2.002   11.194  -2.540  1.00 21.15 ? 882  MET A C   1 
ATOM   611  O O   . MET A 1 82  ? 0.971   11.857  -2.742  1.00 21.19 ? 882  MET A O   1 
ATOM   612  C CB  . MET A 1 82  ? 0.952   8.986   -3.089  1.00 20.56 ? 882  MET A CB  1 
ATOM   613  C CG  . MET A 1 82  ? 0.719   7.507   -2.747  1.00 21.24 ? 882  MET A CG  1 
ATOM   614  S SD  . MET A 1 82  ? -0.515  6.732   -3.839  1.00 26.11 ? 882  MET A SD  1 
ATOM   615  C CE  . MET A 1 82  ? -1.937  7.516   -3.309  1.00 25.57 ? 882  MET A CE  1 
ATOM   616  N N   . ASN A 1 83  ? 3.233   11.693  -2.654  1.00 20.96 ? 883  ASN A N   1 
ATOM   617  C CA  . ASN A 1 83  ? 3.491   13.079  -3.033  1.00 21.27 ? 883  ASN A CA  1 
ATOM   618  C C   . ASN A 1 83  ? 3.883   13.192  -4.507  1.00 21.40 ? 883  ASN A C   1 
ATOM   619  O O   . ASN A 1 83  ? 4.222   12.190  -5.139  1.00 20.97 ? 883  ASN A O   1 
ATOM   620  C CB  . ASN A 1 83  ? 4.589   13.665  -2.141  1.00 20.99 ? 883  ASN A CB  1 
ATOM   621  C CG  . ASN A 1 83  ? 4.180   13.724  -0.675  1.00 21.38 ? 883  ASN A CG  1 
ATOM   622  O OD1 . ASN A 1 83  ? 2.992   13.869  -0.349  1.00 22.25 ? 883  ASN A OD1 1 
ATOM   623  N ND2 . ASN A 1 83  ? 5.156   13.594  0.214   1.00 18.70 ? 883  ASN A ND2 1 
ATOM   624  N N   . SER A 1 84  ? 3.843   14.414  -5.040  1.00 21.40 ? 884  SER A N   1 
ATOM   625  C CA  . SER A 1 84  ? 4.235   14.688  -6.430  1.00 21.86 ? 884  SER A CA  1 
ATOM   626  C C   . SER A 1 84  ? 3.718   13.618  -7.402  1.00 21.46 ? 884  SER A C   1 
ATOM   627  O O   . SER A 1 84  ? 4.487   13.015  -8.156  1.00 21.71 ? 884  SER A O   1 
ATOM   628  C CB  . SER A 1 84  ? 5.751   14.808  -6.541  1.00 21.80 ? 884  SER A CB  1 
ATOM   629  O OG  . SER A 1 84  ? 6.227   15.820  -5.688  1.00 23.77 ? 884  SER A OG  1 
ATOM   630  N N   . LEU A 1 85  ? 2.414   13.383  -7.357  1.00 21.27 ? 885  LEU A N   1 
ATOM   631  C CA  . LEU A 1 85  ? 1.772   12.352  -8.157  1.00 21.28 ? 885  LEU A CA  1 
ATOM   632  C C   . LEU A 1 85  ? 1.899   12.666  -9.648  1.00 21.35 ? 885  LEU A C   1 
ATOM   633  O O   . LEU A 1 85  ? 1.748   13.822  -10.054 1.00 20.39 ? 885  LEU A O   1 
ATOM   634  C CB  . LEU A 1 85  ? 0.296   12.265  -7.764  1.00 21.23 ? 885  LEU A CB  1 
ATOM   635  C CG  . LEU A 1 85  ? -0.278  11.120  -6.902  1.00 22.47 ? 885  LEU A CG  1 
ATOM   636  C CD1 . LEU A 1 85  ? 0.652   9.955   -6.690  1.00 21.31 ? 885  LEU A CD1 1 
ATOM   637  C CD2 . LEU A 1 85  ? -0.833  11.642  -5.581  1.00 22.85 ? 885  LEU A CD2 1 
ATOM   638  N N   . LYS A 1 86  ? 2.190   11.641  -10.449 1.00 21.77 ? 886  LYS A N   1 
ATOM   639  C CA  . LYS A 1 86  ? 2.235   11.757  -11.920 1.00 22.45 ? 886  LYS A CA  1 
ATOM   640  C C   . LYS A 1 86  ? 1.106   10.923  -12.519 1.00 22.29 ? 886  LYS A C   1 
ATOM   641  O O   . LYS A 1 86  ? 0.679   9.944   -11.895 1.00 21.85 ? 886  LYS A O   1 
ATOM   642  C CB  . LYS A 1 86  ? 3.554   11.220  -12.506 1.00 22.71 ? 886  LYS A CB  1 
ATOM   643  C CG  . LYS A 1 86  ? 4.848   11.645  -11.835 1.00 24.65 ? 886  LYS A CG  1 
ATOM   644  C CD  . LYS A 1 86  ? 5.848   10.467  -11.826 1.00 27.11 ? 886  LYS A CD  1 
ATOM   645  C CE  . LYS A 1 86  ? 7.199   10.840  -12.444 1.00 28.83 ? 886  LYS A CE  1 
ATOM   646  N NZ  . LYS A 1 86  ? 7.959   11.834  -11.624 1.00 27.96 ? 886  LYS A NZ  1 
ATOM   647  N N   . PRO A 1 87  ? 0.644   11.275  -13.725 1.00 22.20 ? 887  PRO A N   1 
ATOM   648  C CA  . PRO A 1 87  ? -0.376  10.479  -14.422 1.00 22.18 ? 887  PRO A CA  1 
ATOM   649  C C   . PRO A 1 87  ? -0.077  8.979   -14.434 1.00 22.24 ? 887  PRO A C   1 
ATOM   650  O O   . PRO A 1 87  ? -1.020  8.194   -14.392 1.00 22.28 ? 887  PRO A O   1 
ATOM   651  C CB  . PRO A 1 87  ? -0.361  11.052  -15.848 1.00 22.32 ? 887  PRO A CB  1 
ATOM   652  C CG  . PRO A 1 87  ? 0.048   12.488  -15.655 1.00 22.34 ? 887  PRO A CG  1 
ATOM   653  C CD  . PRO A 1 87  ? 1.026   12.475  -14.503 1.00 22.44 ? 887  PRO A CD  1 
ATOM   654  N N   . GLU A 1 88  ? 1.199   8.598   -14.469 1.00 22.13 ? 888  GLU A N   1 
ATOM   655  C CA  . GLU A 1 88  ? 1.593   7.189   -14.491 1.00 22.24 ? 888  GLU A CA  1 
ATOM   656  C C   . GLU A 1 88  ? 1.452   6.479   -13.143 1.00 21.31 ? 888  GLU A C   1 
ATOM   657  O O   . GLU A 1 88  ? 1.678   5.271   -13.061 1.00 21.01 ? 888  GLU A O   1 
ATOM   658  C CB  . GLU A 1 88  ? 3.040   7.033   -14.987 1.00 23.08 ? 888  GLU A CB  1 
ATOM   659  C CG  . GLU A 1 88  ? 3.407   7.949   -16.133 1.00 26.62 ? 888  GLU A CG  1 
ATOM   660  C CD  . GLU A 1 88  ? 4.193   9.159   -15.665 1.00 29.78 ? 888  GLU A CD  1 
ATOM   661  O OE1 . GLU A 1 88  ? 3.701   10.299  -15.857 1.00 30.06 ? 888  GLU A OE1 1 
ATOM   662  O OE2 . GLU A 1 88  ? 5.305   8.956   -15.109 1.00 31.64 ? 888  GLU A OE2 1 
ATOM   663  N N   . ASP A 1 89  ? 1.106   7.223   -12.091 1.00 20.34 ? 889  ASP A N   1 
ATOM   664  C CA  . ASP A 1 89  ? 0.774   6.607   -10.796 1.00 19.23 ? 889  ASP A CA  1 
ATOM   665  C C   . ASP A 1 89  ? -0.689  6.127   -10.753 1.00 18.67 ? 889  ASP A C   1 
ATOM   666  O O   . ASP A 1 89  ? -1.108  5.480   -9.791  1.00 18.63 ? 889  ASP A O   1 
ATOM   667  C CB  . ASP A 1 89  ? 1.030   7.572   -9.631  1.00 18.92 ? 889  ASP A CB  1 
ATOM   668  C CG  . ASP A 1 89  ? 2.482   8.017   -9.529  1.00 18.49 ? 889  ASP A CG  1 
ATOM   669  O OD1 . ASP A 1 89  ? 3.404   7.182   -9.671  1.00 17.89 ? 889  ASP A OD1 1 
ATOM   670  O OD2 . ASP A 1 89  ? 2.787   9.200   -9.290  1.00 18.04 ? 889  ASP A OD2 1 
ATOM   671  N N   . THR A 1 90  ? -1.461  6.460   -11.786 1.00 17.68 ? 890  THR A N   1 
ATOM   672  C CA  . THR A 1 90  ? -2.850  6.015   -11.899 1.00 17.21 ? 890  THR A CA  1 
ATOM   673  C C   . THR A 1 90  ? -2.904  4.486   -11.875 1.00 17.14 ? 890  THR A C   1 
ATOM   674  O O   . THR A 1 90  ? -2.286  3.835   -12.705 1.00 16.95 ? 890  THR A O   1 
ATOM   675  C CB  . THR A 1 90  ? -3.485  6.570   -13.212 1.00 17.29 ? 890  THR A CB  1 
ATOM   676  O OG1 . THR A 1 90  ? -3.650  7.994   -13.102 1.00 16.08 ? 890  THR A OG1 1 
ATOM   677  C CG2 . THR A 1 90  ? -4.908  6.022   -13.420 1.00 16.63 ? 890  THR A CG2 1 
ATOM   678  N N   . ALA A 1 91  ? -3.636  3.922   -10.920 1.00 17.08 ? 891  ALA A N   1 
ATOM   679  C CA  . ALA A 1 91  ? -3.675  2.475   -10.733 1.00 17.35 ? 891  ALA A CA  1 
ATOM   680  C C   . ALA A 1 91  ? -4.674  2.105   -9.656  1.00 17.34 ? 891  ALA A C   1 
ATOM   681  O O   . ALA A 1 91  ? -5.124  2.959   -8.892  1.00 17.47 ? 891  ALA A O   1 
ATOM   682  C CB  . ALA A 1 91  ? -2.272  1.944   -10.326 1.00 16.87 ? 891  ALA A CB  1 
ATOM   683  N N   . VAL A 1 92  ? -4.999  0.822   -9.587  1.00 17.07 ? 892  VAL A N   1 
ATOM   684  C CA  . VAL A 1 92  ? -5.616  0.272   -8.394  1.00 17.20 ? 892  VAL A CA  1 
ATOM   685  C C   . VAL A 1 92  ? -4.480  -0.096  -7.433  1.00 17.39 ? 892  VAL A C   1 
ATOM   686  O O   . VAL A 1 92  ? -3.581  -0.842  -7.802  1.00 16.98 ? 892  VAL A O   1 
ATOM   687  C CB  . VAL A 1 92  ? -6.482  -0.973  -8.718  1.00 17.18 ? 892  VAL A CB  1 
ATOM   688  C CG1 . VAL A 1 92  ? -7.139  -1.511  -7.453  1.00 17.38 ? 892  VAL A CG1 1 
ATOM   689  C CG2 . VAL A 1 92  ? -7.547  -0.637  -9.791  1.00 16.40 ? 892  VAL A CG2 1 
ATOM   690  N N   . TYR A 1 93  ? -4.516  0.463   -6.223  1.00 17.67 ? 893  TYR A N   1 
ATOM   691  C CA  . TYR A 1 93  ? -3.547  0.166   -5.172  1.00 17.91 ? 893  TYR A CA  1 
ATOM   692  C C   . TYR A 1 93  ? -4.116  -0.866  -4.208  1.00 18.21 ? 893  TYR A C   1 
ATOM   693  O O   . TYR A 1 93  ? -5.269  -0.747  -3.761  1.00 18.29 ? 893  TYR A O   1 
ATOM   694  C CB  . TYR A 1 93  ? -3.126  1.447   -4.429  1.00 17.60 ? 893  TYR A CB  1 
ATOM   695  C CG  . TYR A 1 93  ? -2.231  2.345   -5.284  1.00 18.58 ? 893  TYR A CG  1 
ATOM   696  C CD1 . TYR A 1 93  ? -2.740  2.994   -6.413  1.00 17.53 ? 893  TYR A CD1 1 
ATOM   697  C CD2 . TYR A 1 93  ? -0.874  2.505   -4.987  1.00 18.15 ? 893  TYR A CD2 1 
ATOM   698  C CE1 . TYR A 1 93  ? -1.935  3.782   -7.217  1.00 18.65 ? 893  TYR A CE1 1 
ATOM   699  C CE2 . TYR A 1 93  ? -0.051  3.297   -5.791  1.00 19.93 ? 893  TYR A CE2 1 
ATOM   700  C CZ  . TYR A 1 93  ? -0.591  3.936   -6.911  1.00 19.59 ? 893  TYR A CZ  1 
ATOM   701  O OH  . TYR A 1 93  ? 0.201   4.739   -7.713  1.00 19.65 ? 893  TYR A OH  1 
ATOM   702  N N   . TYR A 1 94  ? -3.298  -1.874  -3.906  1.00 17.97 ? 894  TYR A N   1 
ATOM   703  C CA  . TYR A 1 94  ? -3.678  -2.985  -3.045  1.00 18.25 ? 894  TYR A CA  1 
ATOM   704  C C   . TYR A 1 94  ? -2.793  -3.071  -1.825  1.00 18.51 ? 894  TYR A C   1 
ATOM   705  O O   . TYR A 1 94  ? -1.562  -3.023  -1.930  1.00 19.11 ? 894  TYR A O   1 
ATOM   706  C CB  . TYR A 1 94  ? -3.565  -4.318  -3.786  1.00 17.87 ? 894  TYR A CB  1 
ATOM   707  C CG  . TYR A 1 94  ? -4.503  -4.485  -4.958  1.00 19.33 ? 894  TYR A CG  1 
ATOM   708  C CD1 . TYR A 1 94  ? -4.136  -4.065  -6.235  1.00 19.93 ? 894  TYR A CD1 1 
ATOM   709  C CD2 . TYR A 1 94  ? -5.745  -5.096  -4.794  1.00 19.71 ? 894  TYR A CD2 1 
ATOM   710  C CE1 . TYR A 1 94  ? -4.998  -4.235  -7.318  1.00 20.92 ? 894  TYR A CE1 1 
ATOM   711  C CE2 . TYR A 1 94  ? -6.610  -5.276  -5.866  1.00 21.32 ? 894  TYR A CE2 1 
ATOM   712  C CZ  . TYR A 1 94  ? -6.230  -4.843  -7.123  1.00 21.83 ? 894  TYR A CZ  1 
ATOM   713  O OH  . TYR A 1 94  ? -7.089  -5.017  -8.181  1.00 23.36 ? 894  TYR A OH  1 
ATOM   714  N N   . CYS A 1 95  ? -3.425  -3.219  -0.665  1.00 18.77 ? 895  CYS A N   1 
ATOM   715  C CA  . CYS A 1 95  ? -2.716  -3.491  0.578   1.00 19.33 ? 895  CYS A CA  1 
ATOM   716  C C   . CYS A 1 95  ? -2.476  -4.997  0.679   1.00 18.48 ? 895  CYS A C   1 
ATOM   717  O O   . CYS A 1 95  ? -3.299  -5.782  0.235   1.00 18.46 ? 895  CYS A O   1 
ATOM   718  C CB  . CYS A 1 95  ? -3.559  -3.010  1.759   1.00 19.46 ? 895  CYS A CB  1 
ATOM   719  S SG  . CYS A 1 95  ? -2.818  -3.256  3.385   1.00 24.18 ? 895  CYS A SG  1 
ATOM   720  N N   . ALA A 1 96  ? -1.340  -5.393  1.246   1.00 17.61 ? 896  ALA A N   1 
ATOM   721  C CA  . ALA A 1 96  ? -0.994  -6.806  1.362   1.00 16.74 ? 896  ALA A CA  1 
ATOM   722  C C   . ALA A 1 96  ? -0.339  -7.064  2.722   1.00 16.14 ? 896  ALA A C   1 
ATOM   723  O O   . ALA A 1 96  ? 0.279   -6.181  3.295   1.00 15.94 ? 896  ALA A O   1 
ATOM   724  C CB  . ALA A 1 96  ? -0.064  -7.218  0.231   1.00 16.36 ? 896  ALA A CB  1 
ATOM   725  N N   . ALA A 1 97  ? -0.497  -8.269  3.241   1.00 15.90 ? 897  ALA A N   1 
ATOM   726  C CA  . ALA A 1 97  ? 0.120   -8.627  4.515   1.00 16.19 ? 897  ALA A CA  1 
ATOM   727  C C   . ALA A 1 97  ? 0.660   -10.028 4.426   1.00 16.02 ? 897  ALA A C   1 
ATOM   728  O O   . ALA A 1 97  ? -0.011  -10.923 3.898   1.00 16.72 ? 897  ALA A O   1 
ATOM   729  C CB  . ALA A 1 97  ? -0.886  -8.526  5.667   1.00 15.57 ? 897  ALA A CB  1 
ATOM   730  N N   . GLU A 1 98  ? 1.865   -10.212 4.954   1.00 15.81 ? 898  GLU A N   1 
ATOM   731  C CA  . GLU A 1 98  ? 2.487   -11.529 5.070   1.00 15.28 ? 898  GLU A CA  1 
ATOM   732  C C   . GLU A 1 98  ? 2.018   -12.167 6.373   1.00 15.59 ? 898  GLU A C   1 
ATOM   733  O O   . GLU A 1 98  ? 1.940   -11.499 7.409   1.00 15.61 ? 898  GLU A O   1 
ATOM   734  C CB  . GLU A 1 98  ? 4.014   -11.363 5.067   1.00 15.43 ? 898  GLU A CB  1 
ATOM   735  C CG  . GLU A 1 98  ? 4.858   -12.637 5.189   1.00 14.44 ? 898  GLU A CG  1 
ATOM   736  C CD  . GLU A 1 98  ? 6.324   -12.327 5.472   1.00 14.62 ? 898  GLU A CD  1 
ATOM   737  O OE1 . GLU A 1 98  ? 6.601   -11.393 6.240   1.00 14.79 ? 898  GLU A OE1 1 
ATOM   738  O OE2 . GLU A 1 98  ? 7.218   -13.000 4.915   1.00 16.55 ? 898  GLU A OE2 1 
ATOM   739  N N   . ASP A 1 99  ? 1.705   -13.458 6.327   1.00 15.27 ? 899  ASP A N   1 
ATOM   740  C CA  . ASP A 1 99  ? 1.412   -14.203 7.546   1.00 15.06 ? 899  ASP A CA  1 
ATOM   741  C C   . ASP A 1 99  ? 2.716   -14.772 8.091   1.00 15.04 ? 899  ASP A C   1 
ATOM   742  O O   . ASP A 1 99  ? 3.501   -15.371 7.337   1.00 14.45 ? 899  ASP A O   1 
ATOM   743  C CB  . ASP A 1 99  ? 0.404   -15.333 7.275   1.00 14.89 ? 899  ASP A CB  1 
ATOM   744  C CG  . ASP A 1 99  ? -0.177  -15.917 8.555   1.00 15.75 ? 899  ASP A CG  1 
ATOM   745  O OD1 . ASP A 1 99  ? 0.546   -16.617 9.283   1.00 15.63 ? 899  ASP A OD1 1 
ATOM   746  O OD2 . ASP A 1 99  ? -1.351  -15.740 8.918   1.00 17.06 ? 899  ASP A OD2 1 
ATOM   747  N N   . ARG A 1 100 ? 2.932   -14.602 9.399   1.00 14.61 ? 900  ARG A N   1 
ATOM   748  C CA  . ARG A 1 100 ? 4.186   -14.991 10.037  1.00 14.65 ? 900  ARG A CA  1 
ATOM   749  C C   . ARG A 1 100 ? 4.438   -16.488 9.940   1.00 14.86 ? 900  ARG A C   1 
ATOM   750  O O   . ARG A 1 100 ? 5.579   -16.940 10.040  1.00 14.42 ? 900  ARG A O   1 
ATOM   751  C CB  . ARG A 1 100 ? 4.215   -14.553 11.510  1.00 14.88 ? 900  ARG A CB  1 
ATOM   752  C CG  . ARG A 1 100 ? 3.251   -15.333 12.440  1.00 14.79 ? 900  ARG A CG  1 
ATOM   753  C CD  . ARG A 1 100 ? 3.035   -14.674 13.792  1.00 15.12 ? 900  ARG A CD  1 
ATOM   754  N NE  . ARG A 1 100 ? 4.185   -14.844 14.687  1.00 17.27 ? 900  ARG A NE  1 
ATOM   755  C CZ  . ARG A 1 100 ? 4.331   -14.212 15.858  1.00 17.20 ? 900  ARG A CZ  1 
ATOM   756  N NH1 . ARG A 1 100 ? 3.404   -13.361 16.293  1.00 15.86 ? 900  ARG A NH1 1 
ATOM   757  N NH2 . ARG A 1 100 ? 5.402   -14.437 16.601  1.00 16.43 ? 900  ARG A NH2 1 
ATOM   758  N N   . HIS A 1 101 ? 3.365   -17.248 9.738   1.00 14.90 ? 901  HIS A N   1 
ATOM   759  C CA  . HIS A 1 101 ? 3.451   -18.698 9.689   1.00 15.25 ? 901  HIS A CA  1 
ATOM   760  C C   . HIS A 1 101 ? 3.697   -19.224 8.267   1.00 15.88 ? 901  HIS A C   1 
ATOM   761  O O   . HIS A 1 101 ? 3.804   -20.437 8.043   1.00 15.72 ? 901  HIS A O   1 
ATOM   762  C CB  . HIS A 1 101 ? 2.196   -19.297 10.318  1.00 14.84 ? 901  HIS A CB  1 
ATOM   763  C CG  . HIS A 1 101 ? 2.023   -18.933 11.761  1.00 14.46 ? 901  HIS A CG  1 
ATOM   764  N ND1 . HIS A 1 101 ? 2.950   -19.258 12.727  1.00 15.24 ? 901  HIS A ND1 1 
ATOM   765  C CD2 . HIS A 1 101 ? 1.041   -18.253 12.399  1.00 14.84 ? 901  HIS A CD2 1 
ATOM   766  C CE1 . HIS A 1 101 ? 2.540   -18.811 13.902  1.00 15.06 ? 901  HIS A CE1 1 
ATOM   767  N NE2 . HIS A 1 101 ? 1.384   -18.197 13.731  1.00 14.06 ? 901  HIS A NE2 1 
ATOM   768  N N   . ARG A 1 102 ? 3.795   -18.293 7.321   1.00 16.34 ? 902  ARG A N   1 
ATOM   769  C CA  . ARG A 1 102 ? 4.059   -18.604 5.920   1.00 17.59 ? 902  ARG A CA  1 
ATOM   770  C C   . ARG A 1 102 ? 4.842   -17.443 5.312   1.00 17.07 ? 902  ARG A C   1 
ATOM   771  O O   . ARG A 1 102 ? 4.305   -16.660 4.506   1.00 17.06 ? 902  ARG A O   1 
ATOM   772  C CB  . ARG A 1 102 ? 2.742   -18.806 5.160   1.00 17.96 ? 902  ARG A CB  1 
ATOM   773  C CG  . ARG A 1 102 ? 2.321   -20.265 4.994   1.00 23.02 ? 902  ARG A CG  1 
ATOM   774  C CD  . ARG A 1 102 ? 0.872   -20.599 5.419   1.00 30.79 ? 902  ARG A CD  1 
ATOM   775  N NE  . ARG A 1 102 ? -0.061  -19.471 5.285   1.00 34.68 ? 902  ARG A NE  1 
ATOM   776  C CZ  . ARG A 1 102 ? -1.305  -19.448 5.771   1.00 37.02 ? 902  ARG A CZ  1 
ATOM   777  N NH1 . ARG A 1 102 ? -1.791  -20.504 6.426   1.00 37.70 ? 902  ARG A NH1 1 
ATOM   778  N NH2 . ARG A 1 102 ? -2.068  -18.367 5.599   1.00 37.26 ? 902  ARG A NH2 1 
ATOM   779  N N   . ILE A 1 103 ? 6.102   -17.310 5.710   1.00 16.47 ? 903  ILE A N   1 
ATOM   780  C CA  . ILE A 1 103 ? 6.888   -16.151 5.291   1.00 16.65 ? 903  ILE A CA  1 
ATOM   781  C C   . ILE A 1 103 ? 7.272   -16.228 3.803   1.00 16.67 ? 903  ILE A C   1 
ATOM   782  O O   . ILE A 1 103 ? 7.362   -17.313 3.235   1.00 16.12 ? 903  ILE A O   1 
ATOM   783  C CB  . ILE A 1 103 ? 8.136   -15.936 6.204   1.00 16.63 ? 903  ILE A CB  1 
ATOM   784  C CG1 . ILE A 1 103 ? 9.106   -17.138 6.143   1.00 16.35 ? 903  ILE A CG1 1 
ATOM   785  C CG2 . ILE A 1 103 ? 7.695   -15.640 7.643   1.00 16.26 ? 903  ILE A CG2 1 
ATOM   786  C CD1 . ILE A 1 103 ? 10.536  -16.795 6.555   1.00 15.91 ? 903  ILE A CD1 1 
ATOM   787  N N   . GLY A 1 104 ? 7.484   -15.066 3.196   1.00 16.94 ? 904  GLY A N   1 
ATOM   788  C CA  . GLY A 1 104 ? 7.937   -14.976 1.821   1.00 17.90 ? 904  GLY A CA  1 
ATOM   789  C C   . GLY A 1 104 ? 6.830   -14.879 0.787   1.00 18.77 ? 904  GLY A C   1 
ATOM   790  O O   . GLY A 1 104 ? 7.130   -14.681 -0.380  1.00 19.08 ? 904  GLY A O   1 
ATOM   791  N N   . THR A 1 105 ? 5.566   -15.055 1.193   1.00 19.01 ? 905  THR A N   1 
ATOM   792  C CA  . THR A 1 105 ? 4.433   -14.855 0.293   1.00 19.98 ? 905  THR A CA  1 
ATOM   793  C C   . THR A 1 105 ? 3.389   -13.949 0.933   1.00 19.50 ? 905  THR A C   1 
ATOM   794  O O   . THR A 1 105 ? 3.370   -13.763 2.158   1.00 19.36 ? 905  THR A O   1 
ATOM   795  C CB  . THR A 1 105 ? 3.777   -16.205 -0.167  1.00 20.57 ? 905  THR A CB  1 
ATOM   796  O OG1 . THR A 1 105 ? 3.155   -16.863 0.948   1.00 22.50 ? 905  THR A OG1 1 
ATOM   797  C CG2 . THR A 1 105 ? 4.827   -17.221 -0.610  1.00 22.72 ? 905  THR A CG2 1 
ATOM   798  N N   . VAL A 1 106 ? 2.523   -13.380 0.100   1.00 18.95 ? 906  VAL A N   1 
ATOM   799  C CA  . VAL A 1 106 ? 1.370   -12.640 0.594   1.00 18.50 ? 906  VAL A CA  1 
ATOM   800  C C   . VAL A 1 106 ? 0.345   -13.606 1.193   1.00 18.51 ? 906  VAL A C   1 
ATOM   801  O O   . VAL A 1 106 ? -0.075  -14.563 0.547   1.00 18.74 ? 906  VAL A O   1 
ATOM   802  C CB  . VAL A 1 106 ? 0.735   -11.773 -0.523  1.00 19.24 ? 906  VAL A CB  1 
ATOM   803  C CG1 . VAL A 1 106 ? -0.541  -11.086 -0.030  1.00 17.69 ? 906  VAL A CG1 1 
ATOM   804  C CG2 . VAL A 1 106 ? 1.750   -10.734 -1.026  1.00 18.62 ? 906  VAL A CG2 1 
ATOM   805  N N   . GLY A 1 107 ? -0.035  -13.371 2.445   1.00 18.03 ? 907  GLY A N   1 
ATOM   806  C CA  . GLY A 1 107 ? -1.087  -14.158 3.063   1.00 17.67 ? 907  GLY A CA  1 
ATOM   807  C C   . GLY A 1 107 ? -2.466  -13.543 2.882   1.00 17.70 ? 907  GLY A C   1 
ATOM   808  O O   . GLY A 1 107 ? -3.461  -14.263 2.733   1.00 17.87 ? 907  GLY A O   1 
ATOM   809  N N   . TYR A 1 108 ? -2.530  -12.214 2.896   1.00 17.55 ? 908  TYR A N   1 
ATOM   810  C CA  . TYR A 1 108 ? -3.810  -11.494 2.871   1.00 17.69 ? 908  TYR A CA  1 
ATOM   811  C C   . TYR A 1 108 ? -3.748  -10.281 1.954   1.00 17.89 ? 908  TYR A C   1 
ATOM   812  O O   . TYR A 1 108 ? -2.745  -9.570  1.939   1.00 17.66 ? 908  TYR A O   1 
ATOM   813  C CB  . TYR A 1 108 ? -4.217  -11.073 4.292   1.00 17.17 ? 908  TYR A CB  1 
ATOM   814  C CG  . TYR A 1 108 ? -4.092  -12.200 5.309   1.00 16.80 ? 908  TYR A CG  1 
ATOM   815  C CD1 . TYR A 1 108 ? -2.967  -12.299 6.130   1.00 14.84 ? 908  TYR A CD1 1 
ATOM   816  C CD2 . TYR A 1 108 ? -5.094  -13.173 5.434   1.00 16.26 ? 908  TYR A CD2 1 
ATOM   817  C CE1 . TYR A 1 108 ? -2.833  -13.338 7.057   1.00 15.25 ? 908  TYR A CE1 1 
ATOM   818  C CE2 . TYR A 1 108 ? -4.971  -14.225 6.362   1.00 15.76 ? 908  TYR A CE2 1 
ATOM   819  C CZ  . TYR A 1 108 ? -3.835  -14.294 7.169   1.00 15.39 ? 908  TYR A CZ  1 
ATOM   820  O OH  . TYR A 1 108 ? -3.693  -15.307 8.086   1.00 13.81 ? 908  TYR A OH  1 
ATOM   821  N N   . TRP A 1 109 ? -4.828  -10.065 1.196   1.00 18.35 ? 909  TRP A N   1 
ATOM   822  C CA  . TRP A 1 109 ? -4.972  -8.924  0.283   1.00 18.75 ? 909  TRP A CA  1 
ATOM   823  C C   . TRP A 1 109 ? -6.185  -8.066  0.653   1.00 19.05 ? 909  TRP A C   1 
ATOM   824  O O   . TRP A 1 109 ? -7.223  -8.595  1.077   1.00 18.63 ? 909  TRP A O   1 
ATOM   825  C CB  . TRP A 1 109 ? -5.209  -9.420  -1.147  1.00 18.76 ? 909  TRP A CB  1 
ATOM   826  C CG  . TRP A 1 109 ? -4.027  -10.005 -1.836  1.00 19.72 ? 909  TRP A CG  1 
ATOM   827  C CD1 . TRP A 1 109 ? -3.771  -11.337 -2.040  1.00 20.22 ? 909  TRP A CD1 1 
ATOM   828  C CD2 . TRP A 1 109 ? -2.946  -9.287  -2.460  1.00 19.83 ? 909  TRP A CD2 1 
ATOM   829  N NE1 . TRP A 1 109 ? -2.599  -11.486 -2.742  1.00 22.15 ? 909  TRP A NE1 1 
ATOM   830  C CE2 . TRP A 1 109 ? -2.068  -10.247 -3.010  1.00 20.42 ? 909  TRP A CE2 1 
ATOM   831  C CE3 . TRP A 1 109 ? -2.632  -7.924  -2.611  1.00 19.28 ? 909  TRP A CE3 1 
ATOM   832  C CZ2 . TRP A 1 109 ? -0.895  -9.894  -3.700  1.00 20.56 ? 909  TRP A CZ2 1 
ATOM   833  C CZ3 . TRP A 1 109 ? -1.460  -7.567  -3.292  1.00 18.90 ? 909  TRP A CZ3 1 
ATOM   834  C CH2 . TRP A 1 109 ? -0.610  -8.550  -3.834  1.00 19.51 ? 909  TRP A CH2 1 
ATOM   835  N N   . GLY A 1 110 ? -6.066  -6.752  0.468   1.00 19.11 ? 910  GLY A N   1 
ATOM   836  C CA  . GLY A 1 110 ? -7.234  -5.878  0.474   1.00 19.89 ? 910  GLY A CA  1 
ATOM   837  C C   . GLY A 1 110 ? -7.960  -5.940  -0.861  1.00 20.47 ? 910  GLY A C   1 
ATOM   838  O O   . GLY A 1 110 ? -7.514  -6.636  -1.777  1.00 20.78 ? 910  GLY A O   1 
ATOM   839  N N   . GLN A 1 111 ? -9.073  -5.218  -0.985  1.00 20.83 ? 911  GLN A N   1 
ATOM   840  C CA  . GLN A 1 111 ? -9.875  -5.251  -2.209  1.00 21.83 ? 911  GLN A CA  1 
ATOM   841  C C   . GLN A 1 111 ? -9.381  -4.264  -3.263  1.00 20.93 ? 911  GLN A C   1 
ATOM   842  O O   . GLN A 1 111 ? -9.807  -4.318  -4.413  1.00 21.00 ? 911  GLN A O   1 
ATOM   843  C CB  . GLN A 1 111 ? -11.375 -5.001  -1.939  1.00 22.85 ? 911  GLN A CB  1 
ATOM   844  C CG  . GLN A 1 111 ? -11.722 -4.372  -0.587  1.00 27.16 ? 911  GLN A CG  1 
ATOM   845  C CD  . GLN A 1 111 ? -11.317 -5.262  0.609   1.00 31.58 ? 911  GLN A CD  1 
ATOM   846  O OE1 . GLN A 1 111 ? -11.608 -6.466  0.636   1.00 35.36 ? 911  GLN A OE1 1 
ATOM   847  N NE2 . GLN A 1 111 ? -10.637 -4.667  1.580   1.00 31.75 ? 911  GLN A NE2 1 
ATOM   848  N N   . GLY A 1 112 ? -8.503  -3.354  -2.866  1.00 20.14 ? 912  GLY A N   1 
ATOM   849  C CA  . GLY A 1 112 ? -7.943  -2.406  -3.808  1.00 19.62 ? 912  GLY A CA  1 
ATOM   850  C C   . GLY A 1 112 ? -8.644  -1.067  -3.756  1.00 19.43 ? 912  GLY A C   1 
ATOM   851  O O   . GLY A 1 112 ? -9.846  -0.987  -3.484  1.00 18.85 ? 912  GLY A O   1 
ATOM   852  N N   . THR A 1 113 ? -7.879  -0.006  -3.998  1.00 18.97 ? 913  THR A N   1 
ATOM   853  C CA  . THR A 1 113 ? -8.430  1.334   -4.026  1.00 18.68 ? 913  THR A CA  1 
ATOM   854  C C   . THR A 1 113 ? -7.902  2.098   -5.240  1.00 17.96 ? 913  THR A C   1 
ATOM   855  O O   . THR A 1 113 ? -6.698  2.090   -5.533  1.00 17.36 ? 913  THR A O   1 
ATOM   856  C CB  . THR A 1 113 ? -8.177  2.082   -2.682  1.00 18.99 ? 913  THR A CB  1 
ATOM   857  O OG1 . THR A 1 113 ? -8.724  3.407   -2.769  1.00 20.62 ? 913  THR A OG1 1 
ATOM   858  C CG2 . THR A 1 113 ? -6.699  2.362   -2.465  1.00 18.98 ? 913  THR A CG2 1 
ATOM   859  N N   . GLN A 1 114 ? -8.823  2.749   -5.949  1.00 17.47 ? 914  GLN A N   1 
ATOM   860  C CA  . GLN A 1 114 ? -8.504  3.466   -7.173  1.00 16.79 ? 914  GLN A CA  1 
ATOM   861  C C   . GLN A 1 114 ? -7.861  4.828   -6.905  1.00 16.66 ? 914  GLN A C   1 
ATOM   862  O O   . GLN A 1 114 ? -8.400  5.649   -6.168  1.00 16.27 ? 914  GLN A O   1 
ATOM   863  C CB  . GLN A 1 114 ? -9.767  3.638   -8.034  1.00 17.05 ? 914  GLN A CB  1 
ATOM   864  C CG  . GLN A 1 114 ? -9.581  4.514   -9.290  1.00 17.41 ? 914  GLN A CG  1 
ATOM   865  C CD  . GLN A 1 114 ? -8.631  3.903   -10.339 1.00 19.74 ? 914  GLN A CD  1 
ATOM   866  O OE1 . GLN A 1 114 ? -7.913  4.631   -11.046 1.00 21.60 ? 914  GLN A OE1 1 
ATOM   867  N NE2 . GLN A 1 114 ? -8.645  2.586   -10.454 1.00 17.54 ? 914  GLN A NE2 1 
ATOM   868  N N   . VAL A 1 115 ? -6.713  5.062   -7.532  1.00 16.78 ? 915  VAL A N   1 
ATOM   869  C CA  . VAL A 1 115 ? -6.063  6.371   -7.514  1.00 16.75 ? 915  VAL A CA  1 
ATOM   870  C C   . VAL A 1 115 ? -5.989  6.860   -8.955  1.00 16.93 ? 915  VAL A C   1 
ATOM   871  O O   . VAL A 1 115 ? -5.399  6.190   -9.807  1.00 17.12 ? 915  VAL A O   1 
ATOM   872  C CB  . VAL A 1 115 ? -4.660  6.295   -6.894  1.00 17.10 ? 915  VAL A CB  1 
ATOM   873  C CG1 . VAL A 1 115 ? -3.888  7.617   -7.073  1.00 17.39 ? 915  VAL A CG1 1 
ATOM   874  C CG2 . VAL A 1 115 ? -4.751  5.905   -5.411  1.00 16.61 ? 915  VAL A CG2 1 
ATOM   875  N N   . THR A 1 116 ? -6.629  7.996   -9.235  1.00 16.36 ? 916  THR A N   1 
ATOM   876  C CA  . THR A 1 116 ? -6.600  8.585   -10.568 1.00 16.60 ? 916  THR A CA  1 
ATOM   877  C C   . THR A 1 116 ? -5.883  9.931   -10.518 1.00 17.27 ? 916  THR A C   1 
ATOM   878  O O   . THR A 1 116 ? -6.300  10.833  -9.799  1.00 17.49 ? 916  THR A O   1 
ATOM   879  C CB  . THR A 1 116 ? -8.040  8.754   -11.110 1.00 16.16 ? 916  THR A CB  1 
ATOM   880  O OG1 . THR A 1 116 ? -8.660  7.470   -11.222 1.00 15.73 ? 916  THR A OG1 1 
ATOM   881  C CG2 . THR A 1 116 ? -8.050  9.292   -12.555 1.00 15.71 ? 916  THR A CG2 1 
ATOM   882  N N   . VAL A 1 117 ? -4.809  10.056  -11.290 1.00 18.35 ? 917  VAL A N   1 
ATOM   883  C CA  . VAL A 1 117 ? -4.068  11.307  -11.396 1.00 19.13 ? 917  VAL A CA  1 
ATOM   884  C C   . VAL A 1 117 ? -4.354  11.938  -12.744 1.00 20.41 ? 917  VAL A C   1 
ATOM   885  O O   . VAL A 1 117 ? -4.050  11.358  -13.790 1.00 20.66 ? 917  VAL A O   1 
ATOM   886  C CB  . VAL A 1 117 ? -2.553  11.093  -11.244 1.00 19.27 ? 917  VAL A CB  1 
ATOM   887  C CG1 . VAL A 1 117 ? -1.813  12.438  -11.234 1.00 18.71 ? 917  VAL A CG1 1 
ATOM   888  C CG2 . VAL A 1 117 ? -2.247  10.283  -9.973  1.00 18.24 ? 917  VAL A CG2 1 
ATOM   889  N N   . SER A 1 118 ? -4.956  13.120  -12.718 1.00 21.78 ? 918  SER A N   1 
ATOM   890  C CA  . SER A 1 118 ? -5.351  13.796  -13.943 1.00 23.79 ? 918  SER A CA  1 
ATOM   891  C C   . SER A 1 118 ? -4.218  14.677  -14.471 1.00 24.79 ? 918  SER A C   1 
ATOM   892  O O   . SER A 1 118 ? -3.349  15.104  -13.709 1.00 24.98 ? 918  SER A O   1 
ATOM   893  C CB  . SER A 1 118 ? -6.626  14.618  -13.718 1.00 23.85 ? 918  SER A CB  1 
ATOM   894  O OG  . SER A 1 118 ? -6.417  15.621  -12.735 1.00 25.71 ? 918  SER A OG  1 
ATOM   895  N N   . SER A 1 119 ? -4.243  14.930  -15.778 1.00 26.20 ? 919  SER A N   1 
ATOM   896  C CA  . SER A 1 119 ? -3.254  15.765  -16.455 1.00 27.27 ? 919  SER A CA  1 
ATOM   897  C C   . SER A 1 119 ? -3.845  17.153  -16.690 1.00 27.70 ? 919  SER A C   1 
ATOM   898  O O   . SER A 1 119 ? -4.957  17.276  -17.210 1.00 27.64 ? 919  SER A O   1 
ATOM   899  C CB  . SER A 1 119 ? -2.875  15.147  -17.810 1.00 27.67 ? 919  SER A CB  1 
ATOM   900  O OG  . SER A 1 119 ? -2.299  13.856  -17.660 1.00 28.21 ? 919  SER A OG  1 
HETATM 901  C C1  . MPD B 2 .   ? 1.139   -3.965  13.275  1.00 47.12 ? 8001 MPD A C1  1 
HETATM 902  C C2  . MPD B 2 .   ? 0.642   -3.471  11.922  1.00 47.45 ? 8001 MPD A C2  1 
HETATM 903  O O2  . MPD B 2 .   ? -0.638  -4.112  11.675  1.00 47.60 ? 8001 MPD A O2  1 
HETATM 904  C CM  . MPD B 2 .   ? 0.420   -1.965  11.973  1.00 46.68 ? 8001 MPD A CM  1 
HETATM 905  C C3  . MPD B 2 .   ? 1.556   -3.860  10.753  1.00 46.79 ? 8001 MPD A C3  1 
HETATM 906  C C4  . MPD B 2 .   ? 3.065   -3.808  10.971  1.00 45.65 ? 8001 MPD A C4  1 
HETATM 907  O O4  . MPD B 2 .   ? 3.413   -4.696  12.008  1.00 45.83 ? 8001 MPD A O4  1 
HETATM 908  C C5  . MPD B 2 .   ? 3.813   -4.194  9.696   1.00 44.15 ? 8001 MPD A C5  1 
HETATM 909  C C1  . MPD C 2 .   ? 4.059   -7.520  2.088   1.00 53.18 ? 8002 MPD A C1  1 
HETATM 910  C C2  . MPD C 2 .   ? 4.896   -8.234  1.044   1.00 53.75 ? 8002 MPD A C2  1 
HETATM 911  O O2  . MPD C 2 .   ? 4.000   -8.630  -0.020  1.00 54.71 ? 8002 MPD A O2  1 
HETATM 912  C CM  . MPD C 2 .   ? 5.917   -7.273  0.446   1.00 54.68 ? 8002 MPD A CM  1 
HETATM 913  C C3  . MPD C 2 .   ? 5.529   -9.462  1.706   1.00 53.43 ? 8002 MPD A C3  1 
HETATM 914  C C4  . MPD C 2 .   ? 6.432   -10.312 0.819   1.00 52.85 ? 8002 MPD A C4  1 
HETATM 915  O O4  . MPD C 2 .   ? 7.335   -10.998 1.653   1.00 52.16 ? 8002 MPD A O4  1 
HETATM 916  C C5  . MPD C 2 .   ? 5.634   -11.333 0.017   1.00 52.44 ? 8002 MPD A C5  1 
HETATM 917  O O   . HOH D 3 .   W 7.596   -7.813  9.999   1.00 24.76 ? 1    HOH A O   1 
HETATM 918  O O   . HOH D 3 .   W 1.999   -15.257 4.311   1.00 25.53 ? 2    HOH A O   1 
HETATM 919  O O   . HOH D 3 .   W 16.525  5.250   -7.232  1.00 37.64 ? 3    HOH A O   1 
HETATM 920  O O   . HOH D 3 .   W -10.337 -13.858 7.476   1.00 45.40 ? 4    HOH A O   1 
HETATM 921  O O   . HOH D 3 .   W 11.343  -5.856  11.824  1.00 44.40 ? 5    HOH A O   1 
HETATM 922  O O   . HOH D 3 .   W 6.166   10.602  0.483   1.00 34.20 ? 6    HOH A O   1 
HETATM 923  O O   . HOH D 3 .   W 3.208   -9.158  14.524  1.00 46.54 ? 7    HOH A O   1 
HETATM 924  O O   . HOH D 3 .   W 11.720  -8.577  5.282   1.00 22.71 ? 8    HOH A O   1 
HETATM 925  O O   . HOH D 3 .   W -5.756  -17.641 13.682  1.00 35.37 ? 9    HOH A O   1 
HETATM 926  O O   . HOH D 3 .   W 7.190   -16.077 15.769  1.00 33.23 ? 10   HOH A O   1 
HETATM 927  O O   . HOH D 3 .   W 8.631   -3.046  -8.078  1.00 25.57 ? 11   HOH A O   1 
HETATM 928  O O   . HOH D 3 .   W 9.071   -7.191  2.978   1.00 28.09 ? 12   HOH A O   1 
HETATM 929  O O   . HOH D 3 .   W -6.287  7.664   3.987   1.00 34.91 ? 13   HOH A O   1 
HETATM 930  O O   . HOH D 3 .   W -1.183  19.827  -12.549 1.00 49.05 ? 14   HOH A O   1 
HETATM 931  O O   . HOH D 3 .   W 3.260   7.295   5.079   1.00 30.72 ? 15   HOH A O   1 
HETATM 932  O O   . HOH D 3 .   W 14.803  0.884   6.154   1.00 35.37 ? 16   HOH A O   1 
HETATM 933  O O   . HOH D 3 .   W 13.843  2.500   2.231   1.00 33.11 ? 17   HOH A O   1 
HETATM 934  O O   . HOH D 3 .   W -11.688 2.848   -5.086  1.00 22.81 ? 18   HOH A O   1 
HETATM 935  O O   . HOH D 3 .   W 10.705  1.005   -10.440 1.00 27.25 ? 19   HOH A O   1 
HETATM 936  O O   . HOH D 3 .   W -8.713  -8.760  3.403   1.00 27.15 ? 20   HOH A O   1 
HETATM 937  O O   . HOH D 3 .   W 3.987   -6.964  11.896  1.00 32.92 ? 21   HOH A O   1 
HETATM 938  O O   . HOH D 3 .   W 11.486  -3.721  3.924   1.00 31.07 ? 22   HOH A O   1 
HETATM 939  O O   . HOH D 3 .   W -11.758 12.128  -5.252  1.00 34.39 ? 23   HOH A O   1 
HETATM 940  O O   . HOH D 3 .   W 10.663  6.934   -0.646  1.00 29.67 ? 24   HOH A O   1 
HETATM 941  O O   . HOH D 3 .   W -6.933  10.303  0.861   1.00 35.80 ? 25   HOH A O   1 
HETATM 942  O O   . HOH D 3 .   W -6.671  8.022   11.917  1.00 46.01 ? 26   HOH A O   1 
HETATM 943  O O   . HOH D 3 .   W -5.552  9.391   -15.349 1.00 36.25 ? 27   HOH A O   1 
HETATM 944  O O   . HOH D 3 .   W -2.811  17.590  -3.594  1.00 37.36 ? 28   HOH A O   1 
HETATM 945  O O   . HOH D 3 .   W -11.250 2.468   -1.337  1.00 45.76 ? 29   HOH A O   1 
HETATM 946  O O   . HOH D 3 .   W 16.742  1.480   -5.555  1.00 36.26 ? 30   HOH A O   1 
HETATM 947  O O   . HOH D 3 .   W -9.780  -4.325  8.393   1.00 34.81 ? 31   HOH A O   1 
HETATM 948  O O   . HOH D 3 .   W 14.272  0.798   -1.186  1.00 34.97 ? 32   HOH A O   1 
HETATM 949  O O   . HOH D 3 .   W -9.073  6.768   4.589   1.00 36.62 ? 33   HOH A O   1 
HETATM 950  O O   . HOH D 3 .   W -7.020  -11.928 1.602   1.00 34.49 ? 34   HOH A O   1 
HETATM 951  O O   . HOH D 3 .   W -10.365 0.814   -10.999 1.00 40.88 ? 35   HOH A O   1 
HETATM 952  O O   . HOH D 3 .   W 7.022   -20.162 6.687   1.00 27.56 ? 36   HOH A O   1 
HETATM 953  O O   . HOH D 3 .   W 5.185   5.875   -11.550 1.00 39.14 ? 37   HOH A O   1 
HETATM 954  O O   . HOH D 3 .   W 2.613   16.797  -4.008  1.00 36.92 ? 38   HOH A O   1 
HETATM 955  O O   . HOH D 3 .   W 6.729   -6.304  -8.214  1.00 42.67 ? 39   HOH A O   1 
HETATM 956  O O   . HOH D 3 .   W 9.396   -8.265  0.637   1.00 32.86 ? 40   HOH A O   1 
HETATM 957  O O   . HOH D 3 .   W 3.079   2.865   15.389  1.00 42.88 ? 41   HOH A O   1 
HETATM 958  O O   . HOH D 3 .   W 5.871   4.051   10.692  1.00 33.89 ? 42   HOH A O   1 
HETATM 959  O O   . HOH D 3 .   W 2.214   8.173   9.113   1.00 41.91 ? 43   HOH A O   1 
HETATM 960  O O   . HOH D 3 .   W 10.450  -9.177  8.906   1.00 29.16 ? 44   HOH A O   1 
HETATM 961  O O   . HOH D 3 .   W 10.445  4.994   4.452   1.00 36.49 ? 45   HOH A O   1 
HETATM 962  O O   . HOH D 3 .   W -13.307 -2.233  -4.988  1.00 48.57 ? 46   HOH A O   1 
HETATM 963  O O   . HOH D 3 .   W 1.567   -7.377  14.163  1.00 43.84 ? 47   HOH A O   1 
HETATM 964  O O   . HOH D 3 .   W 11.444  7.824   -8.163  1.00 31.30 ? 48   HOH A O   1 
HETATM 965  O O   . HOH D 3 .   W 12.879  6.587   0.748   1.00 36.65 ? 49   HOH A O   1 
HETATM 966  O O   . HOH D 3 .   W -8.759  16.581  -11.908 1.00 46.38 ? 50   HOH A O   1 
HETATM 967  O O   . HOH D 3 .   W -11.578 -1.507  -7.328  1.00 51.33 ? 51   HOH A O   1 
HETATM 968  O O   . HOH D 3 .   W -8.706  -11.067 -0.511  1.00 53.73 ? 52   HOH A O   1 
HETATM 969  O O   . HOH D 3 .   W -11.483 7.490   3.329   1.00 29.84 ? 53   HOH A O   1 
HETATM 970  O O   . HOH D 3 .   W -1.105  4.484   -15.027 1.00 43.97 ? 54   HOH A O   1 
HETATM 971  O O   . HOH D 3 .   W 2.757   -13.778 -3.002  1.00 42.39 ? 55   HOH A O   1 
HETATM 972  O O   . HOH D 3 .   W -1.195  13.574  4.276   1.00 49.27 ? 56   HOH A O   1 
HETATM 973  O O   . HOH D 3 .   W 9.476   -11.640 15.769  1.00 37.87 ? 57   HOH A O   1 
HETATM 974  O O   . HOH D 3 .   W -7.522  -8.476  -3.866  1.00 39.21 ? 58   HOH A O   1 
HETATM 975  O O   . HOH D 3 .   W 8.964   1.285   13.428  1.00 53.76 ? 59   HOH A O   1 
HETATM 976  O O   . HOH D 3 .   W -4.972  12.402  1.538   1.00 42.70 ? 60   HOH A O   1 
HETATM 977  O O   . HOH D 3 .   W -1.813  14.089  1.514   1.00 50.02 ? 61   HOH A O   1 
HETATM 978  O O   . HOH D 3 .   W -1.524  19.823  -7.888  1.00 48.47 ? 62   HOH A O   1 
HETATM 979  O O   . HOH D 3 .   W 7.764   15.440  -3.322  1.00 52.02 ? 64   HOH A O   1 
HETATM 980  O O   . HOH D 3 .   W 9.198   14.210  -4.544  1.00 45.81 ? 65   HOH A O   1 
HETATM 981  O O   . HOH D 3 .   W -10.310 15.351  -13.899 1.00 41.95 ? 66   HOH A O   1 
HETATM 982  O O   . HOH D 3 .   W 10.284  -7.931  11.723  1.00 40.73 ? 67   HOH A O   1 
HETATM 983  O O   . HOH D 3 .   W -4.480  -9.488  18.113  1.00 46.06 ? 68   HOH A O   1 
HETATM 984  O O   . HOH D 3 .   W 15.983  -0.349  8.721   1.00 49.39 ? 69   HOH A O   1 
HETATM 985  O O   . HOH D 3 .   W -6.698  13.471  -17.351 1.00 48.53 ? 70   HOH A O   1 
HETATM 986  O O   . HOH D 3 .   W -0.798  -3.330  15.330  1.00 45.79 ? 71   HOH A O   1 
HETATM 987  O O   . HOH D 3 .   W -2.283  7.097   17.027  1.00 55.48 ? 72   HOH A O   1 
HETATM 988  O O   . HOH D 3 .   W -8.590  2.802   15.494  1.00 51.85 ? 73   HOH A O   1 
HETATM 989  O O   . HOH D 3 .   W 5.372   3.007   13.984  1.00 50.72 ? 74   HOH A O   1 
HETATM 990  O O   . HOH D 3 .   W -6.161  9.976   5.255   1.00 40.84 ? 75   HOH A O   1 
HETATM 991  O O   . HOH D 3 .   W -10.911 9.973   -0.871  1.00 37.70 ? 76   HOH A O   1 
HETATM 992  O O   . HOH D 3 .   W -9.179  1.836   5.631   1.00 30.72 ? 77   HOH A O   1 
HETATM 993  O O   . HOH D 3 .   W 4.957   -10.956 14.141  1.00 44.15 ? 78   HOH A O   1 
HETATM 994  O O   . HOH D 3 .   W 9.664   -11.666 11.889  1.00 35.02 ? 79   HOH A O   1 
HETATM 995  O O   . HOH D 3 .   W 7.090   -9.811  14.552  1.00 52.41 ? 80   HOH A O   1 
HETATM 996  O O   . HOH D 3 .   W 17.206  2.129   2.918   1.00 50.64 ? 81   HOH A O   1 
HETATM 997  O O   . HOH D 3 .   W -11.398 5.518   -1.813  1.00 37.48 ? 83   HOH A O   1 
HETATM 998  O O   . HOH D 3 .   W 7.692   -16.262 11.368  1.00 30.24 ? 84   HOH A O   1 
HETATM 999  O O   . HOH D 3 .   W 4.514   9.668   5.693   1.00 35.85 ? 85   HOH A O   1 
HETATM 1000 O O   . HOH D 3 .   W 14.108  5.066   2.400   1.00 39.52 ? 86   HOH A O   1 
HETATM 1001 O O   . HOH D 3 .   W -2.133  7.430   12.532  1.00 48.42 ? 87   HOH A O   1 
HETATM 1002 O O   . HOH D 3 .   W -8.704  3.227   7.916   1.00 46.19 ? 88   HOH A O   1 
# 
